data_8DE6
#
_entry.id   8DE6
#
_cell.length_a   1.00
_cell.length_b   1.00
_cell.length_c   1.00
_cell.angle_alpha   90.00
_cell.angle_beta   90.00
_cell.angle_gamma   90.00
#
_symmetry.space_group_name_H-M   'P 1'
#
loop_
_entity.id
_entity.type
_entity.pdbx_description
1 polymer 'aE11 Fab VH'
2 polymer 'aE11 Fab VL'
3 polymer 'Complement component C9'
4 non-polymer 2-acetamido-2-deoxy-beta-D-glucopyranose
5 non-polymer beta-D-mannopyranose
6 non-polymer 'CALCIUM ION'
#
loop_
_entity_poly.entity_id
_entity_poly.type
_entity_poly.pdbx_seq_one_letter_code
_entity_poly.pdbx_strand_id
1 'polypeptide(L)'
;MAVLALLFCLVTFPSCILSQVQLKESGPGLVAPSQSLSITCTVSGFSLTVYGVNWIRQPPGKGLEWLGMIWGDGSTDYNS
ALKSRLSITKDNSKSQVFLKMNSLQTDDTARYYCARDRSYGGSSAWFGYWGQGTLVTVSA
;
E,B
2 'polypeptide(L)'
;MSSAQFLGLLLLCFQGTRCDIQMTQTTSSLSASLGDRVTISCRASHDISNYLNWYQQKPDGTLKLLIYYTSRLHSGVPSR
FSGSGSGTDYSLTISNLEQEDVATYFCQQGNYLPYTFGGGTKLEIK
;
F,I
3 'polypeptide(L)'
;METDTLLLWVLLLWVPGSTGDAAQPAQYTTSYDPELTESSGSASHIDCRMSPWSEWSQCDPCLRQMFRSRSIEVFGQFNG
KRCTDAVGDRRQCVPTEPCEDAEDDCGNDFQCSTGRCIKMRLRCNGDNDCGDFSDEDDCESEPRPPCRDRVVEESELART
AGYGINILGMDPLSTPFDNEFYNGLCNRDRDGNTLTYYRRPWNVASLIYETKGEKNFRTEHYEEQIEAFKSIIQEKTSNF
NAAISLKFTPTETNKAEQCCEETASSISLHGKGSFRFSYSKNETYQLFLSYSSKKEKMFLHVKGEIHLGRFVMRNRDVVL
TTTFVDDIKALPTTYEKGEYFAFLETYGTHYSSSGSLGGLYELIYVLDKASMKRKGVELKDIKRCLGYHLDVSLAFSEIS
VGAEFNKDDCVKRGEGRAVNITSENLIDDVVSLIRGGTRKYAFELKEKLLRGTVIDVTDFVNWASSINDAPVLISQKLSP
IYNLVPVKMKNAHLKKQNLERAIEDYINEFSVRKCHTCQNGGTVILMDGKCLCACPFKFEGIACEISKQKISEGLPALEF
PNEK
;
A,C,G
#
# COMPACT_ATOMS: atom_id res chain seq x y z
N GLN A 20 -18.00 20.03 -19.34
CA GLN A 20 -19.01 20.99 -18.88
C GLN A 20 -18.43 22.00 -17.94
N VAL A 21 -17.13 22.20 -17.98
CA VAL A 21 -16.49 23.15 -17.08
C VAL A 21 -16.76 24.55 -17.59
N GLN A 22 -17.30 25.41 -16.73
CA GLN A 22 -17.60 26.78 -17.14
C GLN A 22 -17.56 27.69 -15.93
N LEU A 23 -17.29 28.96 -16.17
CA LEU A 23 -17.18 29.97 -15.12
C LEU A 23 -17.98 31.21 -15.51
N LYS A 24 -18.72 31.75 -14.54
CA LYS A 24 -19.49 32.97 -14.70
C LYS A 24 -18.97 34.03 -13.75
N GLU A 25 -19.07 35.29 -14.19
CA GLU A 25 -18.50 36.43 -13.49
C GLU A 25 -19.57 37.50 -13.26
N SER A 26 -19.44 38.20 -12.13
CA SER A 26 -20.38 39.27 -11.78
C SER A 26 -19.61 40.42 -11.17
N GLY A 27 -19.90 41.65 -11.63
CA GLY A 27 -19.19 42.82 -11.17
C GLY A 27 -20.13 43.98 -10.92
N PRO A 28 -19.66 44.98 -10.16
CA PRO A 28 -20.53 46.14 -9.91
C PRO A 28 -20.75 46.97 -11.17
N GLY A 29 -19.73 47.18 -11.97
CA GLY A 29 -19.83 47.95 -13.19
C GLY A 29 -19.37 49.38 -13.06
N LEU A 30 -19.88 50.06 -12.04
CA LEU A 30 -19.56 51.46 -11.76
C LEU A 30 -19.01 51.55 -10.33
N VAL A 31 -17.79 52.06 -10.19
CA VAL A 31 -17.21 52.29 -8.88
C VAL A 31 -16.63 53.71 -8.83
N ALA A 32 -16.60 54.28 -7.64
CA ALA A 32 -16.03 55.59 -7.39
C ALA A 32 -14.51 55.53 -7.53
N PRO A 33 -13.88 56.63 -7.83
CA PRO A 33 -12.43 56.61 -8.06
C PRO A 33 -11.62 56.26 -6.82
N SER A 34 -12.29 56.11 -5.67
CA SER A 34 -11.67 55.76 -4.40
C SER A 34 -12.50 54.73 -3.63
N GLN A 35 -13.16 53.82 -4.37
CA GLN A 35 -14.08 52.85 -3.77
C GLN A 35 -13.63 51.46 -4.13
N SER A 36 -13.87 50.52 -3.21
CA SER A 36 -13.37 49.17 -3.31
C SER A 36 -14.06 48.42 -4.44
N LEU A 37 -13.51 47.27 -4.79
CA LEU A 37 -14.06 46.35 -5.76
C LEU A 37 -14.67 45.12 -5.06
N SER A 38 -15.57 44.47 -5.79
CA SER A 38 -16.10 43.20 -5.32
C SER A 38 -16.50 42.40 -6.56
N ILE A 39 -15.70 41.38 -6.91
CA ILE A 39 -15.90 40.60 -8.12
C ILE A 39 -16.03 39.13 -7.74
N THR A 40 -17.00 38.47 -8.37
CA THR A 40 -17.36 37.08 -8.03
C THR A 40 -17.24 36.19 -9.27
N CYS A 41 -16.52 35.09 -9.13
CA CYS A 41 -16.29 34.14 -10.20
C CYS A 41 -16.74 32.76 -9.72
N THR A 42 -17.97 32.37 -10.11
CA THR A 42 -18.55 31.09 -9.71
C THR A 42 -18.19 30.05 -10.74
N VAL A 43 -17.90 28.85 -10.27
CA VAL A 43 -17.39 27.79 -11.11
C VAL A 43 -18.45 26.72 -11.27
N SER A 44 -18.26 25.89 -12.30
CA SER A 44 -19.23 24.83 -12.60
C SER A 44 -18.50 23.67 -13.26
N GLY A 45 -18.99 22.47 -12.98
CA GLY A 45 -18.42 21.29 -13.60
C GLY A 45 -17.28 20.64 -12.84
N PHE A 46 -16.74 21.30 -11.79
CA PHE A 46 -15.65 20.77 -11.01
C PHE A 46 -15.69 21.37 -9.60
N SER A 47 -14.91 20.76 -8.69
CA SER A 47 -14.82 21.27 -7.32
C SER A 47 -13.56 22.10 -7.10
N LEU A 48 -13.70 23.19 -6.31
CA LEU A 48 -12.57 24.07 -6.06
C LEU A 48 -11.55 23.45 -5.12
N THR A 49 -11.89 22.30 -4.49
CA THR A 49 -10.96 21.71 -3.52
C THR A 49 -9.70 21.15 -4.16
N VAL A 50 -9.76 20.75 -5.43
CA VAL A 50 -8.64 20.14 -6.14
C VAL A 50 -8.24 20.94 -7.37
N TYR A 51 -8.63 22.21 -7.43
CA TYR A 51 -8.18 23.07 -8.50
C TYR A 51 -7.98 24.49 -7.97
N GLY A 52 -7.09 25.23 -8.65
CA GLY A 52 -6.87 26.61 -8.34
C GLY A 52 -7.38 27.57 -9.42
N VAL A 53 -7.61 28.83 -9.06
CA VAL A 53 -8.19 29.82 -9.95
C VAL A 53 -7.27 31.03 -10.02
N ASN A 54 -7.03 31.51 -11.24
CA ASN A 54 -6.20 32.67 -11.48
C ASN A 54 -7.06 33.84 -11.94
N TRP A 55 -6.58 35.06 -11.68
CA TRP A 55 -7.28 36.26 -12.10
C TRP A 55 -6.37 37.01 -13.07
N ILE A 56 -6.94 37.43 -14.19
CA ILE A 56 -6.21 38.07 -15.27
C ILE A 56 -7.03 39.27 -15.78
N ARG A 57 -6.38 40.41 -15.97
CA ARG A 57 -7.02 41.61 -16.50
C ARG A 57 -6.31 42.09 -17.77
N GLN A 58 -7.07 42.73 -18.65
CA GLN A 58 -6.55 43.18 -19.93
C GLN A 58 -6.91 44.66 -20.09
N PRO A 59 -5.95 45.57 -19.86
CA PRO A 59 -6.24 46.98 -20.13
C PRO A 59 -6.50 47.21 -21.61
N PRO A 60 -7.30 48.22 -21.95
CA PRO A 60 -7.58 48.49 -23.37
C PRO A 60 -6.33 48.91 -24.14
N GLY A 61 -6.25 48.47 -25.38
CA GLY A 61 -5.11 48.78 -26.21
C GLY A 61 -3.83 48.09 -25.84
N LYS A 62 -3.85 47.18 -24.88
CA LYS A 62 -2.59 46.59 -24.43
C LYS A 62 -2.78 45.08 -24.31
N GLY A 63 -1.81 44.38 -23.73
CA GLY A 63 -1.88 42.95 -23.52
C GLY A 63 -2.46 42.55 -22.20
N LEU A 64 -2.38 41.25 -21.89
CA LEU A 64 -2.86 40.71 -20.63
C LEU A 64 -1.89 41.02 -19.49
N GLU A 65 -2.29 40.68 -18.26
CA GLU A 65 -1.44 40.85 -17.10
C GLU A 65 -1.92 39.87 -16.01
N TRP A 66 -1.00 39.05 -15.47
CA TRP A 66 -1.37 38.12 -14.40
C TRP A 66 -1.37 38.88 -13.07
N LEU A 67 -2.45 38.69 -12.28
CA LEU A 67 -2.64 39.47 -11.06
C LEU A 67 -2.40 38.64 -9.80
N GLY A 68 -3.13 37.54 -9.64
CA GLY A 68 -3.02 36.73 -8.43
C GLY A 68 -3.53 35.33 -8.66
N MET A 69 -3.49 34.54 -7.58
CA MET A 69 -3.90 33.14 -7.63
C MET A 69 -4.17 32.67 -6.23
N ILE A 70 -5.13 31.76 -6.10
CA ILE A 70 -5.42 31.06 -4.85
C ILE A 70 -5.40 29.56 -5.10
N TRP A 71 -4.69 28.81 -4.26
CA TRP A 71 -4.62 27.37 -4.42
C TRP A 71 -5.90 26.68 -3.92
N GLY A 72 -6.05 25.40 -4.27
CA GLY A 72 -7.11 24.60 -3.70
C GLY A 72 -6.98 24.48 -2.20
N ASP A 73 -5.74 24.51 -1.69
CA ASP A 73 -5.48 24.41 -0.25
C ASP A 73 -5.98 25.64 0.48
N GLY A 74 -5.72 26.84 -0.02
CA GLY A 74 -6.06 28.05 0.69
C GLY A 74 -4.95 29.07 0.60
N SER A 75 -3.82 28.69 0.03
CA SER A 75 -2.72 29.63 -0.14
C SER A 75 -2.95 30.61 -1.29
N THR A 76 -2.40 31.80 -1.17
CA THR A 76 -2.59 32.85 -2.16
C THR A 76 -1.24 33.41 -2.63
N ASP A 77 -1.13 33.58 -3.93
CA ASP A 77 0.00 34.26 -4.53
C ASP A 77 -0.46 35.55 -5.18
N TYR A 78 0.38 36.59 -5.11
CA TYR A 78 0.05 37.87 -5.68
C TYR A 78 1.22 38.40 -6.50
N ASN A 79 0.91 39.24 -7.48
CA ASN A 79 1.93 39.91 -8.25
C ASN A 79 2.67 40.94 -7.39
N SER A 80 3.93 41.19 -7.76
CA SER A 80 4.80 41.99 -6.91
C SER A 80 4.27 43.41 -6.74
N ALA A 81 3.76 44.00 -7.83
CA ALA A 81 3.36 45.40 -7.77
C ALA A 81 2.10 45.59 -6.91
N LEU A 82 1.08 44.74 -7.10
CA LEU A 82 -0.20 44.91 -6.41
C LEU A 82 -0.36 44.04 -5.19
N LYS A 83 0.76 43.73 -4.51
CA LYS A 83 0.67 42.87 -3.32
C LYS A 83 -0.13 43.52 -2.20
N SER A 84 0.10 44.80 -1.95
CA SER A 84 -0.49 45.48 -0.81
C SER A 84 -1.93 45.89 -1.04
N ARG A 85 -2.44 45.71 -2.26
CA ARG A 85 -3.77 46.14 -2.62
C ARG A 85 -4.75 45.00 -2.84
N LEU A 86 -4.27 43.88 -3.36
CA LEU A 86 -5.15 42.77 -3.69
C LEU A 86 -5.54 41.96 -2.46
N SER A 87 -6.60 41.16 -2.63
CA SER A 87 -7.10 40.25 -1.60
C SER A 87 -8.03 39.26 -2.25
N ILE A 88 -7.71 37.99 -2.12
CA ILE A 88 -8.52 36.92 -2.69
C ILE A 88 -9.07 36.04 -1.58
N THR A 89 -10.35 35.69 -1.68
CA THR A 89 -11.06 34.87 -0.70
C THR A 89 -11.85 33.82 -1.43
N LYS A 90 -12.10 32.71 -0.75
CA LYS A 90 -12.71 31.52 -1.33
C LYS A 90 -13.78 31.00 -0.39
N ASP A 91 -14.86 30.47 -0.96
CA ASP A 91 -15.94 29.81 -0.21
C ASP A 91 -16.23 28.53 -0.99
N ASN A 92 -15.56 27.42 -0.61
CA ASN A 92 -15.70 26.19 -1.36
C ASN A 92 -17.07 25.53 -1.16
N SER A 93 -17.89 26.01 -0.21
CA SER A 93 -19.23 25.47 -0.06
C SER A 93 -20.13 25.91 -1.19
N LYS A 94 -20.07 27.20 -1.54
CA LYS A 94 -20.90 27.77 -2.60
C LYS A 94 -20.16 27.84 -3.92
N SER A 95 -18.89 27.41 -3.98
CA SER A 95 -18.07 27.43 -5.19
C SER A 95 -18.04 28.85 -5.78
N GLN A 96 -17.47 29.76 -5.00
CA GLN A 96 -17.36 31.16 -5.38
C GLN A 96 -15.99 31.69 -4.99
N VAL A 97 -15.49 32.62 -5.81
CA VAL A 97 -14.17 33.22 -5.62
C VAL A 97 -14.33 34.74 -5.63
N PHE A 98 -13.72 35.43 -4.67
CA PHE A 98 -13.85 36.86 -4.53
C PHE A 98 -12.53 37.56 -4.83
N LEU A 99 -12.63 38.80 -5.30
CA LEU A 99 -11.48 39.69 -5.49
C LEU A 99 -11.79 41.03 -4.86
N LYS A 100 -10.89 41.49 -3.98
CA LYS A 100 -11.02 42.76 -3.28
C LYS A 100 -9.81 43.63 -3.58
N MET A 101 -10.05 44.75 -4.24
CA MET A 101 -9.00 45.73 -4.52
C MET A 101 -9.47 47.06 -3.98
N ASN A 102 -8.57 47.74 -3.28
CA ASN A 102 -8.88 48.97 -2.57
C ASN A 102 -7.96 50.11 -3.00
N SER A 103 -8.48 51.33 -2.87
CA SER A 103 -7.79 52.55 -3.26
C SER A 103 -7.44 52.50 -4.74
N LEU A 104 -8.48 52.37 -5.56
CA LEU A 104 -8.33 52.29 -7.00
C LEU A 104 -7.80 53.59 -7.59
N GLN A 105 -7.18 53.47 -8.74
CA GLN A 105 -6.77 54.61 -9.54
C GLN A 105 -7.53 54.58 -10.86
N THR A 106 -7.20 55.50 -11.76
CA THR A 106 -7.86 55.56 -13.06
C THR A 106 -7.28 54.58 -14.07
N ASP A 107 -6.16 53.94 -13.74
CA ASP A 107 -5.53 52.99 -14.63
C ASP A 107 -6.02 51.57 -14.44
N ASP A 108 -6.88 51.33 -13.46
CA ASP A 108 -7.35 49.99 -13.16
C ASP A 108 -8.49 49.55 -14.07
N THR A 109 -8.96 50.41 -14.97
CA THR A 109 -10.02 50.06 -15.92
C THR A 109 -9.56 48.98 -16.89
N ALA A 110 -10.15 47.80 -16.80
CA ALA A 110 -9.74 46.69 -17.65
C ALA A 110 -10.87 45.68 -17.72
N ARG A 111 -10.62 44.61 -18.47
CA ARG A 111 -11.52 43.44 -18.58
C ARG A 111 -10.95 42.35 -17.68
N TYR A 112 -11.73 41.92 -16.70
CA TYR A 112 -11.23 40.99 -15.70
C TYR A 112 -11.71 39.58 -16.03
N TYR A 113 -10.80 38.64 -16.23
CA TYR A 113 -11.13 37.24 -16.45
C TYR A 113 -10.76 36.44 -15.22
N CYS A 114 -11.42 35.29 -15.08
CA CYS A 114 -10.97 34.24 -14.17
C CYS A 114 -10.77 32.95 -14.93
N ALA A 115 -9.63 32.32 -14.72
CA ALA A 115 -9.28 31.10 -15.44
C ALA A 115 -8.80 30.04 -14.47
N ARG A 116 -9.02 28.77 -14.84
CA ARG A 116 -8.65 27.66 -13.96
C ARG A 116 -7.15 27.41 -14.06
N ASP A 117 -6.61 26.81 -13.00
CA ASP A 117 -5.21 26.44 -12.99
C ASP A 117 -5.00 25.07 -13.64
N ARG A 118 -3.72 24.74 -13.89
CA ARG A 118 -3.42 23.44 -14.46
C ARG A 118 -3.71 22.32 -13.49
N SER A 119 -3.40 22.49 -12.21
CA SER A 119 -3.54 21.41 -11.25
C SER A 119 -4.00 22.00 -9.93
N TYR A 120 -3.85 21.22 -8.84
CA TYR A 120 -4.18 21.68 -7.51
C TYR A 120 -3.41 22.91 -7.09
N GLY A 121 -2.24 23.14 -7.69
CA GLY A 121 -1.52 24.35 -7.43
C GLY A 121 -0.10 24.11 -6.95
N GLY A 122 0.81 25.00 -7.31
CA GLY A 122 2.18 24.87 -6.88
C GLY A 122 3.09 24.24 -7.91
N SER A 123 2.90 24.62 -9.17
CA SER A 123 3.71 24.05 -10.23
C SER A 123 3.57 24.93 -11.46
N SER A 124 4.42 24.70 -12.45
CA SER A 124 4.30 25.37 -13.74
C SER A 124 2.95 25.05 -14.35
N ALA A 125 2.28 26.08 -14.88
CA ALA A 125 0.86 25.97 -15.17
C ALA A 125 0.51 26.58 -16.52
N TRP A 126 -0.59 26.10 -17.07
CA TRP A 126 -1.29 26.69 -18.21
C TRP A 126 -2.75 26.81 -17.82
N PHE A 127 -3.39 27.89 -18.27
CA PHE A 127 -4.79 28.17 -17.96
C PHE A 127 -5.68 27.56 -19.04
N GLY A 128 -6.26 26.40 -18.78
CA GLY A 128 -6.99 25.70 -19.83
C GLY A 128 -8.34 26.31 -20.08
N TYR A 129 -9.11 26.57 -19.02
CA TYR A 129 -10.50 27.01 -19.15
C TYR A 129 -10.66 28.42 -18.62
N TRP A 130 -11.18 29.29 -19.47
CA TRP A 130 -11.33 30.71 -19.18
C TRP A 130 -12.79 31.02 -18.82
N GLY A 131 -12.98 32.22 -18.27
CA GLY A 131 -14.30 32.79 -18.02
C GLY A 131 -14.87 33.47 -19.26
N GLN A 132 -15.73 34.46 -19.03
CA GLN A 132 -16.37 35.23 -20.09
C GLN A 132 -15.85 36.64 -20.22
N GLY A 133 -15.49 37.29 -19.10
CA GLY A 133 -15.00 38.66 -19.18
C GLY A 133 -15.94 39.67 -18.58
N THR A 134 -15.42 40.52 -17.70
CA THR A 134 -16.18 41.59 -17.09
C THR A 134 -15.35 42.87 -17.15
N LEU A 135 -15.97 43.96 -17.61
CA LEU A 135 -15.31 45.24 -17.72
C LEU A 135 -15.71 46.11 -16.52
N VAL A 136 -14.72 46.75 -15.90
CA VAL A 136 -14.92 47.63 -14.76
C VAL A 136 -14.29 48.97 -15.06
N THR A 137 -15.06 50.05 -14.98
CA THR A 137 -14.58 51.39 -15.29
C THR A 137 -14.55 52.22 -14.02
N VAL A 138 -13.43 52.93 -13.84
CA VAL A 138 -13.22 53.82 -12.72
C VAL A 138 -13.48 55.24 -13.19
N SER A 139 -14.44 55.91 -12.57
CA SER A 139 -14.82 57.23 -13.01
C SER A 139 -13.70 58.23 -12.67
N ALA A 140 -13.31 59.06 -13.65
CA ALA A 140 -12.27 60.09 -13.38
C ALA A 140 -12.88 61.47 -13.40
N ASP B 20 11.17 40.08 -13.69
CA ASP B 20 10.10 39.94 -14.70
C ASP B 20 10.65 39.56 -16.09
N ILE B 21 10.40 38.34 -16.55
CA ILE B 21 10.85 37.97 -17.89
C ILE B 21 10.06 38.78 -18.91
N GLN B 22 10.77 39.39 -19.86
CA GLN B 22 10.17 40.14 -20.95
C GLN B 22 10.20 39.31 -22.22
N MET B 23 9.04 39.07 -22.81
CA MET B 23 8.88 38.36 -24.07
C MET B 23 8.43 39.35 -25.15
N THR B 24 9.07 39.30 -26.31
CA THR B 24 8.81 40.26 -27.38
C THR B 24 8.29 39.57 -28.63
N GLN B 25 7.21 40.10 -29.20
CA GLN B 25 6.69 39.64 -30.48
C GLN B 25 6.91 40.77 -31.48
N THR B 26 7.86 40.58 -32.37
CA THR B 26 8.28 41.64 -33.26
C THR B 26 7.17 42.02 -34.23
N THR B 27 6.51 41.04 -34.84
CA THR B 27 5.49 41.32 -35.87
C THR B 27 4.18 41.67 -35.17
N SER B 28 3.91 42.96 -35.02
CA SER B 28 2.67 43.40 -34.43
C SER B 28 1.49 43.10 -35.33
N SER B 29 1.72 43.07 -36.66
CA SER B 29 0.68 42.70 -37.60
C SER B 29 1.21 41.80 -38.70
N LEU B 30 0.32 40.98 -39.27
CA LEU B 30 0.69 40.14 -40.39
C LEU B 30 -0.54 39.95 -41.27
N SER B 31 -0.33 40.01 -42.58
CA SER B 31 -1.35 39.82 -43.59
C SER B 31 -0.96 38.74 -44.57
N ALA B 32 -1.89 37.84 -44.86
CA ALA B 32 -1.64 36.73 -45.80
C ALA B 32 -2.98 36.34 -46.41
N SER B 33 -2.95 35.32 -47.28
CA SER B 33 -4.13 34.83 -47.95
C SER B 33 -4.46 33.42 -47.43
N LEU B 34 -5.63 32.95 -47.83
CA LEU B 34 -6.06 31.60 -47.47
C LEU B 34 -5.16 30.55 -48.09
N GLY B 35 -4.95 29.47 -47.35
CA GLY B 35 -4.15 28.37 -47.80
C GLY B 35 -2.66 28.57 -47.69
N ASP B 36 -2.22 29.67 -47.12
CA ASP B 36 -0.80 29.96 -46.99
C ASP B 36 -0.31 29.57 -45.61
N ARG B 37 0.98 29.31 -45.52
CA ARG B 37 1.59 29.01 -44.22
C ARG B 37 2.08 30.31 -43.58
N VAL B 38 1.70 30.53 -42.31
CA VAL B 38 2.14 31.69 -41.55
C VAL B 38 2.83 31.17 -40.30
N THR B 39 3.93 31.86 -39.91
CA THR B 39 4.70 31.53 -38.72
C THR B 39 4.81 32.79 -37.86
N ILE B 40 4.50 32.67 -36.56
CA ILE B 40 4.55 33.81 -35.62
C ILE B 40 5.66 33.51 -34.63
N SER B 41 6.59 34.46 -34.49
CA SER B 41 7.77 34.23 -33.67
C SER B 41 7.68 35.03 -32.38
N CYS B 42 8.01 34.37 -31.27
CA CYS B 42 7.98 34.97 -29.94
C CYS B 42 9.29 34.60 -29.26
N ARG B 43 10.00 35.59 -28.77
CA ARG B 43 11.33 35.40 -28.21
C ARG B 43 11.34 35.83 -26.75
N ALA B 44 11.87 34.95 -25.87
CA ALA B 44 11.91 35.17 -24.42
C ALA B 44 13.25 35.75 -23.99
N SER B 45 13.25 36.30 -22.78
CA SER B 45 14.44 36.95 -22.23
C SER B 45 15.39 35.95 -21.57
N HIS B 46 14.91 35.27 -20.55
CA HIS B 46 15.68 34.21 -19.93
C HIS B 46 15.45 32.93 -20.69
N ASP B 47 16.02 31.87 -20.14
CA ASP B 47 15.81 30.52 -20.62
C ASP B 47 14.72 29.86 -19.78
N ILE B 48 13.57 29.57 -20.39
CA ILE B 48 12.41 29.12 -19.62
C ILE B 48 12.24 27.61 -19.65
N SER B 49 13.17 26.88 -20.26
CA SER B 49 13.23 25.42 -20.12
C SER B 49 11.98 24.78 -20.72
N ASN B 50 11.71 25.12 -21.98
CA ASN B 50 10.63 24.52 -22.78
C ASN B 50 9.26 24.67 -22.11
N TYR B 51 9.02 25.79 -21.44
CA TYR B 51 7.73 26.07 -20.81
C TYR B 51 7.13 27.28 -21.51
N LEU B 52 6.42 27.03 -22.61
CA LEU B 52 5.76 28.10 -23.36
C LEU B 52 4.35 27.64 -23.73
N ASN B 53 3.43 28.60 -23.82
CA ASN B 53 2.06 28.32 -24.19
C ASN B 53 1.58 29.37 -25.20
N TRP B 54 0.58 28.99 -26.02
CA TRP B 54 0.03 29.88 -27.02
C TRP B 54 -1.46 30.01 -26.79
N TYR B 55 -1.98 31.23 -26.87
CA TYR B 55 -3.41 31.48 -26.69
C TYR B 55 -3.92 32.21 -27.93
N GLN B 56 -5.20 31.98 -28.24
CA GLN B 56 -5.87 32.63 -29.36
C GLN B 56 -7.04 33.44 -28.84
N GLN B 57 -7.15 34.68 -29.32
CA GLN B 57 -8.19 35.62 -28.89
C GLN B 57 -8.96 36.11 -30.12
N LYS B 58 -10.13 35.52 -30.36
CA LYS B 58 -11.06 36.05 -31.35
C LYS B 58 -11.59 37.38 -30.81
N PRO B 59 -12.33 38.17 -31.61
CA PRO B 59 -12.93 39.40 -31.07
C PRO B 59 -13.89 39.15 -29.92
N ASP B 60 -14.45 40.23 -29.37
CA ASP B 60 -15.28 40.25 -28.18
C ASP B 60 -14.72 39.41 -27.03
N GLY B 61 -13.39 39.37 -26.90
CA GLY B 61 -12.72 38.86 -25.70
C GLY B 61 -12.93 37.40 -25.36
N THR B 62 -12.85 36.51 -26.36
CA THR B 62 -12.86 35.07 -26.11
C THR B 62 -11.40 34.56 -26.17
N LEU B 63 -11.03 33.68 -25.23
CA LEU B 63 -9.68 33.15 -25.13
C LEU B 63 -9.74 31.64 -25.07
N LYS B 64 -8.64 31.02 -25.51
CA LYS B 64 -8.59 29.58 -25.71
C LYS B 64 -7.15 29.12 -25.85
N LEU B 65 -6.77 28.11 -25.08
CA LEU B 65 -5.40 27.58 -25.15
C LEU B 65 -5.31 26.58 -26.27
N LEU B 66 -4.37 26.79 -27.18
CA LEU B 66 -4.14 25.90 -28.32
C LEU B 66 -2.97 24.97 -28.07
N ILE B 67 -1.79 25.54 -27.80
CA ILE B 67 -0.56 24.77 -27.66
C ILE B 67 0.02 25.04 -26.28
N TYR B 68 0.32 23.97 -25.55
CA TYR B 68 0.98 24.05 -24.27
C TYR B 68 2.20 23.16 -24.29
N TYR B 69 3.22 23.57 -23.52
CA TYR B 69 4.50 22.87 -23.43
C TYR B 69 5.30 22.95 -24.73
N THR B 70 4.90 23.85 -25.63
CA THR B 70 5.53 24.24 -26.89
C THR B 70 5.36 23.20 -27.99
N SER B 71 4.94 21.97 -27.67
CA SER B 71 4.42 21.07 -28.72
C SER B 71 3.44 20.12 -28.05
N ARG B 72 2.16 20.52 -28.03
CA ARG B 72 1.13 19.67 -27.51
C ARG B 72 -0.19 20.35 -27.83
N LEU B 73 -1.05 19.67 -28.56
CA LEU B 73 -2.36 20.21 -28.94
C LEU B 73 -3.36 20.03 -27.79
N HIS B 74 -3.99 21.13 -27.38
CA HIS B 74 -5.02 21.03 -26.35
C HIS B 74 -6.22 20.32 -26.93
N SER B 75 -6.94 19.58 -26.06
CA SER B 75 -8.09 18.82 -26.49
C SER B 75 -9.17 19.77 -27.01
N GLY B 76 -9.71 19.45 -28.19
CA GLY B 76 -10.70 20.28 -28.84
C GLY B 76 -10.18 21.22 -29.88
N VAL B 77 -8.89 21.15 -30.18
CA VAL B 77 -8.25 22.05 -31.13
C VAL B 77 -7.94 21.28 -32.41
N PRO B 78 -8.26 21.80 -33.59
CA PRO B 78 -7.94 21.10 -34.84
C PRO B 78 -6.43 21.02 -35.06
N SER B 79 -6.05 20.16 -36.02
CA SER B 79 -4.66 19.81 -36.27
C SER B 79 -3.95 20.80 -37.18
N ARG B 80 -4.63 21.83 -37.69
CA ARG B 80 -3.93 22.82 -38.51
C ARG B 80 -2.88 23.56 -37.70
N PHE B 81 -3.16 23.82 -36.43
CA PHE B 81 -2.19 24.52 -35.61
C PHE B 81 -1.10 23.55 -35.15
N SER B 82 0.15 24.04 -35.10
CA SER B 82 1.29 23.26 -34.63
C SER B 82 2.35 24.23 -34.16
N GLY B 83 3.13 23.82 -33.16
CA GLY B 83 4.21 24.67 -32.70
C GLY B 83 5.56 23.94 -32.67
N SER B 84 6.63 24.73 -32.62
CA SER B 84 7.98 24.18 -32.56
C SER B 84 8.92 25.23 -32.02
N GLY B 85 10.13 24.80 -31.71
CA GLY B 85 11.15 25.67 -31.16
C GLY B 85 11.72 25.14 -29.85
N SER B 86 12.91 25.58 -29.48
CA SER B 86 13.52 25.11 -28.25
C SER B 86 14.54 26.14 -27.75
N GLY B 87 14.82 26.09 -26.46
CA GLY B 87 15.82 26.92 -25.84
C GLY B 87 15.39 28.35 -25.52
N THR B 88 15.37 29.22 -26.53
CA THR B 88 14.95 30.59 -26.33
C THR B 88 13.98 31.05 -27.41
N ASP B 89 14.16 30.57 -28.64
CA ASP B 89 13.34 30.98 -29.77
C ASP B 89 12.28 29.94 -30.05
N TYR B 90 11.05 30.40 -30.15
CA TYR B 90 9.90 29.54 -30.43
C TYR B 90 9.13 30.09 -31.61
N SER B 91 8.26 29.25 -32.20
CA SER B 91 7.41 29.74 -33.29
C SER B 91 6.12 28.90 -33.32
N LEU B 92 5.03 29.56 -33.72
CA LEU B 92 3.73 28.90 -33.88
C LEU B 92 3.34 28.97 -35.35
N THR B 93 3.15 27.81 -35.95
CA THR B 93 2.93 27.68 -37.40
C THR B 93 1.47 27.33 -37.66
N ILE B 94 0.83 28.12 -38.53
CA ILE B 94 -0.56 27.87 -38.92
C ILE B 94 -0.56 27.49 -40.40
N SER B 95 -1.13 26.32 -40.69
CA SER B 95 -1.15 25.80 -42.06
C SER B 95 -2.59 25.75 -42.56
N ASN B 96 -2.76 25.99 -43.86
CA ASN B 96 -4.07 25.99 -44.52
C ASN B 96 -5.02 26.98 -43.84
N LEU B 97 -4.65 28.26 -43.90
CA LEU B 97 -5.44 29.30 -43.27
C LEU B 97 -6.84 29.37 -43.85
N GLU B 98 -7.82 29.58 -42.99
CA GLU B 98 -9.23 29.66 -43.37
C GLU B 98 -9.80 31.01 -42.94
N GLN B 99 -11.13 31.14 -43.06
CA GLN B 99 -11.81 32.38 -42.64
C GLN B 99 -12.16 32.38 -41.16
N GLU B 100 -11.98 31.26 -40.45
CA GLU B 100 -12.26 31.19 -39.01
C GLU B 100 -10.99 31.28 -38.16
N ASP B 101 -9.87 31.79 -38.70
CA ASP B 101 -8.61 31.89 -38.01
C ASP B 101 -8.12 33.33 -38.01
N VAL B 102 -9.04 34.29 -37.89
CA VAL B 102 -8.69 35.70 -37.88
C VAL B 102 -8.75 36.13 -36.42
N ALA B 103 -7.59 36.17 -35.76
CA ALA B 103 -7.55 36.50 -34.34
C ALA B 103 -6.15 37.00 -33.99
N THR B 104 -5.93 37.24 -32.71
CA THR B 104 -4.62 37.68 -32.20
C THR B 104 -4.08 36.60 -31.27
N TYR B 105 -2.84 36.20 -31.49
CA TYR B 105 -2.23 35.10 -30.77
C TYR B 105 -1.22 35.62 -29.74
N PHE B 106 -1.22 35.02 -28.56
CA PHE B 106 -0.35 35.42 -27.47
C PHE B 106 0.57 34.27 -27.09
N CYS B 107 1.76 34.62 -26.61
CA CYS B 107 2.69 33.68 -26.00
C CYS B 107 2.86 34.05 -24.53
N GLN B 108 2.79 33.06 -23.64
CA GLN B 108 2.96 33.26 -22.22
C GLN B 108 3.89 32.19 -21.66
N GLN B 109 4.79 32.60 -20.76
CA GLN B 109 5.67 31.68 -20.07
C GLN B 109 5.11 31.32 -18.70
N GLY B 110 5.55 30.18 -18.18
CA GLY B 110 5.09 29.72 -16.89
C GLY B 110 6.17 29.06 -16.05
N ASN B 111 7.39 29.59 -16.11
CA ASN B 111 8.52 28.99 -15.37
C ASN B 111 8.76 29.72 -14.04
N TYR B 112 8.82 31.04 -14.06
CA TYR B 112 8.94 31.86 -12.87
C TYR B 112 7.74 32.77 -12.75
N LEU B 113 7.17 32.85 -11.54
CA LEU B 113 6.09 33.81 -11.41
C LEU B 113 6.63 35.19 -11.09
N PRO B 114 5.92 36.25 -11.47
CA PRO B 114 4.62 36.31 -12.15
C PRO B 114 4.74 35.92 -13.63
N TYR B 115 3.69 35.31 -14.20
CA TYR B 115 3.72 34.90 -15.59
C TYR B 115 3.54 36.11 -16.48
N THR B 116 4.20 36.10 -17.63
CA THR B 116 4.19 37.23 -18.52
C THR B 116 3.69 36.80 -19.90
N PHE B 117 2.89 37.65 -20.54
CA PHE B 117 2.37 37.40 -21.87
C PHE B 117 3.13 38.23 -22.88
N GLY B 118 3.00 37.88 -24.15
CA GLY B 118 3.67 38.60 -25.19
C GLY B 118 2.89 39.81 -25.63
N GLY B 119 3.46 40.51 -26.62
CA GLY B 119 2.82 41.69 -27.14
C GLY B 119 1.49 41.40 -27.81
N GLY B 120 1.44 40.34 -28.61
CA GLY B 120 0.22 40.03 -29.32
C GLY B 120 0.29 40.39 -30.79
N THR B 121 0.10 39.41 -31.65
CA THR B 121 0.15 39.60 -33.09
C THR B 121 -1.24 39.39 -33.68
N LYS B 122 -1.74 40.39 -34.40
CA LYS B 122 -3.06 40.34 -35.01
C LYS B 122 -2.92 39.84 -36.45
N LEU B 123 -3.53 38.70 -36.75
CA LEU B 123 -3.50 38.14 -38.08
C LEU B 123 -4.68 38.62 -38.90
N GLU B 124 -4.40 39.11 -40.10
CA GLU B 124 -5.42 39.54 -41.06
C GLU B 124 -5.30 38.73 -42.33
N ILE B 125 -6.33 38.84 -43.17
CA ILE B 125 -6.40 38.14 -44.44
C ILE B 125 -6.63 39.17 -45.53
N LYS B 126 -5.94 39.00 -46.65
CA LYS B 126 -6.02 40.01 -47.72
C LYS B 126 -6.64 39.39 -48.95
N SER C 44 -25.59 -13.73 25.48
CA SER C 44 -26.14 -14.06 24.14
C SER C 44 -25.06 -14.10 23.07
N HIS C 45 -25.48 -13.99 21.80
CA HIS C 45 -24.57 -13.92 20.66
C HIS C 45 -24.77 -12.58 19.97
N ILE C 46 -23.65 -11.98 19.56
CA ILE C 46 -23.63 -10.66 18.94
C ILE C 46 -23.23 -10.82 17.49
N ASP C 47 -24.05 -10.23 16.61
CA ASP C 47 -23.80 -10.34 15.19
C ASP C 47 -23.21 -9.03 14.65
N CYS C 48 -22.49 -9.13 13.52
CA CYS C 48 -21.93 -7.94 12.89
C CYS C 48 -23.04 -7.05 12.34
N ARG C 49 -22.84 -5.74 12.47
CA ARG C 49 -23.75 -4.74 11.95
C ARG C 49 -22.93 -3.59 11.33
N MET C 50 -23.35 -3.14 10.15
CA MET C 50 -22.58 -2.20 9.35
C MET C 50 -23.41 -0.97 9.00
N SER C 51 -22.75 0.15 8.82
CA SER C 51 -23.41 1.42 8.63
C SER C 51 -23.94 1.61 7.21
N PRO C 52 -24.89 2.52 7.01
CA PRO C 52 -25.38 2.83 5.67
C PRO C 52 -24.34 3.53 4.80
N TRP C 53 -24.50 3.37 3.48
CA TRP C 53 -23.57 3.92 2.53
C TRP C 53 -23.66 5.45 2.51
N SER C 54 -22.59 6.07 2.02
CA SER C 54 -22.52 7.51 1.82
C SER C 54 -22.96 7.83 0.38
N GLU C 55 -22.75 9.07 -0.07
CA GLU C 55 -23.13 9.53 -1.39
C GLU C 55 -22.02 9.30 -2.40
N TRP C 56 -22.42 9.06 -3.66
CA TRP C 56 -21.46 8.83 -4.72
C TRP C 56 -20.67 10.09 -5.02
N SER C 57 -19.42 9.91 -5.41
CA SER C 57 -18.61 11.04 -5.86
C SER C 57 -18.95 11.39 -7.30
N GLN C 58 -18.30 12.41 -7.82
CA GLN C 58 -18.45 12.74 -9.23
C GLN C 58 -17.55 11.85 -10.07
N CYS C 59 -17.82 11.84 -11.39
CA CYS C 59 -17.05 10.97 -12.27
C CYS C 59 -15.61 11.47 -12.41
N ASP C 60 -14.67 10.58 -12.23
CA ASP C 60 -13.27 10.89 -12.39
C ASP C 60 -12.93 10.91 -13.90
N PRO C 61 -12.31 11.97 -14.39
CA PRO C 61 -12.04 12.04 -15.83
C PRO C 61 -11.08 10.96 -16.34
N CYS C 62 -10.24 10.39 -15.48
CA CYS C 62 -9.21 9.44 -15.91
C CYS C 62 -9.52 8.01 -15.50
N LEU C 63 -9.84 7.72 -14.25
CA LEU C 63 -10.25 6.37 -13.84
C LEU C 63 -11.59 6.00 -14.44
N ARG C 64 -12.48 6.98 -14.64
CA ARG C 64 -13.85 6.70 -15.09
C ARG C 64 -14.57 5.78 -14.11
N GLN C 65 -14.54 6.18 -12.84
CA GLN C 65 -15.22 5.45 -11.78
C GLN C 65 -15.69 6.42 -10.71
N MET C 66 -16.65 5.97 -9.91
CA MET C 66 -17.12 6.71 -8.74
C MET C 66 -17.04 5.79 -7.52
N PHE C 67 -17.07 6.39 -6.33
CA PHE C 67 -16.75 5.67 -5.11
C PHE C 67 -17.71 6.06 -3.99
N ARG C 68 -17.95 5.13 -3.07
CA ARG C 68 -18.69 5.40 -1.85
C ARG C 68 -18.21 4.44 -0.77
N SER C 69 -18.50 4.79 0.48
CA SER C 69 -17.92 4.05 1.59
C SER C 69 -18.89 4.00 2.75
N ARG C 70 -18.66 3.04 3.64
CA ARG C 70 -19.43 2.90 4.86
C ARG C 70 -18.51 2.60 6.03
N SER C 71 -19.10 2.29 7.19
CA SER C 71 -18.32 2.07 8.40
C SER C 71 -18.84 0.87 9.15
N ILE C 72 -18.00 0.38 10.08
CA ILE C 72 -18.28 -0.81 10.89
C ILE C 72 -18.58 -0.38 12.31
N GLU C 73 -19.57 -1.01 12.92
CA GLU C 73 -19.97 -0.67 14.29
C GLU C 73 -19.65 -1.74 15.31
N VAL C 74 -20.02 -3.00 15.06
CA VAL C 74 -19.83 -4.07 16.03
C VAL C 74 -19.30 -5.30 15.32
N PHE C 75 -18.31 -5.95 15.92
CA PHE C 75 -17.79 -7.22 15.48
C PHE C 75 -18.62 -8.34 16.10
N GLY C 76 -18.69 -9.47 15.42
CA GLY C 76 -19.33 -10.64 15.99
C GLY C 76 -18.55 -11.17 17.19
N GLN C 77 -19.30 -11.64 18.18
CA GLN C 77 -18.72 -12.19 19.40
C GLN C 77 -19.66 -13.29 19.92
N PHE C 78 -19.10 -14.25 20.67
CA PHE C 78 -19.85 -15.33 21.29
C PHE C 78 -20.61 -16.15 20.25
N ASN C 79 -19.83 -16.75 19.35
CA ASN C 79 -20.37 -17.56 18.24
C ASN C 79 -21.31 -16.75 17.36
N GLY C 80 -20.96 -15.48 17.17
CA GLY C 80 -21.64 -14.62 16.23
C GLY C 80 -21.06 -14.70 14.81
N LYS C 81 -21.66 -13.92 13.92
CA LYS C 81 -21.21 -13.83 12.54
C LYS C 81 -20.10 -12.80 12.39
N ARG C 82 -18.98 -13.20 11.82
CA ARG C 82 -17.89 -12.26 11.59
C ARG C 82 -18.23 -11.28 10.47
N CYS C 83 -17.57 -10.12 10.52
CA CYS C 83 -17.82 -9.07 9.54
C CYS C 83 -17.11 -9.37 8.22
N THR C 84 -17.75 -9.01 7.11
CA THR C 84 -17.20 -9.28 5.78
C THR C 84 -16.18 -8.23 5.32
N ASP C 85 -16.13 -7.06 5.97
CA ASP C 85 -15.12 -6.03 5.72
C ASP C 85 -15.17 -5.45 4.30
N ALA C 86 -16.34 -5.46 3.67
CA ALA C 86 -16.47 -4.80 2.38
C ALA C 86 -16.93 -3.38 2.67
N VAL C 87 -15.94 -2.47 2.80
CA VAL C 87 -16.17 -1.09 3.22
C VAL C 87 -16.08 -0.10 2.07
N GLY C 88 -16.11 -0.55 0.81
CA GLY C 88 -16.08 0.36 -0.32
C GLY C 88 -16.93 -0.16 -1.44
N ASP C 89 -17.06 0.67 -2.48
CA ASP C 89 -17.86 0.31 -3.65
C ASP C 89 -17.41 1.18 -4.81
N ARG C 90 -17.52 0.62 -6.00
CA ARG C 90 -17.13 1.36 -7.21
C ARG C 90 -18.09 1.02 -8.35
N ARG C 91 -18.31 1.98 -9.26
CA ARG C 91 -19.19 1.84 -10.40
C ARG C 91 -18.66 2.72 -11.52
N GLN C 92 -18.64 2.19 -12.74
CA GLN C 92 -18.09 2.93 -13.85
C GLN C 92 -19.10 3.98 -14.34
N CYS C 93 -18.56 5.09 -14.86
CA CYS C 93 -19.33 6.27 -15.26
C CYS C 93 -18.83 6.80 -16.60
N VAL C 94 -19.43 7.90 -17.04
CA VAL C 94 -19.00 8.60 -18.24
C VAL C 94 -18.51 9.98 -17.83
N PRO C 95 -17.23 10.31 -18.05
CA PRO C 95 -16.69 11.59 -17.61
C PRO C 95 -17.23 12.72 -18.47
N THR C 96 -17.10 13.94 -17.97
CA THR C 96 -17.46 15.09 -18.76
C THR C 96 -16.28 15.72 -19.49
N GLU C 97 -15.10 15.75 -18.87
CA GLU C 97 -13.89 16.29 -19.47
C GLU C 97 -12.90 15.21 -19.85
N PRO C 98 -12.12 15.41 -20.91
CA PRO C 98 -11.09 14.43 -21.25
C PRO C 98 -9.97 14.39 -20.24
N CYS C 99 -9.38 13.20 -20.11
CA CYS C 99 -8.25 13.04 -19.19
C CYS C 99 -6.99 13.61 -19.84
N GLU C 100 -6.56 14.77 -19.37
CA GLU C 100 -5.35 15.40 -19.86
C GLU C 100 -4.38 15.46 -18.69
N ASP C 101 -3.43 14.54 -18.68
CA ASP C 101 -2.45 14.42 -17.61
C ASP C 101 -1.07 14.50 -18.22
N ALA C 102 -0.22 15.34 -17.62
CA ALA C 102 1.13 15.59 -18.12
C ALA C 102 2.05 15.78 -16.94
N GLU C 103 3.30 15.40 -17.12
CA GLU C 103 4.33 15.57 -16.11
C GLU C 103 5.57 16.10 -16.81
N ASP C 104 6.47 16.72 -16.03
CA ASP C 104 7.69 17.30 -16.57
C ASP C 104 8.57 16.22 -17.20
N ASP C 105 9.13 16.52 -18.38
CA ASP C 105 10.07 15.62 -19.03
C ASP C 105 11.41 15.69 -18.33
N CYS C 106 12.28 14.71 -18.69
CA CYS C 106 13.58 14.61 -18.04
C CYS C 106 14.41 15.85 -18.33
N GLY C 107 14.36 16.33 -19.56
CA GLY C 107 15.15 17.47 -19.95
C GLY C 107 16.49 17.04 -20.49
N ASN C 108 17.55 17.30 -19.74
CA ASN C 108 18.87 16.86 -20.11
C ASN C 108 19.15 15.42 -19.69
N ASP C 109 18.29 14.83 -18.87
CA ASP C 109 18.48 13.48 -18.39
C ASP C 109 17.92 12.49 -19.40
N PHE C 110 18.35 11.24 -19.26
CA PHE C 110 17.86 10.20 -20.15
C PHE C 110 16.44 9.81 -19.77
N GLN C 111 15.70 9.34 -20.78
CA GLN C 111 14.33 8.85 -20.59
C GLN C 111 14.33 7.35 -20.75
N CYS C 112 14.09 6.63 -19.65
CA CYS C 112 14.00 5.20 -19.73
C CYS C 112 12.69 4.77 -20.38
N SER C 113 12.68 3.55 -20.91
CA SER C 113 11.46 3.07 -21.56
C SER C 113 10.34 2.79 -20.56
N THR C 114 10.64 2.77 -19.27
CA THR C 114 9.66 2.58 -18.23
C THR C 114 9.17 3.89 -17.61
N GLY C 115 9.69 5.03 -18.09
CA GLY C 115 9.20 6.33 -17.67
C GLY C 115 10.09 7.03 -16.64
N ARG C 116 11.06 6.31 -16.09
CA ARG C 116 11.93 6.86 -15.05
C ARG C 116 13.08 7.64 -15.66
N CYS C 117 13.28 8.90 -15.22
CA CYS C 117 14.39 9.71 -15.71
C CYS C 117 15.68 9.37 -14.97
N ILE C 118 16.74 9.07 -15.72
CA ILE C 118 18.04 8.77 -15.15
C ILE C 118 19.08 9.67 -15.80
N LYS C 119 20.26 9.75 -15.18
CA LYS C 119 21.34 10.61 -15.66
C LYS C 119 21.94 10.06 -16.94
N MET C 120 22.41 10.99 -17.79
CA MET C 120 22.96 10.62 -19.09
C MET C 120 24.25 9.82 -19.00
N ARG C 121 25.09 10.12 -17.99
CA ARG C 121 26.36 9.41 -17.85
C ARG C 121 26.18 7.90 -17.65
N LEU C 122 25.00 7.43 -17.24
CA LEU C 122 24.73 6.03 -17.02
C LEU C 122 24.24 5.30 -18.28
N ARG C 123 24.51 5.85 -19.47
CA ARG C 123 23.98 5.27 -20.70
C ARG C 123 24.54 3.87 -20.98
N CYS C 124 25.82 3.68 -20.73
CA CYS C 124 26.44 2.38 -20.97
C CYS C 124 27.48 2.17 -19.90
N ASN C 125 27.22 1.21 -19.00
CA ASN C 125 28.18 0.78 -17.99
C ASN C 125 27.85 -0.69 -17.69
N GLY C 126 28.31 -1.18 -16.56
CA GLY C 126 28.13 -2.56 -16.20
C GLY C 126 26.89 -2.87 -15.38
N ASP C 127 25.99 -1.91 -15.21
CA ASP C 127 24.86 -2.09 -14.31
C ASP C 127 23.57 -1.72 -15.03
N ASN C 128 22.47 -2.22 -14.49
CA ASN C 128 21.14 -1.93 -14.99
C ASN C 128 20.51 -0.87 -14.10
N ASP C 129 20.08 0.24 -14.69
CA ASP C 129 19.50 1.34 -13.96
C ASP C 129 18.02 1.62 -14.31
N CYS C 130 17.59 1.40 -15.55
CA CYS C 130 16.19 1.62 -15.88
C CYS C 130 15.28 0.54 -15.31
N GLY C 131 15.81 -0.60 -14.88
CA GLY C 131 15.03 -1.69 -14.33
C GLY C 131 14.69 -2.79 -15.29
N ASP C 132 14.86 -2.57 -16.57
CA ASP C 132 14.63 -3.60 -17.60
C ASP C 132 15.77 -3.63 -18.62
N PHE C 133 16.97 -3.18 -18.23
CA PHE C 133 18.14 -3.12 -19.12
C PHE C 133 17.83 -2.32 -20.38
N SER C 134 17.09 -1.22 -20.21
CA SER C 134 16.70 -0.39 -21.37
C SER C 134 17.87 0.45 -21.88
N ASP C 135 18.84 0.76 -21.00
CA ASP C 135 19.99 1.58 -21.36
C ASP C 135 21.16 0.77 -21.92
N GLU C 136 21.27 -0.50 -21.59
CA GLU C 136 22.35 -1.33 -22.06
C GLU C 136 22.16 -1.86 -23.47
N ASP C 137 21.01 -1.64 -24.08
CA ASP C 137 20.75 -2.18 -25.40
C ASP C 137 21.22 -1.25 -26.52
N ASP C 138 21.87 -0.14 -26.21
CA ASP C 138 22.36 0.80 -27.21
C ASP C 138 23.78 1.26 -26.85
N CYS C 139 24.62 0.33 -26.45
CA CYS C 139 25.99 0.62 -26.10
C CYS C 139 26.82 0.82 -27.37
N GLU C 140 27.35 2.04 -27.54
CA GLU C 140 28.19 2.34 -28.70
C GLU C 140 29.48 1.54 -28.68
N SER C 141 30.38 1.83 -27.72
CA SER C 141 31.68 1.19 -27.70
C SER C 141 32.36 1.49 -26.37
N GLU C 142 33.34 0.65 -26.01
CA GLU C 142 34.14 0.78 -24.79
C GLU C 142 33.29 0.86 -23.53
N PRO C 143 32.71 -0.23 -23.06
CA PRO C 143 32.01 -0.18 -21.78
C PRO C 143 32.96 0.09 -20.65
N ARG C 144 32.49 0.87 -19.69
CA ARG C 144 33.32 1.31 -18.55
C ARG C 144 32.69 0.91 -17.20
N PRO C 145 32.95 -0.32 -16.73
CA PRO C 145 32.39 -0.73 -15.43
C PRO C 145 32.86 0.21 -14.33
N PRO C 146 31.99 0.50 -13.34
CA PRO C 146 32.39 1.46 -12.30
C PRO C 146 33.43 0.93 -11.34
N CYS C 147 33.45 -0.39 -11.13
CA CYS C 147 34.38 -0.95 -10.14
C CYS C 147 35.78 -1.10 -10.67
N ARG C 148 35.94 -1.12 -11.99
CA ARG C 148 37.24 -1.17 -12.67
C ARG C 148 38.05 -2.38 -12.25
N ASP C 149 37.49 -3.54 -12.59
CA ASP C 149 38.09 -4.89 -12.47
C ASP C 149 38.15 -5.40 -11.05
N ARG C 150 37.70 -4.63 -10.06
CA ARG C 150 37.68 -5.13 -8.70
C ARG C 150 36.65 -6.25 -8.58
N VAL C 151 36.94 -7.21 -7.70
CA VAL C 151 36.09 -8.39 -7.49
C VAL C 151 35.17 -8.14 -6.31
N VAL C 152 33.85 -8.15 -6.57
CA VAL C 152 32.85 -7.91 -5.52
C VAL C 152 31.73 -8.94 -5.70
N GLU C 153 30.92 -9.08 -4.67
CA GLU C 153 29.75 -9.94 -4.71
C GLU C 153 28.49 -9.19 -4.32
N GLU C 154 27.37 -9.55 -4.95
CA GLU C 154 26.06 -8.99 -4.63
C GLU C 154 25.49 -9.66 -3.37
N SER C 155 25.35 -8.88 -2.31
CA SER C 155 24.86 -9.41 -1.05
C SER C 155 23.37 -9.63 -1.14
N GLU C 156 22.92 -10.83 -0.77
CA GLU C 156 21.49 -11.08 -0.72
C GLU C 156 20.88 -10.48 0.55
N LEU C 157 21.68 -10.30 1.60
CA LEU C 157 21.22 -9.65 2.82
C LEU C 157 20.75 -8.23 2.56
N ALA C 158 21.46 -7.50 1.73
CA ALA C 158 21.09 -6.12 1.47
C ALA C 158 20.08 -5.99 0.32
N ARG C 159 19.81 -7.07 -0.41
CA ARG C 159 18.89 -6.95 -1.54
C ARG C 159 17.43 -6.89 -1.12
N THR C 160 17.08 -7.26 0.11
CA THR C 160 15.71 -7.23 0.58
C THR C 160 15.48 -6.24 1.70
N ALA C 161 16.44 -5.35 1.97
CA ALA C 161 16.32 -4.44 3.10
C ALA C 161 15.25 -3.38 2.86
N GLY C 162 14.56 -3.00 3.94
CA GLY C 162 13.51 -1.99 3.86
C GLY C 162 12.13 -2.58 3.71
N TYR C 163 11.84 -3.61 4.49
CA TYR C 163 10.55 -4.31 4.45
C TYR C 163 9.40 -3.40 4.85
N GLY C 164 8.31 -3.49 4.09
CA GLY C 164 7.06 -2.83 4.48
C GLY C 164 6.34 -3.62 5.56
N ILE C 165 5.87 -2.91 6.57
CA ILE C 165 5.32 -3.53 7.76
C ILE C 165 3.93 -2.99 8.05
N ASN C 166 2.94 -3.86 8.19
CA ASN C 166 1.62 -3.42 8.61
C ASN C 166 1.65 -3.13 10.11
N ILE C 167 1.09 -2.00 10.49
CA ILE C 167 1.15 -1.59 11.89
C ILE C 167 0.40 -2.60 12.77
N LEU C 168 -0.67 -3.22 12.25
CA LEU C 168 -1.45 -4.20 12.98
C LEU C 168 -0.95 -5.57 12.56
N GLY C 169 -0.36 -6.31 13.50
CA GLY C 169 0.16 -7.64 13.29
C GLY C 169 1.67 -7.71 13.06
N MET C 170 2.30 -6.59 12.66
CA MET C 170 3.73 -6.48 12.47
C MET C 170 4.25 -7.54 11.48
N ASP C 171 3.48 -7.79 10.44
CA ASP C 171 3.90 -8.76 9.46
C ASP C 171 4.76 -8.09 8.41
N PRO C 172 6.01 -8.51 8.21
CA PRO C 172 6.80 -7.95 7.10
C PRO C 172 6.18 -8.27 5.74
N LEU C 173 6.41 -7.35 4.80
CA LEU C 173 5.95 -7.47 3.41
C LEU C 173 7.14 -7.27 2.48
N SER C 174 6.89 -7.26 1.17
CA SER C 174 7.96 -7.02 0.21
C SER C 174 8.40 -5.54 0.27
N THR C 175 9.69 -5.32 0.06
CA THR C 175 10.26 -3.99 0.19
C THR C 175 9.80 -3.11 -0.97
N PRO C 176 9.43 -1.85 -0.70
CA PRO C 176 9.07 -0.92 -1.79
C PRO C 176 10.25 -0.36 -2.56
N PHE C 177 11.46 -0.56 -2.06
CA PHE C 177 12.62 0.05 -2.70
C PHE C 177 13.14 -0.79 -3.86
N ASP C 178 13.95 -0.18 -4.70
CA ASP C 178 14.65 -0.88 -5.77
C ASP C 178 16.15 -0.89 -5.46
N ASN C 179 16.65 -2.04 -5.02
CA ASN C 179 18.03 -2.18 -4.53
C ASN C 179 18.97 -2.72 -5.60
N GLU C 180 18.56 -2.77 -6.86
CA GLU C 180 19.45 -3.12 -7.96
C GLU C 180 20.07 -1.89 -8.60
N PHE C 181 19.74 -0.69 -8.10
CA PHE C 181 20.25 0.57 -8.59
C PHE C 181 21.51 0.97 -7.80
N TYR C 182 22.58 1.24 -8.53
CA TYR C 182 23.89 1.51 -7.93
C TYR C 182 24.38 2.93 -8.12
N ASN C 183 23.79 3.70 -9.05
CA ASN C 183 24.19 5.09 -9.28
C ASN C 183 25.66 5.22 -9.62
N GLY C 184 26.24 4.23 -10.30
CA GLY C 184 27.61 4.30 -10.79
C GLY C 184 28.69 4.39 -9.72
N LEU C 185 28.54 3.71 -8.61
CA LEU C 185 29.52 3.72 -7.54
C LEU C 185 29.91 2.30 -7.19
N CYS C 186 31.05 2.14 -6.54
CA CYS C 186 31.52 0.81 -6.14
C CYS C 186 31.78 0.75 -4.65
N ASN C 187 30.81 1.20 -3.87
CA ASN C 187 30.92 1.09 -2.41
C ASN C 187 30.79 -0.37 -1.99
N ARG C 188 31.67 -0.80 -1.10
CA ARG C 188 31.71 -2.19 -0.67
C ARG C 188 31.97 -2.24 0.84
N ASP C 189 31.94 -3.46 1.37
CA ASP C 189 32.22 -3.72 2.78
C ASP C 189 32.58 -5.21 2.92
N ARG C 190 33.40 -5.50 3.93
CA ARG C 190 34.00 -6.81 4.12
C ARG C 190 33.28 -7.58 5.23
N ASP C 191 33.10 -8.89 5.02
CA ASP C 191 32.55 -9.80 6.02
C ASP C 191 33.67 -10.62 6.63
N GLY C 192 33.73 -10.63 7.96
CA GLY C 192 34.88 -11.22 8.62
C GLY C 192 34.96 -12.73 8.44
N ASN C 193 33.82 -13.41 8.41
CA ASN C 193 33.82 -14.87 8.38
C ASN C 193 34.37 -15.41 7.07
N THR C 194 34.05 -14.76 5.96
CA THR C 194 34.35 -15.28 4.62
C THR C 194 35.41 -14.49 3.86
N LEU C 195 35.85 -13.36 4.39
CA LEU C 195 36.89 -12.53 3.77
C LEU C 195 36.47 -12.05 2.38
N THR C 196 35.17 -11.82 2.23
CA THR C 196 34.61 -11.46 0.95
C THR C 196 34.01 -10.07 1.03
N TYR C 197 34.18 -9.29 -0.04
CA TYR C 197 33.65 -7.93 -0.11
C TYR C 197 32.31 -7.94 -0.84
N TYR C 198 31.27 -7.38 -0.21
CA TYR C 198 29.94 -7.26 -0.79
C TYR C 198 29.68 -5.82 -1.19
N ARG C 199 29.27 -5.62 -2.44
CA ARG C 199 28.92 -4.29 -2.93
C ARG C 199 27.63 -3.81 -2.27
N ARG C 200 27.52 -2.50 -2.02
CA ARG C 200 26.42 -1.90 -1.30
C ARG C 200 25.49 -1.14 -2.25
N PRO C 201 24.19 -1.39 -2.21
CA PRO C 201 23.26 -0.65 -3.07
C PRO C 201 23.22 0.82 -2.73
N TRP C 202 22.48 1.58 -3.55
CA TRP C 202 22.36 3.03 -3.39
C TRP C 202 21.49 3.39 -2.20
N ASN C 203 20.34 2.73 -2.03
CA ASN C 203 19.38 3.15 -1.01
C ASN C 203 19.90 2.90 0.40
N VAL C 204 20.73 1.87 0.59
CA VAL C 204 21.24 1.54 1.92
C VAL C 204 22.38 2.50 2.27
N ALA C 205 22.28 3.11 3.45
CA ALA C 205 23.29 4.07 3.88
C ALA C 205 24.29 3.48 4.87
N SER C 206 24.09 2.23 5.28
CA SER C 206 24.93 1.62 6.30
C SER C 206 24.61 0.13 6.32
N LEU C 207 25.67 -0.68 6.36
CA LEU C 207 25.53 -2.14 6.37
C LEU C 207 26.77 -2.70 7.04
N ILE C 208 26.66 -3.07 8.32
CA ILE C 208 27.79 -3.54 9.08
C ILE C 208 27.51 -4.96 9.53
N TYR C 209 28.41 -5.87 9.18
CA TYR C 209 28.36 -7.25 9.62
C TYR C 209 29.04 -7.35 10.97
N GLU C 210 28.32 -7.92 11.95
CA GLU C 210 28.83 -7.97 13.32
C GLU C 210 28.45 -9.28 13.99
N THR C 211 29.27 -9.68 14.94
CA THR C 211 29.06 -10.91 15.70
C THR C 211 28.74 -10.55 17.14
N LYS C 212 27.57 -10.98 17.61
CA LYS C 212 27.19 -10.80 19.00
C LYS C 212 26.03 -11.73 19.35
N GLY C 213 25.89 -12.01 20.64
CA GLY C 213 24.81 -12.86 21.12
C GLY C 213 24.39 -12.48 22.52
N GLU C 214 23.21 -12.96 22.91
CA GLU C 214 22.62 -12.66 24.22
C GLU C 214 22.02 -13.94 24.79
N LYS C 215 21.81 -13.93 26.12
CA LYS C 215 21.21 -15.06 26.83
C LYS C 215 20.55 -14.56 28.10
N ASN C 216 19.62 -15.36 28.62
CA ASN C 216 18.90 -15.01 29.83
C ASN C 216 18.25 -16.25 30.45
N PHE C 217 18.23 -16.30 31.78
CA PHE C 217 17.65 -17.44 32.51
C PHE C 217 17.23 -16.95 33.89
N ARG C 218 15.94 -16.70 34.08
CA ARG C 218 15.38 -16.24 35.33
C ARG C 218 14.34 -17.26 35.81
N THR C 219 14.48 -17.67 37.06
CA THR C 219 13.57 -18.59 37.71
C THR C 219 13.13 -18.06 39.07
N GLU C 220 11.90 -18.38 39.43
CA GLU C 220 11.32 -17.93 40.69
C GLU C 220 10.60 -19.10 41.32
N HIS C 221 10.50 -19.10 42.65
CA HIS C 221 9.86 -20.19 43.38
C HIS C 221 9.30 -19.66 44.69
N TYR C 222 7.99 -19.81 44.89
CA TYR C 222 7.34 -19.41 46.13
C TYR C 222 6.66 -20.62 46.74
N GLU C 223 6.44 -20.59 48.05
CA GLU C 223 5.89 -21.76 48.73
C GLU C 223 5.29 -21.32 50.07
N GLU C 224 3.99 -21.53 50.25
CA GLU C 224 3.27 -21.19 51.47
C GLU C 224 2.66 -22.45 52.08
N GLN C 225 2.77 -22.62 53.41
CA GLN C 225 2.20 -23.76 54.12
C GLN C 225 1.49 -23.25 55.37
N ILE C 226 0.19 -23.52 55.48
CA ILE C 226 -0.65 -23.06 56.59
C ILE C 226 -1.36 -24.25 57.20
N GLU C 227 -1.19 -24.43 58.50
CA GLU C 227 -1.92 -25.45 59.23
C GLU C 227 -2.23 -24.93 60.62
N ALA C 228 -3.28 -25.48 61.21
CA ALA C 228 -3.72 -25.08 62.54
C ALA C 228 -3.98 -26.29 63.42
N SER C 290 -8.90 -30.31 62.62
CA SER C 290 -7.68 -29.68 62.18
C SER C 290 -7.84 -28.86 60.89
N TYR C 291 -6.71 -28.54 60.26
CA TYR C 291 -6.71 -27.70 59.06
C TYR C 291 -5.33 -27.80 58.44
N SER C 292 -5.28 -27.55 57.11
CA SER C 292 -4.00 -27.59 56.41
C SER C 292 -4.13 -26.79 55.13
N SER C 293 -2.96 -26.44 54.57
CA SER C 293 -2.88 -25.69 53.33
C SER C 293 -1.45 -25.69 52.83
N LYS C 294 -1.28 -25.84 51.54
CA LYS C 294 0.01 -25.90 50.90
C LYS C 294 -0.11 -25.18 49.56
N LYS C 295 0.87 -24.32 49.27
CA LYS C 295 0.90 -23.61 48.00
C LYS C 295 2.30 -23.72 47.40
N GLU C 296 2.39 -23.64 46.07
CA GLU C 296 3.64 -23.77 45.34
C GLU C 296 3.45 -23.18 43.98
N LYS C 297 4.34 -22.26 43.60
CA LYS C 297 4.38 -21.66 42.27
C LYS C 297 5.79 -21.60 41.74
N MET C 298 5.95 -21.62 40.43
CA MET C 298 7.26 -21.64 39.84
C MET C 298 7.16 -21.05 38.43
N PHE C 299 8.06 -20.11 38.14
CA PHE C 299 8.07 -19.45 36.85
C PHE C 299 9.44 -19.65 36.21
N LEU C 300 9.48 -19.93 34.91
CA LEU C 300 10.74 -20.03 34.20
C LEU C 300 10.70 -19.12 32.96
N HIS C 301 11.87 -18.72 32.52
CA HIS C 301 11.96 -17.88 31.32
C HIS C 301 13.37 -17.97 30.78
N VAL C 302 13.50 -18.50 29.55
CA VAL C 302 14.74 -18.57 28.83
C VAL C 302 14.54 -17.84 27.52
N LYS C 303 15.49 -16.98 27.16
CA LYS C 303 15.39 -16.23 25.91
C LYS C 303 16.80 -15.87 25.47
N GLY C 304 17.05 -15.97 24.17
CA GLY C 304 18.35 -15.65 23.62
C GLY C 304 18.20 -15.12 22.21
N GLU C 305 19.12 -14.26 21.80
CA GLU C 305 19.10 -13.62 20.48
C GLU C 305 20.46 -13.79 19.83
N ILE C 306 20.46 -13.89 18.49
CA ILE C 306 21.68 -13.94 17.71
C ILE C 306 21.57 -12.85 16.66
N HIS C 307 22.60 -12.02 16.55
CA HIS C 307 22.61 -10.90 15.62
C HIS C 307 23.56 -11.18 14.44
N LEU C 308 23.13 -10.76 13.25
CA LEU C 308 23.89 -10.96 12.01
C LEU C 308 24.37 -9.68 11.34
N GLY C 309 23.50 -8.68 11.21
CA GLY C 309 23.91 -7.37 10.71
C GLY C 309 22.86 -6.33 11.02
N ARG C 310 23.10 -5.11 10.53
CA ARG C 310 22.21 -3.98 10.77
C ARG C 310 22.33 -3.02 9.59
N PHE C 311 21.22 -2.43 9.17
CA PHE C 311 21.20 -1.56 8.00
C PHE C 311 20.47 -0.27 8.31
N VAL C 312 20.84 0.78 7.57
CA VAL C 312 20.18 2.06 7.65
C VAL C 312 19.81 2.52 6.26
N MET C 313 18.54 2.87 6.06
CA MET C 313 18.07 3.35 4.76
C MET C 313 18.25 4.86 4.66
N ARG C 314 17.98 5.41 3.47
CA ARG C 314 18.13 6.81 3.20
C ARG C 314 16.78 7.52 3.35
N ASN C 315 16.83 8.86 3.28
CA ASN C 315 15.67 9.72 3.49
C ASN C 315 15.37 10.53 2.24
N ARG C 316 16.36 11.24 1.72
CA ARG C 316 16.18 12.09 0.53
C ARG C 316 16.95 11.50 -0.66
N ASP C 317 16.42 11.77 -1.86
CA ASP C 317 16.95 11.19 -3.08
C ASP C 317 16.97 9.65 -3.07
N VAL C 318 15.81 9.04 -2.94
CA VAL C 318 15.67 7.61 -3.07
C VAL C 318 15.14 7.25 -4.47
N VAL C 319 15.27 5.97 -4.84
CA VAL C 319 14.76 5.46 -6.12
C VAL C 319 13.83 4.31 -5.77
N LEU C 320 12.58 4.41 -6.21
CA LEU C 320 11.59 3.39 -5.93
C LEU C 320 11.31 2.57 -7.18
N THR C 321 10.76 1.40 -6.98
CA THR C 321 10.45 0.53 -8.10
C THR C 321 9.28 1.05 -8.88
N THR C 322 9.22 0.64 -10.16
CA THR C 322 8.22 1.20 -11.05
C THR C 322 6.79 0.84 -10.64
N THR C 323 6.59 -0.35 -10.10
CA THR C 323 5.23 -0.79 -9.78
C THR C 323 4.66 0.04 -8.64
N PHE C 324 5.49 0.38 -7.65
CA PHE C 324 5.06 1.23 -6.55
C PHE C 324 4.64 2.63 -7.05
N VAL C 325 5.42 3.21 -7.97
CA VAL C 325 5.08 4.53 -8.48
C VAL C 325 3.82 4.46 -9.33
N ASP C 326 3.62 3.36 -10.08
CA ASP C 326 2.42 3.20 -10.87
C ASP C 326 1.19 3.09 -10.00
N ASP C 327 1.30 2.31 -8.89
CA ASP C 327 0.16 2.16 -7.99
C ASP C 327 -0.12 3.42 -7.21
N ILE C 328 0.92 4.24 -6.93
CA ILE C 328 0.69 5.54 -6.30
C ILE C 328 -0.06 6.47 -7.26
N LYS C 329 0.35 6.49 -8.54
CA LYS C 329 -0.24 7.40 -9.53
C LYS C 329 -1.70 7.11 -9.81
N ALA C 330 -2.17 5.90 -9.50
CA ALA C 330 -3.54 5.50 -9.80
C ALA C 330 -4.54 5.94 -8.74
N LEU C 331 -4.04 6.54 -7.65
CA LEU C 331 -4.88 6.98 -6.55
C LEU C 331 -5.80 8.12 -6.98
N PRO C 332 -7.01 8.16 -6.44
CA PRO C 332 -7.90 9.28 -6.75
C PRO C 332 -7.42 10.56 -6.10
N THR C 333 -7.77 11.67 -6.74
CA THR C 333 -7.39 12.99 -6.22
C THR C 333 -8.12 13.30 -4.92
N THR C 334 -9.44 13.08 -4.86
CA THR C 334 -10.21 13.33 -3.64
C THR C 334 -9.97 12.23 -2.63
N TYR C 335 -10.72 12.23 -1.54
CA TYR C 335 -10.49 11.27 -0.49
C TYR C 335 -11.58 10.19 -0.55
N GLU C 336 -11.17 8.97 -0.89
CA GLU C 336 -12.06 7.82 -0.92
C GLU C 336 -11.47 6.77 0.02
N LYS C 337 -12.26 6.34 1.01
CA LYS C 337 -11.71 5.50 2.06
C LYS C 337 -11.35 4.13 1.56
N GLY C 338 -12.17 3.58 0.68
CA GLY C 338 -11.94 2.22 0.20
C GLY C 338 -10.64 2.06 -0.57
N GLU C 339 -10.34 2.98 -1.48
CA GLU C 339 -9.17 2.82 -2.32
C GLU C 339 -7.88 3.00 -1.52
N TYR C 340 -7.85 3.98 -0.62
CA TYR C 340 -6.66 4.16 0.22
C TYR C 340 -6.51 3.01 1.21
N PHE C 341 -7.62 2.47 1.75
CA PHE C 341 -7.53 1.29 2.62
C PHE C 341 -6.98 0.10 1.85
N ALA C 342 -7.38 -0.06 0.58
CA ALA C 342 -6.82 -1.14 -0.23
C ALA C 342 -5.33 -0.96 -0.46
N PHE C 343 -4.89 0.27 -0.76
CA PHE C 343 -3.47 0.53 -0.94
C PHE C 343 -2.69 0.22 0.34
N LEU C 344 -3.23 0.65 1.49
CA LEU C 344 -2.57 0.36 2.75
C LEU C 344 -2.55 -1.13 3.07
N GLU C 345 -3.56 -1.89 2.63
CA GLU C 345 -3.53 -3.34 2.82
C GLU C 345 -2.49 -3.97 1.92
N THR C 346 -2.38 -3.50 0.68
CA THR C 346 -1.43 -4.10 -0.25
C THR C 346 -0.01 -3.80 0.15
N TYR C 347 0.28 -2.55 0.52
CA TYR C 347 1.67 -2.11 0.72
C TYR C 347 2.02 -1.84 2.18
N GLY C 348 1.11 -2.10 3.11
CA GLY C 348 1.39 -1.80 4.50
C GLY C 348 1.21 -0.33 4.81
N THR C 349 1.37 0.00 6.08
CA THR C 349 1.22 1.38 6.51
C THR C 349 2.52 2.04 6.96
N HIS C 350 3.54 1.25 7.32
CA HIS C 350 4.85 1.79 7.67
C HIS C 350 5.90 0.89 7.04
N TYR C 351 7.12 1.42 6.99
CA TYR C 351 8.22 0.67 6.40
C TYR C 351 9.45 0.73 7.30
N SER C 352 10.27 -0.33 7.26
CA SER C 352 11.42 -0.44 8.14
C SER C 352 12.56 0.46 7.66
N SER C 353 12.82 1.52 8.40
CA SER C 353 13.94 2.40 8.04
C SER C 353 15.28 1.86 8.53
N SER C 354 15.28 1.01 9.54
CA SER C 354 16.49 0.36 10.02
C SER C 354 16.10 -0.84 10.86
N GLY C 355 17.01 -1.81 10.97
CA GLY C 355 16.71 -3.00 11.72
C GLY C 355 17.93 -3.89 11.83
N SER C 356 17.74 -4.97 12.56
CA SER C 356 18.73 -6.02 12.77
C SER C 356 18.22 -7.36 12.27
N LEU C 357 19.14 -8.28 12.04
CA LEU C 357 18.81 -9.59 11.44
C LEU C 357 19.48 -10.73 12.22
N GLY C 358 18.87 -11.90 12.18
CA GLY C 358 19.39 -13.05 12.89
C GLY C 358 18.36 -14.11 13.22
N GLY C 359 18.31 -14.49 14.48
CA GLY C 359 17.37 -15.50 14.94
C GLY C 359 17.20 -15.40 16.43
N LEU C 360 16.20 -16.12 16.94
CA LEU C 360 15.89 -16.07 18.36
C LEU C 360 15.04 -17.26 18.76
N TYR C 361 14.82 -17.40 20.07
CA TYR C 361 13.97 -18.45 20.63
C TYR C 361 13.54 -18.05 22.03
N GLU C 362 12.61 -18.82 22.60
CA GLU C 362 12.03 -18.49 23.90
C GLU C 362 11.49 -19.74 24.55
N LEU C 363 11.19 -19.62 25.85
CA LEU C 363 10.61 -20.72 26.60
C LEU C 363 9.98 -20.16 27.86
N ILE C 364 8.72 -20.51 28.07
CA ILE C 364 7.94 -20.04 29.22
C ILE C 364 7.25 -21.24 29.85
N TYR C 365 7.41 -21.38 31.17
CA TYR C 365 6.90 -22.52 31.93
C TYR C 365 6.34 -22.02 33.24
N VAL C 366 5.11 -22.39 33.54
CA VAL C 366 4.41 -21.98 34.74
C VAL C 366 3.93 -23.24 35.47
N LEU C 367 4.13 -23.28 36.78
CA LEU C 367 3.69 -24.38 37.61
C LEU C 367 2.76 -23.87 38.70
N ASP C 368 1.69 -24.62 39.01
CA ASP C 368 0.78 -24.26 40.08
C ASP C 368 0.40 -25.49 40.87
N LYS C 369 0.36 -25.36 42.18
CA LYS C 369 -0.06 -26.47 43.06
C LYS C 369 -0.90 -25.91 44.21
N ALA C 370 -1.74 -26.76 44.75
CA ALA C 370 -2.62 -26.39 45.88
C ALA C 370 -3.06 -27.66 46.60
N SER C 371 -3.40 -27.48 47.89
CA SER C 371 -3.87 -28.58 48.71
C SER C 371 -4.60 -28.00 49.91
N MET C 372 -5.40 -28.87 50.54
CA MET C 372 -6.16 -28.48 51.73
C MET C 372 -6.65 -29.74 52.42
N LYS C 373 -6.28 -29.92 53.67
CA LYS C 373 -6.74 -31.06 54.46
C LYS C 373 -7.48 -30.58 55.69
N ARG C 374 -8.58 -31.23 55.98
CA ARG C 374 -9.45 -30.91 57.11
C ARG C 374 -9.75 -32.19 57.89
N LYS C 375 -10.03 -32.03 59.17
CA LYS C 375 -10.42 -33.16 59.99
C LYS C 375 -11.23 -32.69 61.18
N VAL C 419 -14.44 -35.60 58.98
CA VAL C 419 -14.72 -35.39 57.58
C VAL C 419 -13.43 -35.06 56.85
N ASN C 420 -12.72 -36.12 56.47
CA ASN C 420 -11.47 -35.92 55.74
C ASN C 420 -11.78 -35.37 54.35
N ILE C 421 -11.50 -34.10 54.14
CA ILE C 421 -11.66 -33.46 52.83
C ILE C 421 -10.25 -33.04 52.39
N THR C 422 -9.77 -33.67 51.34
CA THR C 422 -8.45 -33.39 50.77
C THR C 422 -8.60 -33.15 49.28
N SER C 423 -7.95 -32.10 48.78
CA SER C 423 -7.98 -31.77 47.38
C SER C 423 -6.56 -31.51 46.88
N GLU C 424 -6.31 -31.85 45.63
CA GLU C 424 -4.99 -31.71 45.00
C GLU C 424 -5.19 -31.10 43.62
N ASN C 425 -4.63 -29.90 43.42
CA ASN C 425 -4.76 -29.16 42.17
C ASN C 425 -3.39 -28.99 41.54
N LEU C 426 -3.26 -29.39 40.27
CA LEU C 426 -2.01 -29.27 39.54
C LEU C 426 -2.31 -28.68 38.17
N ILE C 427 -1.63 -27.59 37.82
CA ILE C 427 -1.85 -26.93 36.53
C ILE C 427 -0.49 -26.63 35.92
N ASP C 428 -0.25 -27.12 34.71
CA ASP C 428 1.01 -26.93 34.01
C ASP C 428 0.81 -26.27 32.67
N ASP C 429 1.84 -25.56 32.19
CA ASP C 429 1.81 -24.94 30.89
C ASP C 429 3.24 -24.68 30.44
N VAL C 430 3.62 -25.25 29.30
CA VAL C 430 4.93 -25.02 28.70
C VAL C 430 4.76 -24.46 27.29
N VAL C 431 5.54 -23.42 26.97
CA VAL C 431 5.51 -22.82 25.64
C VAL C 431 6.95 -22.66 25.14
N SER C 432 7.17 -23.02 23.86
CA SER C 432 8.46 -22.79 23.21
C SER C 432 8.25 -22.19 21.83
N LEU C 433 9.24 -21.42 21.38
CA LEU C 433 9.19 -20.77 20.08
C LEU C 433 10.62 -20.73 19.52
N ILE C 434 10.74 -20.66 18.20
CA ILE C 434 12.02 -20.53 17.55
C ILE C 434 11.82 -20.00 16.13
N ARG C 435 12.68 -19.04 15.73
CA ARG C 435 12.60 -18.43 14.40
C ARG C 435 13.99 -18.32 13.80
N GLY C 436 14.10 -18.56 12.50
CA GLY C 436 15.35 -18.40 11.79
C GLY C 436 16.19 -19.67 11.73
N GLY C 437 17.26 -19.63 10.92
CA GLY C 437 18.09 -20.80 10.68
C GLY C 437 17.56 -21.69 9.58
N THR C 438 18.06 -22.92 9.55
CA THR C 438 17.68 -23.93 8.59
C THR C 438 16.70 -24.91 9.24
N ARG C 439 15.80 -25.47 8.42
CA ARG C 439 14.75 -26.34 8.92
C ARG C 439 15.23 -27.67 9.48
N LYS C 440 16.54 -27.94 9.53
CA LYS C 440 17.02 -29.19 10.12
C LYS C 440 17.49 -29.04 11.56
N TYR C 441 18.51 -28.21 11.79
CA TYR C 441 19.01 -28.04 13.14
C TYR C 441 17.99 -27.35 14.04
N ALA C 442 17.25 -26.39 13.51
CA ALA C 442 16.38 -25.58 14.36
C ALA C 442 15.31 -26.40 15.08
N PHE C 443 14.63 -27.30 14.36
CA PHE C 443 13.56 -28.08 14.98
C PHE C 443 14.10 -29.08 15.97
N GLU C 444 15.28 -29.63 15.69
CA GLU C 444 15.93 -30.51 16.65
C GLU C 444 16.26 -29.78 17.94
N LEU C 445 16.78 -28.55 17.82
CA LEU C 445 17.06 -27.74 19.01
C LEU C 445 15.78 -27.39 19.74
N LYS C 446 14.70 -27.08 19.01
CA LYS C 446 13.41 -26.75 19.61
C LYS C 446 12.87 -27.93 20.41
N GLU C 447 12.99 -29.14 19.86
CA GLU C 447 12.48 -30.30 20.55
C GLU C 447 13.34 -30.61 21.77
N LYS C 448 14.64 -30.43 21.68
CA LYS C 448 15.50 -30.62 22.84
C LYS C 448 15.21 -29.61 23.96
N LEU C 449 14.95 -28.35 23.60
CA LEU C 449 14.65 -27.34 24.60
C LEU C 449 13.40 -27.65 25.39
N LEU C 450 12.43 -28.33 24.77
CA LEU C 450 11.16 -28.59 25.41
C LEU C 450 11.32 -29.58 26.58
N ARG C 451 12.17 -30.59 26.42
CA ARG C 451 12.31 -31.58 27.49
C ARG C 451 12.94 -31.02 28.75
N GLY C 452 13.83 -30.05 28.61
CA GLY C 452 14.55 -29.55 29.77
C GLY C 452 15.77 -30.37 30.18
N THR C 453 16.07 -31.44 29.47
CA THR C 453 17.25 -32.23 29.75
C THR C 453 18.51 -31.51 29.33
N VAL C 454 19.64 -31.89 29.94
CA VAL C 454 20.90 -31.22 29.64
C VAL C 454 21.45 -31.71 28.29
N ILE C 455 21.74 -30.78 27.41
CA ILE C 455 22.15 -31.08 26.04
C ILE C 455 23.48 -30.41 25.75
N ASP C 456 24.12 -30.86 24.66
CA ASP C 456 25.48 -30.44 24.33
C ASP C 456 25.49 -29.10 23.62
N VAL C 457 26.67 -28.49 23.53
CA VAL C 457 26.77 -27.22 22.85
C VAL C 457 26.80 -27.32 21.34
N THR C 458 27.11 -28.51 20.79
CA THR C 458 27.32 -28.64 19.33
C THR C 458 26.06 -28.30 18.54
N ASP C 459 24.88 -28.66 19.06
CA ASP C 459 23.63 -28.32 18.37
C ASP C 459 23.34 -26.83 18.41
N PHE C 460 23.67 -26.17 19.52
CA PHE C 460 23.54 -24.71 19.60
C PHE C 460 24.44 -24.04 18.58
N VAL C 461 25.67 -24.52 18.46
CA VAL C 461 26.62 -23.96 17.50
C VAL C 461 26.16 -24.22 16.08
N ASN C 462 25.64 -25.43 15.81
CA ASN C 462 25.13 -25.76 14.49
C ASN C 462 24.02 -24.80 14.10
N TRP C 463 23.09 -24.56 15.02
CA TRP C 463 22.00 -23.64 14.71
C TRP C 463 22.48 -22.21 14.51
N ALA C 464 23.42 -21.76 15.37
CA ALA C 464 23.96 -20.40 15.24
C ALA C 464 24.66 -20.23 13.91
N SER C 465 25.37 -21.26 13.47
CA SER C 465 26.06 -21.22 12.18
C SER C 465 25.09 -21.26 11.00
N SER C 466 24.01 -22.02 11.15
CA SER C 466 22.99 -22.05 10.11
C SER C 466 22.14 -20.79 10.04
N ILE C 467 22.14 -19.93 11.04
CA ILE C 467 21.41 -18.67 10.92
C ILE C 467 21.86 -17.84 9.71
N ASN C 468 23.12 -17.98 9.30
CA ASN C 468 23.68 -17.15 8.22
C ASN C 468 22.94 -17.31 6.90
N ASP C 469 22.28 -18.44 6.64
CA ASP C 469 21.62 -18.71 5.36
C ASP C 469 20.11 -18.49 5.38
N ALA C 470 19.47 -18.27 6.53
CA ALA C 470 18.04 -17.97 6.57
C ALA C 470 17.74 -17.09 7.78
N PRO C 471 18.10 -15.83 7.72
CA PRO C 471 17.87 -14.91 8.84
C PRO C 471 16.43 -14.40 8.78
N VAL C 472 16.01 -13.74 9.86
CA VAL C 472 14.71 -13.09 9.95
C VAL C 472 14.92 -11.66 10.42
N LEU C 473 13.81 -10.95 10.68
CA LEU C 473 13.87 -9.55 11.10
C LEU C 473 13.49 -9.46 12.57
N ILE C 474 14.50 -9.18 13.42
CA ILE C 474 14.30 -9.16 14.85
C ILE C 474 13.98 -7.76 15.41
N SER C 475 14.54 -6.70 14.83
CA SER C 475 14.23 -5.35 15.31
C SER C 475 13.85 -4.48 14.14
N GLN C 476 12.97 -3.50 14.39
CA GLN C 476 12.57 -2.55 13.36
C GLN C 476 12.58 -1.15 13.95
N LYS C 477 12.44 -0.18 13.07
CA LYS C 477 12.22 1.23 13.44
C LYS C 477 11.26 1.83 12.40
N LEU C 478 9.96 1.88 12.74
CA LEU C 478 8.90 2.18 11.79
C LEU C 478 8.90 3.66 11.38
N SER C 479 8.62 3.91 10.09
CA SER C 479 8.45 5.25 9.59
C SER C 479 7.21 5.27 8.67
N PRO C 480 6.43 6.35 8.67
CA PRO C 480 5.15 6.35 7.94
C PRO C 480 5.35 6.23 6.44
N ILE C 481 4.37 5.63 5.77
CA ILE C 481 4.53 5.29 4.37
C ILE C 481 4.36 6.51 3.45
N TYR C 482 3.67 7.55 3.89
CA TYR C 482 3.47 8.69 3.01
C TYR C 482 4.73 9.53 2.81
N ASN C 483 5.83 9.23 3.53
CA ASN C 483 7.06 9.96 3.28
C ASN C 483 7.72 9.58 1.96
N LEU C 484 7.36 8.45 1.38
CA LEU C 484 7.98 7.96 0.14
C LEU C 484 7.32 8.53 -1.10
N VAL C 485 6.29 9.35 -0.96
CA VAL C 485 5.63 9.88 -2.17
C VAL C 485 6.60 10.81 -2.91
N PRO C 486 6.89 10.55 -4.19
CA PRO C 486 7.79 11.42 -4.98
C PRO C 486 7.27 12.83 -4.99
N VAL C 487 8.22 13.78 -4.93
CA VAL C 487 7.89 15.18 -4.77
C VAL C 487 7.36 15.75 -6.07
N LYS C 488 8.03 15.44 -7.20
CA LYS C 488 7.72 15.96 -8.51
C LYS C 488 6.62 15.09 -9.12
N MET C 489 5.40 15.39 -8.74
CA MET C 489 4.25 14.63 -9.26
C MET C 489 3.01 15.49 -9.10
N LYS C 490 2.01 15.25 -9.94
CA LYS C 490 0.80 16.08 -9.89
C LYS C 490 0.06 15.84 -8.56
N ASN C 491 -0.15 16.91 -7.82
CA ASN C 491 -0.94 16.87 -6.58
C ASN C 491 -0.34 15.89 -5.58
N ALA C 492 0.98 15.95 -5.38
CA ALA C 492 1.66 15.08 -4.42
C ALA C 492 1.24 15.37 -2.99
N HIS C 493 1.04 16.65 -2.65
CA HIS C 493 0.69 17.00 -1.27
C HIS C 493 -0.69 16.49 -0.90
N LEU C 494 -1.65 16.55 -1.84
CA LEU C 494 -3.00 16.01 -1.60
C LEU C 494 -2.95 14.50 -1.34
N LYS C 495 -2.12 13.80 -2.13
CA LYS C 495 -1.93 12.38 -1.88
C LYS C 495 -1.35 12.13 -0.49
N LYS C 496 -0.38 12.91 -0.07
CA LYS C 496 0.21 12.71 1.26
C LYS C 496 -0.80 12.98 2.36
N GLN C 497 -1.55 14.08 2.28
CA GLN C 497 -2.56 14.36 3.31
C GLN C 497 -3.60 13.26 3.38
N ASN C 498 -4.04 12.77 2.23
CA ASN C 498 -5.06 11.74 2.21
C ASN C 498 -4.51 10.43 2.79
N LEU C 499 -3.23 10.10 2.51
CA LEU C 499 -2.63 8.89 3.05
C LEU C 499 -2.51 8.98 4.57
N GLU C 500 -2.18 10.17 5.09
CA GLU C 500 -2.18 10.36 6.53
C GLU C 500 -3.57 10.13 7.14
N ARG C 501 -4.59 10.76 6.56
CA ARG C 501 -5.94 10.56 7.08
C ARG C 501 -6.36 9.09 6.99
N ALA C 502 -6.01 8.40 5.92
CA ALA C 502 -6.40 7.00 5.75
C ALA C 502 -5.69 6.09 6.73
N ILE C 503 -4.42 6.36 7.04
CA ILE C 503 -3.73 5.61 8.08
C ILE C 503 -4.40 5.83 9.43
N GLU C 504 -4.74 7.08 9.75
CA GLU C 504 -5.38 7.34 11.03
C GLU C 504 -6.72 6.61 11.13
N ASP C 505 -7.50 6.62 10.03
CA ASP C 505 -8.81 5.95 10.07
C ASP C 505 -8.65 4.44 10.11
N TYR C 506 -7.59 3.92 9.49
CA TYR C 506 -7.36 2.48 9.51
C TYR C 506 -6.98 2.04 10.93
N ILE C 507 -6.19 2.85 11.63
CA ILE C 507 -5.88 2.54 13.03
C ILE C 507 -7.14 2.61 13.87
N ASN C 508 -7.98 3.63 13.65
CA ASN C 508 -9.21 3.76 14.40
C ASN C 508 -10.13 2.56 14.20
N GLU C 509 -10.28 2.14 12.94
CA GLU C 509 -11.04 0.91 12.69
C GLU C 509 -10.17 -0.31 12.96
N PHE C 510 -10.83 -1.45 12.96
CA PHE C 510 -10.20 -2.75 13.23
C PHE C 510 -9.52 -2.75 14.60
N SER C 511 -10.19 -2.14 15.57
CA SER C 511 -9.65 -1.92 16.90
C SER C 511 -10.29 -2.89 17.89
N VAL C 512 -9.48 -3.42 18.82
CA VAL C 512 -10.00 -4.34 19.82
C VAL C 512 -10.82 -3.61 20.87
N ARG C 513 -10.70 -2.30 20.98
CA ARG C 513 -11.37 -1.56 22.03
C ARG C 513 -12.88 -1.55 21.85
N LYS C 514 -13.36 -1.83 20.62
CA LYS C 514 -14.79 -1.88 20.38
C LYS C 514 -15.42 -3.19 20.82
N CYS C 515 -14.62 -4.21 21.06
CA CYS C 515 -15.12 -5.50 21.51
C CYS C 515 -15.71 -5.41 22.91
N HIS C 516 -16.82 -6.11 23.12
CA HIS C 516 -17.46 -6.12 24.43
C HIS C 516 -16.59 -6.84 25.45
N THR C 517 -16.54 -6.30 26.65
CA THR C 517 -15.61 -6.80 27.66
C THR C 517 -15.97 -8.24 28.07
N CYS C 518 -14.95 -8.99 28.39
CA CYS C 518 -15.13 -10.38 28.79
C CYS C 518 -15.39 -10.38 30.29
N GLN C 519 -15.34 -11.55 30.94
CA GLN C 519 -15.59 -11.66 32.38
C GLN C 519 -14.38 -12.26 33.09
N ASN C 520 -14.25 -11.91 34.38
CA ASN C 520 -13.20 -12.41 35.26
C ASN C 520 -11.81 -12.06 34.71
N GLY C 521 -11.67 -10.83 34.25
CA GLY C 521 -10.35 -10.36 33.83
C GLY C 521 -9.77 -11.05 32.60
N GLY C 522 -10.63 -11.52 31.69
CA GLY C 522 -10.14 -12.13 30.48
C GLY C 522 -9.56 -11.11 29.52
N THR C 523 -8.81 -11.62 28.57
CA THR C 523 -8.10 -10.82 27.58
C THR C 523 -8.82 -10.93 26.24
N VAL C 524 -9.04 -9.79 25.61
CA VAL C 524 -9.76 -9.72 24.34
C VAL C 524 -8.77 -9.67 23.20
N ILE C 525 -8.99 -10.49 22.19
CA ILE C 525 -8.15 -10.54 20.99
C ILE C 525 -9.05 -10.41 19.77
N LEU C 526 -8.59 -9.60 18.79
CA LEU C 526 -9.30 -9.43 17.52
C LEU C 526 -8.63 -10.29 16.45
N MET C 527 -9.44 -11.06 15.72
CA MET C 527 -8.87 -12.02 14.77
C MET C 527 -9.85 -12.17 13.60
N ASP C 528 -9.55 -11.51 12.48
CA ASP C 528 -10.37 -11.61 11.27
C ASP C 528 -11.82 -11.14 11.51
N GLY C 529 -11.96 -10.01 12.18
CA GLY C 529 -13.29 -9.44 12.44
C GLY C 529 -14.16 -10.28 13.34
N LYS C 530 -13.60 -10.82 14.39
CA LYS C 530 -14.38 -11.57 15.38
C LYS C 530 -13.65 -11.48 16.71
N CYS C 531 -14.30 -10.88 17.70
CA CYS C 531 -13.71 -10.75 19.02
C CYS C 531 -13.76 -12.10 19.75
N LEU C 532 -12.75 -12.36 20.57
CA LEU C 532 -12.71 -13.60 21.33
C LEU C 532 -12.00 -13.37 22.67
N CYS C 533 -12.37 -14.16 23.67
CA CYS C 533 -11.84 -14.01 25.02
C CYS C 533 -10.91 -15.17 25.34
N ALA C 534 -9.82 -14.86 26.02
CA ALA C 534 -8.87 -15.82 26.55
C ALA C 534 -9.00 -15.88 28.05
N CYS C 535 -9.10 -17.11 28.61
CA CYS C 535 -9.45 -17.30 30.01
C CYS C 535 -8.28 -17.80 30.82
N PRO C 536 -8.25 -17.50 32.12
CA PRO C 536 -7.18 -17.99 32.97
C PRO C 536 -7.28 -19.48 33.33
N PHE C 537 -6.43 -19.94 34.27
CA PHE C 537 -6.38 -21.37 34.60
C PHE C 537 -7.70 -21.87 35.20
N LYS C 538 -8.29 -21.11 36.10
CA LYS C 538 -9.42 -21.63 36.85
C LYS C 538 -10.71 -21.62 36.02
N PHE C 539 -10.84 -20.70 35.09
CA PHE C 539 -12.09 -20.53 34.35
C PHE C 539 -11.92 -21.10 32.94
N GLU C 540 -12.87 -21.97 32.52
CA GLU C 540 -12.78 -22.64 31.22
C GLU C 540 -14.06 -22.41 30.39
N GLY C 541 -14.68 -21.25 30.54
CA GLY C 541 -15.88 -20.97 29.76
C GLY C 541 -15.55 -20.39 28.39
N ILE C 542 -16.55 -20.37 27.52
CA ILE C 542 -16.42 -19.65 26.25
C ILE C 542 -16.22 -18.17 26.50
N ALA C 543 -17.04 -17.58 27.40
CA ALA C 543 -16.88 -16.20 27.82
C ALA C 543 -16.17 -16.11 29.17
N CYS C 544 -15.42 -17.16 29.54
CA CYS C 544 -14.72 -17.22 30.83
C CYS C 544 -15.71 -17.13 31.98
N GLU C 545 -16.87 -17.82 31.85
CA GLU C 545 -17.89 -17.79 32.88
C GLU C 545 -18.01 -19.06 33.69
N ILE C 546 -17.50 -20.19 33.18
CA ILE C 546 -17.59 -21.46 33.90
C ILE C 546 -16.37 -21.57 34.80
N SER C 547 -16.61 -21.71 36.07
CA SER C 547 -15.53 -21.82 37.05
C SER C 547 -15.40 -23.26 37.51
N LYS C 548 -14.19 -23.81 37.40
CA LYS C 548 -13.92 -25.12 37.84
C LYS C 548 -12.42 -25.39 37.89
N GLN D 20 -42.13 -7.83 -27.54
CA GLN D 20 -42.14 -6.53 -28.18
C GLN D 20 -41.90 -5.40 -27.17
N VAL D 21 -41.20 -4.35 -27.61
CA VAL D 21 -40.88 -3.20 -26.78
C VAL D 21 -41.60 -1.99 -27.33
N GLN D 22 -42.41 -1.35 -26.48
CA GLN D 22 -43.23 -0.21 -26.92
C GLN D 22 -43.21 0.84 -25.83
N LEU D 23 -43.33 2.09 -26.26
CA LEU D 23 -43.32 3.21 -25.34
C LEU D 23 -44.42 4.20 -25.75
N LYS D 24 -44.97 4.90 -24.77
CA LYS D 24 -45.95 5.96 -24.96
C LYS D 24 -45.61 7.12 -24.05
N GLU D 25 -46.08 8.31 -24.43
CA GLU D 25 -45.72 9.52 -23.70
C GLU D 25 -46.89 10.24 -23.04
N SER D 26 -48.08 10.17 -23.60
CA SER D 26 -49.25 10.88 -23.05
C SER D 26 -48.93 12.36 -23.10
N GLY D 27 -49.27 13.13 -22.08
CA GLY D 27 -48.95 14.53 -22.04
C GLY D 27 -50.13 15.47 -22.09
N PRO D 28 -49.95 16.68 -21.57
CA PRO D 28 -51.04 17.65 -21.54
C PRO D 28 -51.20 18.46 -22.81
N GLY D 29 -50.12 18.66 -23.55
CA GLY D 29 -50.19 19.29 -24.87
C GLY D 29 -49.98 20.79 -24.84
N LEU D 30 -50.91 21.51 -24.24
CA LEU D 30 -50.84 22.97 -24.17
C LEU D 30 -50.72 23.40 -22.70
N VAL D 31 -49.78 24.32 -22.43
CA VAL D 31 -49.60 24.91 -21.12
C VAL D 31 -49.36 26.42 -21.26
N ALA D 32 -49.57 27.12 -20.16
CA ALA D 32 -49.35 28.57 -20.10
C ALA D 32 -47.83 28.88 -20.07
N PRO D 33 -47.44 30.11 -20.46
CA PRO D 33 -46.00 30.45 -20.52
C PRO D 33 -45.33 30.70 -19.18
N SER D 34 -45.97 30.33 -18.09
CA SER D 34 -45.32 30.50 -16.79
C SER D 34 -45.53 29.33 -15.84
N GLN D 35 -46.18 28.23 -16.27
CA GLN D 35 -46.52 27.14 -15.37
C GLN D 35 -45.50 25.99 -15.52
N SER D 36 -45.85 24.82 -15.01
CA SER D 36 -45.00 23.65 -15.07
C SER D 36 -45.58 22.58 -15.98
N LEU D 37 -44.72 21.84 -16.67
CA LEU D 37 -45.07 20.78 -17.58
C LEU D 37 -44.86 19.45 -16.87
N SER D 38 -45.63 18.44 -17.28
CA SER D 38 -45.56 17.11 -16.69
C SER D 38 -45.90 16.07 -17.74
N ILE D 39 -44.95 15.16 -18.00
CA ILE D 39 -45.11 14.12 -19.01
C ILE D 39 -44.81 12.78 -18.37
N THR D 40 -45.69 11.79 -18.61
CA THR D 40 -45.56 10.46 -18.01
C THR D 40 -45.38 9.45 -19.14
N CYS D 41 -44.16 8.93 -19.27
CA CYS D 41 -43.86 7.96 -20.31
C CYS D 41 -44.06 6.56 -19.77
N THR D 42 -44.96 5.81 -20.39
CA THR D 42 -45.30 4.43 -19.98
C THR D 42 -44.63 3.43 -20.91
N VAL D 43 -43.83 2.53 -20.33
CA VAL D 43 -43.10 1.51 -21.10
C VAL D 43 -43.72 0.14 -20.86
N SER D 44 -43.45 -0.77 -21.78
CA SER D 44 -43.89 -2.15 -21.64
C SER D 44 -42.93 -3.07 -22.38
N GLY D 45 -42.88 -4.32 -21.92
CA GLY D 45 -42.04 -5.35 -22.54
C GLY D 45 -40.66 -5.47 -21.94
N PHE D 46 -40.32 -4.62 -20.98
CA PHE D 46 -39.04 -4.73 -20.27
C PHE D 46 -39.20 -4.07 -18.89
N SER D 47 -38.71 -4.76 -17.87
CA SER D 47 -38.75 -4.21 -16.52
C SER D 47 -37.75 -3.06 -16.37
N LEU D 48 -38.12 -2.08 -15.56
CA LEU D 48 -37.31 -0.87 -15.44
C LEU D 48 -36.15 -1.01 -14.48
N THR D 49 -36.08 -2.09 -13.70
CA THR D 49 -35.02 -2.27 -12.72
C THR D 49 -33.67 -2.44 -13.40
N VAL D 50 -33.63 -3.06 -14.56
CA VAL D 50 -32.39 -3.39 -15.25
C VAL D 50 -32.19 -2.53 -16.50
N TYR D 51 -32.92 -1.42 -16.64
CA TYR D 51 -32.75 -0.54 -17.76
C TYR D 51 -32.96 0.91 -17.30
N GLY D 52 -32.57 1.83 -18.17
CA GLY D 52 -32.85 3.24 -17.93
C GLY D 52 -33.54 3.84 -19.14
N VAL D 53 -34.12 5.01 -18.94
CA VAL D 53 -34.90 5.71 -19.93
C VAL D 53 -34.37 7.12 -20.06
N ASN D 54 -34.17 7.57 -21.30
CA ASN D 54 -33.66 8.92 -21.60
C ASN D 54 -34.78 9.84 -22.03
N TRP D 55 -34.46 11.11 -22.17
CA TRP D 55 -35.41 12.10 -22.69
C TRP D 55 -34.73 12.97 -23.75
N ILE D 56 -35.35 13.05 -24.93
CA ILE D 56 -34.79 13.82 -26.05
C ILE D 56 -35.90 14.70 -26.63
N ARG D 57 -35.57 15.95 -26.90
CA ARG D 57 -36.47 16.87 -27.57
C ARG D 57 -35.87 17.35 -28.89
N GLN D 58 -36.77 17.62 -29.86
CA GLN D 58 -36.40 18.08 -31.19
C GLN D 58 -37.17 19.36 -31.49
N PRO D 59 -36.51 20.51 -31.43
CA PRO D 59 -37.18 21.75 -31.80
C PRO D 59 -37.56 21.71 -33.28
N PRO D 60 -38.65 22.37 -33.67
CA PRO D 60 -39.14 22.26 -35.05
C PRO D 60 -38.11 22.72 -36.06
N GLY D 61 -37.90 21.92 -37.10
CA GLY D 61 -36.91 22.25 -38.09
C GLY D 61 -35.51 22.34 -37.52
N LYS D 62 -35.24 21.60 -36.45
CA LYS D 62 -33.93 21.58 -35.83
C LYS D 62 -33.54 20.15 -35.53
N GLY D 63 -32.32 19.97 -35.02
CA GLY D 63 -31.82 18.67 -34.62
C GLY D 63 -32.18 18.31 -33.20
N LEU D 64 -31.82 17.09 -32.85
CA LEU D 64 -32.13 16.52 -31.53
C LEU D 64 -31.30 17.17 -30.46
N GLU D 65 -31.76 17.03 -29.21
CA GLU D 65 -31.06 17.56 -28.06
C GLU D 65 -31.35 16.68 -26.87
N TRP D 66 -30.32 16.32 -26.13
CA TRP D 66 -30.42 15.46 -24.95
C TRP D 66 -30.76 16.26 -23.71
N LEU D 67 -31.60 15.67 -22.86
CA LEU D 67 -32.03 16.36 -21.63
C LEU D 67 -31.57 15.65 -20.37
N GLY D 68 -31.80 14.36 -20.24
CA GLY D 68 -31.35 13.65 -19.05
C GLY D 68 -31.75 12.19 -19.13
N MET D 69 -31.37 11.44 -18.10
CA MET D 69 -31.70 10.02 -18.02
C MET D 69 -31.93 9.63 -16.56
N ILE D 70 -32.69 8.56 -16.37
CA ILE D 70 -32.91 7.96 -15.06
C ILE D 70 -32.39 6.52 -15.10
N TRP D 71 -31.45 6.20 -14.22
CA TRP D 71 -30.85 4.88 -14.22
C TRP D 71 -31.84 3.81 -13.71
N GLY D 72 -31.39 2.56 -13.80
CA GLY D 72 -32.19 1.46 -13.29
C GLY D 72 -32.37 1.49 -11.79
N ASP D 73 -31.34 1.91 -11.06
CA ASP D 73 -31.39 1.87 -9.62
C ASP D 73 -31.89 3.18 -9.02
N GLY D 74 -32.24 4.15 -9.84
CA GLY D 74 -32.79 5.42 -9.37
C GLY D 74 -31.83 6.59 -9.46
N SER D 75 -30.57 6.36 -9.79
CA SER D 75 -29.68 7.45 -10.04
C SER D 75 -30.11 8.20 -11.31
N THR D 76 -29.61 9.42 -11.47
CA THR D 76 -29.99 10.21 -12.63
C THR D 76 -28.90 11.22 -12.97
N ASP D 77 -28.87 11.60 -14.24
CA ASP D 77 -28.00 12.65 -14.75
C ASP D 77 -28.81 13.68 -15.54
N TYR D 78 -28.39 14.95 -15.42
CA TYR D 78 -29.11 16.05 -16.05
C TYR D 78 -28.18 16.84 -16.96
N ASN D 79 -28.79 17.53 -17.93
CA ASN D 79 -28.04 18.42 -18.82
C ASN D 79 -27.72 19.70 -18.11
N SER D 80 -26.47 20.14 -18.27
CA SER D 80 -26.00 21.35 -17.59
C SER D 80 -26.74 22.59 -18.07
N ALA D 81 -27.20 22.58 -19.31
CA ALA D 81 -27.86 23.73 -19.88
C ALA D 81 -29.15 24.06 -19.12
N LEU D 82 -29.86 23.04 -18.65
CA LEU D 82 -31.13 23.25 -17.97
C LEU D 82 -31.21 22.39 -16.71
N LYS D 83 -30.12 22.32 -15.96
CA LYS D 83 -30.08 21.41 -14.82
C LYS D 83 -30.91 21.87 -13.62
N SER D 84 -30.95 23.19 -13.38
CA SER D 84 -31.67 23.74 -12.22
C SER D 84 -33.16 23.48 -12.31
N ARG D 85 -33.76 23.63 -13.50
CA ARG D 85 -35.20 23.54 -13.65
C ARG D 85 -35.66 22.23 -14.28
N LEU D 86 -34.97 21.12 -14.02
CA LEU D 86 -35.35 19.82 -14.55
C LEU D 86 -35.40 18.82 -13.42
N SER D 87 -36.37 17.90 -13.53
CA SER D 87 -36.51 16.81 -12.56
C SER D 87 -37.12 15.61 -13.25
N ILE D 88 -36.65 14.41 -12.88
CA ILE D 88 -37.13 13.15 -13.43
C ILE D 88 -37.37 12.17 -12.30
N THR D 89 -38.56 11.53 -12.30
CA THR D 89 -38.95 10.60 -11.25
C THR D 89 -39.38 9.29 -11.88
N LYS D 90 -39.21 8.21 -11.12
CA LYS D 90 -39.50 6.86 -11.62
C LYS D 90 -40.36 6.08 -10.63
N ASP D 91 -41.13 5.12 -11.16
CA ASP D 91 -41.86 4.19 -10.29
C ASP D 91 -41.97 2.88 -11.07
N ASN D 92 -41.02 1.97 -10.81
CA ASN D 92 -40.92 0.72 -11.57
C ASN D 92 -42.09 -0.21 -11.32
N SER D 93 -42.79 -0.07 -10.21
CA SER D 93 -43.96 -0.89 -9.95
C SER D 93 -45.09 -0.56 -10.92
N LYS D 94 -45.30 0.73 -11.17
CA LYS D 94 -46.31 1.16 -12.14
C LYS D 94 -45.78 1.22 -13.57
N SER D 95 -44.47 1.12 -13.77
CA SER D 95 -43.84 1.08 -15.10
C SER D 95 -44.14 2.35 -15.89
N GLN D 96 -43.68 3.47 -15.34
CA GLN D 96 -43.81 4.76 -16.01
C GLN D 96 -42.79 5.70 -15.43
N VAL D 97 -42.44 6.73 -16.22
CA VAL D 97 -41.41 7.69 -15.84
C VAL D 97 -42.00 9.08 -16.05
N PHE D 98 -41.75 9.96 -15.08
CA PHE D 98 -42.28 11.30 -15.08
C PHE D 98 -41.20 12.32 -15.36
N LEU D 99 -41.61 13.45 -15.93
CA LEU D 99 -40.71 14.54 -16.26
C LEU D 99 -41.38 15.84 -15.85
N LYS D 100 -40.69 16.66 -15.09
CA LYS D 100 -41.28 17.94 -14.66
C LYS D 100 -40.27 19.07 -14.90
N MET D 101 -40.74 20.14 -15.52
CA MET D 101 -39.94 21.35 -15.75
C MET D 101 -40.69 22.53 -15.09
N ASN D 102 -40.00 23.23 -14.19
CA ASN D 102 -40.63 24.28 -13.40
C ASN D 102 -40.99 25.48 -14.26
N SER D 103 -40.07 25.94 -15.09
CA SER D 103 -40.29 27.13 -15.88
C SER D 103 -40.52 26.80 -17.35
N LEU D 104 -41.20 27.72 -18.04
CA LEU D 104 -41.53 27.55 -19.45
C LEU D 104 -41.23 28.84 -20.19
N GLN D 105 -40.78 28.71 -21.44
CA GLN D 105 -40.53 29.84 -22.32
C GLN D 105 -41.00 29.45 -23.72
N THR D 106 -41.05 30.43 -24.62
CA THR D 106 -41.44 30.16 -26.00
C THR D 106 -40.37 29.39 -26.75
N ASP D 107 -39.13 29.37 -26.24
CA ASP D 107 -38.11 28.54 -26.92
C ASP D 107 -38.33 27.07 -26.64
N ASP D 108 -38.96 26.74 -25.50
CA ASP D 108 -39.14 25.36 -25.09
C ASP D 108 -40.36 24.73 -25.77
N THR D 109 -40.33 24.77 -27.09
CA THR D 109 -41.39 24.19 -27.91
C THR D 109 -40.75 23.15 -28.82
N ALA D 110 -41.04 21.88 -28.57
CA ALA D 110 -40.40 20.81 -29.32
C ALA D 110 -41.21 19.54 -29.13
N ARG D 111 -40.82 18.50 -29.87
CA ARG D 111 -41.41 17.16 -29.71
C ARG D 111 -40.55 16.37 -28.73
N TYR D 112 -41.17 15.73 -27.74
CA TYR D 112 -40.46 15.09 -26.61
C TYR D 112 -40.57 13.58 -26.71
N TYR D 113 -39.42 12.90 -26.70
CA TYR D 113 -39.33 11.44 -26.77
C TYR D 113 -38.85 10.86 -25.44
N CYS D 114 -39.05 9.53 -25.28
CA CYS D 114 -38.41 8.76 -24.23
C CYS D 114 -37.74 7.57 -24.89
N ALA D 115 -36.51 7.29 -24.52
CA ALA D 115 -35.72 6.25 -25.17
C ALA D 115 -35.18 5.24 -24.19
N ARG D 116 -34.34 4.32 -24.65
CA ARG D 116 -33.79 3.26 -23.79
C ARG D 116 -32.32 3.06 -24.13
N ASP D 117 -31.54 2.78 -23.10
CA ASP D 117 -30.12 2.48 -23.29
C ASP D 117 -29.88 0.99 -23.48
N ARG D 118 -28.59 0.63 -23.61
CA ARG D 118 -28.14 -0.74 -23.73
C ARG D 118 -27.96 -1.42 -22.37
N SER D 119 -28.00 -0.66 -21.28
CA SER D 119 -27.87 -1.20 -19.94
C SER D 119 -28.64 -0.33 -18.97
N TYR D 120 -28.36 -0.50 -17.67
CA TYR D 120 -29.00 0.37 -16.71
C TYR D 120 -28.25 1.66 -16.51
N GLY D 121 -27.03 1.80 -17.07
CA GLY D 121 -26.29 3.04 -17.05
C GLY D 121 -24.82 2.84 -16.76
N GLY D 122 -24.07 3.96 -16.77
CA GLY D 122 -22.66 3.94 -16.44
C GLY D 122 -21.74 3.53 -17.54
N SER D 123 -22.20 3.52 -18.79
CA SER D 123 -21.30 3.22 -19.90
C SER D 123 -21.82 3.96 -21.12
N SER D 124 -20.93 4.12 -22.12
CA SER D 124 -21.31 4.74 -23.38
C SER D 124 -22.49 4.01 -23.98
N ALA D 125 -23.50 4.76 -24.39
CA ALA D 125 -24.78 4.21 -24.76
C ALA D 125 -25.19 4.66 -26.15
N TRP D 126 -25.96 3.79 -26.79
CA TRP D 126 -26.69 4.10 -28.01
C TRP D 126 -28.16 3.76 -27.82
N PHE D 127 -29.05 4.69 -28.13
CA PHE D 127 -30.46 4.52 -27.85
C PHE D 127 -31.07 3.58 -28.86
N GLY D 128 -31.53 2.42 -28.39
CA GLY D 128 -31.94 1.33 -29.23
C GLY D 128 -33.37 1.40 -29.73
N TYR D 129 -34.31 1.45 -28.81
CA TYR D 129 -35.74 1.46 -29.14
C TYR D 129 -36.33 2.82 -28.79
N TRP D 130 -37.06 3.41 -29.75
CA TRP D 130 -37.57 4.75 -29.58
C TRP D 130 -39.08 4.74 -29.34
N GLY D 131 -39.55 5.77 -28.63
CA GLY D 131 -40.98 5.99 -28.44
C GLY D 131 -41.55 6.90 -29.53
N GLN D 132 -42.88 7.01 -29.55
CA GLN D 132 -43.52 7.76 -30.62
C GLN D 132 -43.25 9.26 -30.47
N GLY D 133 -43.41 9.81 -29.28
CA GLY D 133 -43.12 11.22 -29.09
C GLY D 133 -44.31 12.12 -29.35
N THR D 134 -44.66 12.97 -28.40
CA THR D 134 -45.78 13.88 -28.49
C THR D 134 -45.31 15.33 -28.65
N LEU D 135 -46.17 16.14 -29.22
CA LEU D 135 -45.86 17.53 -29.50
C LEU D 135 -46.44 18.42 -28.40
N VAL D 136 -45.62 19.34 -27.90
CA VAL D 136 -46.01 20.25 -26.84
C VAL D 136 -45.79 21.66 -27.34
N THR D 137 -46.82 22.49 -27.28
CA THR D 137 -46.72 23.88 -27.61
C THR D 137 -47.08 24.72 -26.38
N VAL D 138 -46.30 25.75 -26.10
CA VAL D 138 -46.50 26.60 -24.94
C VAL D 138 -46.75 28.02 -25.42
N SER D 139 -47.86 28.61 -24.98
CA SER D 139 -48.27 29.94 -25.40
C SER D 139 -49.37 30.45 -24.49
N ALA D 140 -49.56 31.75 -24.49
CA ALA D 140 -50.65 32.35 -23.74
C ALA D 140 -51.82 32.75 -24.66
N ASP E 20 -20.24 17.95 -24.69
CA ASP E 20 -20.08 19.28 -25.25
C ASP E 20 -19.28 19.22 -26.53
N ILE E 21 -19.00 17.99 -26.97
CA ILE E 21 -18.32 17.78 -28.24
C ILE E 21 -19.22 18.26 -29.37
N GLN E 22 -18.67 19.07 -30.24
CA GLN E 22 -19.45 19.68 -31.31
C GLN E 22 -19.38 18.80 -32.55
N MET E 23 -20.54 18.25 -32.97
CA MET E 23 -20.65 17.38 -34.13
C MET E 23 -21.06 18.25 -35.32
N THR E 24 -20.38 18.10 -36.43
CA THR E 24 -20.64 18.86 -37.62
C THR E 24 -20.84 17.94 -38.82
N GLN E 25 -21.86 18.26 -39.62
CA GLN E 25 -22.11 17.62 -40.91
C GLN E 25 -22.04 18.71 -41.98
N THR E 26 -21.21 18.49 -42.99
CA THR E 26 -20.98 19.48 -44.05
C THR E 26 -22.23 19.83 -44.86
N THR E 27 -22.82 18.84 -45.50
CA THR E 27 -23.98 19.06 -46.35
C THR E 27 -25.26 18.93 -45.53
N SER E 28 -26.31 19.57 -46.03
CA SER E 28 -27.66 19.50 -45.47
C SER E 28 -28.70 19.00 -46.45
N SER E 29 -28.33 18.74 -47.71
CA SER E 29 -29.24 18.17 -48.69
C SER E 29 -28.48 17.43 -49.77
N LEU E 30 -29.12 16.40 -50.32
CA LEU E 30 -28.55 15.58 -51.37
C LEU E 30 -29.68 14.94 -52.19
N SER E 31 -29.40 14.68 -53.47
CA SER E 31 -30.35 14.12 -54.42
C SER E 31 -29.68 13.04 -55.24
N ALA E 32 -30.41 11.95 -55.47
CA ALA E 32 -29.86 10.82 -56.19
C ALA E 32 -30.99 10.01 -56.77
N SER E 33 -30.64 9.10 -57.67
CA SER E 33 -31.61 8.27 -58.38
C SER E 33 -31.54 6.83 -57.88
N LEU E 34 -32.55 6.05 -58.27
CA LEU E 34 -32.59 4.65 -57.86
C LEU E 34 -31.42 3.90 -58.46
N GLY E 35 -30.83 3.01 -57.65
CA GLY E 35 -29.64 2.25 -58.03
C GLY E 35 -28.32 2.99 -57.93
N ASP E 36 -28.30 4.18 -57.37
CA ASP E 36 -27.10 4.94 -57.17
C ASP E 36 -26.67 4.93 -55.70
N ARG E 37 -25.37 4.93 -55.48
CA ARG E 37 -24.80 5.01 -54.16
C ARG E 37 -24.38 6.43 -53.81
N VAL E 38 -24.48 6.75 -52.52
CA VAL E 38 -24.14 8.07 -51.97
C VAL E 38 -23.42 7.85 -50.65
N THR E 39 -22.86 8.93 -50.13
CA THR E 39 -22.08 8.88 -48.91
C THR E 39 -22.37 10.12 -48.07
N ILE E 40 -22.50 9.92 -46.74
CA ILE E 40 -22.77 10.98 -45.78
C ILE E 40 -21.64 11.01 -44.75
N SER E 41 -21.07 12.17 -44.54
CA SER E 41 -19.90 12.35 -43.67
C SER E 41 -20.26 13.17 -42.44
N CYS E 42 -19.65 12.84 -41.32
CA CYS E 42 -19.88 13.51 -40.05
C CYS E 42 -18.54 13.60 -39.33
N ARG E 43 -18.23 14.77 -38.78
CA ARG E 43 -16.91 15.00 -38.17
C ARG E 43 -17.04 15.58 -36.77
N ALA E 44 -16.14 15.16 -35.89
CA ALA E 44 -16.18 15.48 -34.49
C ALA E 44 -15.01 16.41 -34.14
N SER E 45 -15.10 17.01 -32.96
CA SER E 45 -14.03 17.88 -32.44
C SER E 45 -12.89 17.08 -31.78
N HIS E 46 -13.24 16.30 -30.80
CA HIS E 46 -12.28 15.48 -30.07
C HIS E 46 -12.16 14.12 -30.77
N ASP E 47 -11.54 13.14 -30.10
CA ASP E 47 -11.47 11.75 -30.56
C ASP E 47 -12.38 10.93 -29.67
N ILE E 48 -13.36 10.27 -30.29
CA ILE E 48 -14.39 9.58 -29.55
C ILE E 48 -14.18 8.07 -29.51
N SER E 49 -13.09 7.57 -30.07
CA SER E 49 -12.72 6.15 -29.96
C SER E 49 -13.80 5.23 -30.55
N ASN E 50 -14.18 5.51 -31.80
CA ASN E 50 -15.12 4.68 -32.53
C ASN E 50 -16.45 4.54 -31.79
N TYR E 51 -16.95 5.65 -31.24
CA TYR E 51 -18.28 5.71 -30.63
C TYR E 51 -19.10 6.65 -31.47
N LEU E 52 -19.71 6.10 -32.51
CA LEU E 52 -20.61 6.86 -33.36
C LEU E 52 -21.80 6.02 -33.77
N ASN E 53 -22.93 6.69 -33.92
CA ASN E 53 -24.18 6.03 -34.27
C ASN E 53 -24.89 6.81 -35.35
N TRP E 54 -25.65 6.11 -36.18
CA TRP E 54 -26.41 6.76 -37.25
C TRP E 54 -27.89 6.44 -37.10
N TYR E 55 -28.72 7.43 -37.24
CA TYR E 55 -30.18 7.28 -37.12
C TYR E 55 -30.84 7.61 -38.46
N GLN E 56 -32.17 7.48 -38.50
CA GLN E 56 -32.95 7.78 -39.69
C GLN E 56 -34.31 8.33 -39.28
N GLN E 57 -34.55 9.59 -39.59
CA GLN E 57 -35.83 10.22 -39.22
C GLN E 57 -36.63 10.44 -40.48
N LYS E 58 -37.45 9.46 -40.83
CA LYS E 58 -38.45 9.60 -41.86
C LYS E 58 -39.59 10.50 -41.34
N PRO E 59 -40.41 11.04 -42.24
CA PRO E 59 -41.55 11.85 -41.82
C PRO E 59 -42.51 11.06 -40.92
N ASP E 60 -43.28 11.83 -40.15
CA ASP E 60 -44.14 11.40 -39.04
C ASP E 60 -43.34 11.03 -37.81
N GLY E 61 -42.07 11.43 -37.72
CA GLY E 61 -41.35 11.33 -36.47
C GLY E 61 -40.99 9.93 -36.04
N THR E 62 -40.83 8.98 -36.98
CA THR E 62 -40.35 7.66 -36.64
C THR E 62 -38.83 7.69 -36.62
N LEU E 63 -38.24 7.38 -35.47
CA LEU E 63 -36.80 7.35 -35.32
C LEU E 63 -36.33 5.92 -35.13
N LYS E 64 -35.25 5.59 -35.83
CA LYS E 64 -34.77 4.23 -35.82
C LYS E 64 -33.25 4.22 -35.79
N LEU E 65 -32.71 3.17 -35.18
CA LEU E 65 -31.29 2.99 -35.04
C LEU E 65 -30.80 2.14 -36.21
N LEU E 66 -29.76 2.64 -36.91
CA LEU E 66 -29.19 2.01 -38.08
C LEU E 66 -27.85 1.33 -37.78
N ILE E 67 -26.90 2.06 -37.20
CA ILE E 67 -25.51 1.63 -37.02
C ILE E 67 -25.01 2.09 -35.67
N TYR E 68 -24.25 1.24 -34.98
CA TYR E 68 -23.65 1.62 -33.72
C TYR E 68 -22.18 1.18 -33.73
N TYR E 69 -21.39 1.85 -32.88
CA TYR E 69 -19.96 1.65 -32.78
C TYR E 69 -19.21 1.87 -34.10
N THR E 70 -19.85 2.64 -34.97
CA THR E 70 -19.29 3.14 -36.23
C THR E 70 -19.12 2.04 -37.28
N SER E 71 -19.25 0.79 -36.92
CA SER E 71 -19.08 -0.31 -37.87
C SER E 71 -20.13 -1.41 -37.80
N ARG E 72 -20.84 -1.58 -36.65
CA ARG E 72 -21.75 -2.70 -36.50
C ARG E 72 -23.11 -2.36 -37.04
N LEU E 73 -23.87 -3.39 -37.40
CA LEU E 73 -25.19 -3.24 -37.99
C LEU E 73 -26.26 -3.73 -37.00
N HIS E 74 -27.20 -2.86 -36.70
CA HIS E 74 -28.30 -3.21 -35.79
C HIS E 74 -29.17 -4.30 -36.40
N SER E 75 -29.66 -5.16 -35.55
CA SER E 75 -30.60 -6.18 -36.01
C SER E 75 -31.89 -5.51 -36.50
N GLY E 76 -32.29 -5.85 -37.72
CA GLY E 76 -33.45 -5.25 -38.32
C GLY E 76 -33.13 -4.19 -39.36
N VAL E 77 -31.84 -3.96 -39.65
CA VAL E 77 -31.43 -2.97 -40.62
C VAL E 77 -30.99 -3.69 -41.89
N PRO E 78 -31.37 -3.26 -43.10
CA PRO E 78 -30.91 -3.95 -44.30
C PRO E 78 -29.41 -3.94 -44.41
N SER E 79 -28.85 -5.03 -44.98
CA SER E 79 -27.41 -5.16 -45.08
C SER E 79 -26.76 -4.15 -46.04
N ARG E 80 -27.55 -3.50 -46.90
CA ARG E 80 -26.98 -2.55 -47.84
C ARG E 80 -26.32 -1.37 -47.13
N PHE E 81 -26.80 -1.05 -45.94
CA PHE E 81 -26.23 0.05 -45.18
C PHE E 81 -24.85 -0.34 -44.66
N SER E 82 -23.89 0.57 -44.81
CA SER E 82 -22.55 0.29 -44.35
C SER E 82 -21.85 1.60 -44.04
N GLY E 83 -20.99 1.58 -43.04
CA GLY E 83 -20.27 2.76 -42.61
C GLY E 83 -19.07 2.39 -41.78
N SER E 84 -18.01 3.22 -41.90
CA SER E 84 -16.76 2.95 -41.21
C SER E 84 -15.94 4.23 -41.13
N GLY E 85 -15.03 4.23 -40.15
CA GLY E 85 -14.18 5.40 -39.94
C GLY E 85 -13.46 5.25 -38.61
N SER E 86 -12.52 6.17 -38.40
CA SER E 86 -11.74 6.23 -37.15
C SER E 86 -11.25 7.68 -36.94
N GLY E 87 -10.94 7.99 -35.69
CA GLY E 87 -10.37 9.28 -35.36
C GLY E 87 -11.41 10.38 -35.17
N THR E 88 -11.46 11.37 -36.08
CA THR E 88 -12.49 12.39 -36.06
C THR E 88 -13.39 12.41 -37.30
N ASP E 89 -13.12 11.55 -38.29
CA ASP E 89 -13.89 11.53 -39.52
C ASP E 89 -14.55 10.17 -39.69
N TYR E 90 -15.85 10.17 -39.96
CA TYR E 90 -16.61 8.95 -40.22
C TYR E 90 -17.50 9.22 -41.41
N SER E 91 -17.97 8.15 -42.03
CA SER E 91 -18.85 8.24 -43.18
C SER E 91 -19.87 7.13 -43.12
N LEU E 92 -20.99 7.32 -43.85
CA LEU E 92 -22.02 6.30 -44.02
C LEU E 92 -22.31 6.20 -45.51
N THR E 93 -22.34 4.98 -46.02
CA THR E 93 -22.51 4.70 -47.44
C THR E 93 -23.86 4.03 -47.67
N ILE E 94 -24.65 4.59 -48.59
CA ILE E 94 -25.94 4.04 -48.96
C ILE E 94 -25.80 3.52 -50.39
N SER E 95 -25.95 2.22 -50.57
CA SER E 95 -25.88 1.61 -51.88
C SER E 95 -27.24 1.06 -52.28
N ASN E 96 -27.55 1.12 -53.57
CA ASN E 96 -28.85 0.73 -54.11
C ASN E 96 -29.97 1.54 -53.45
N LEU E 97 -29.93 2.85 -53.70
CA LEU E 97 -30.90 3.78 -53.11
C LEU E 97 -32.30 3.43 -53.58
N GLU E 98 -33.21 3.37 -52.62
CA GLU E 98 -34.60 2.98 -52.86
C GLU E 98 -35.51 3.99 -52.19
N GLN E 99 -36.72 4.11 -52.71
CA GLN E 99 -37.64 5.14 -52.24
C GLN E 99 -37.97 5.00 -50.77
N GLU E 100 -37.70 3.85 -50.15
CA GLU E 100 -37.92 3.71 -48.70
C GLU E 100 -36.90 4.53 -47.90
N ASP E 101 -35.73 4.79 -48.45
CA ASP E 101 -34.64 5.44 -47.74
C ASP E 101 -34.66 6.97 -47.93
N VAL E 102 -35.83 7.59 -48.12
CA VAL E 102 -35.96 9.04 -48.23
C VAL E 102 -36.25 9.55 -46.83
N ALA E 103 -35.22 10.02 -46.15
CA ALA E 103 -35.37 10.48 -44.78
C ALA E 103 -34.17 11.36 -44.43
N THR E 104 -34.02 11.65 -43.15
CA THR E 104 -32.95 12.49 -42.62
C THR E 104 -32.08 11.69 -41.66
N TYR E 105 -30.77 11.76 -41.85
CA TYR E 105 -29.83 10.92 -41.12
C TYR E 105 -28.94 11.81 -40.26
N PHE E 106 -28.86 11.48 -38.96
CA PHE E 106 -28.05 12.21 -37.99
C PHE E 106 -26.91 11.34 -37.50
N CYS E 107 -25.93 11.97 -36.84
CA CYS E 107 -24.87 11.26 -36.13
C CYS E 107 -24.82 11.72 -34.68
N GLN E 108 -24.22 10.87 -33.85
CA GLN E 108 -24.18 11.09 -32.43
C GLN E 108 -22.87 10.55 -31.87
N GLN E 109 -22.35 11.23 -30.86
CA GLN E 109 -21.19 10.78 -30.11
C GLN E 109 -21.64 10.30 -28.73
N GLY E 110 -20.90 9.39 -28.14
CA GLY E 110 -21.23 8.83 -26.85
C GLY E 110 -20.06 8.71 -25.90
N ASN E 111 -18.90 9.23 -26.29
CA ASN E 111 -17.72 9.05 -25.46
C ASN E 111 -17.67 10.00 -24.27
N TYR E 112 -18.20 11.22 -24.41
CA TYR E 112 -18.23 12.20 -23.33
C TYR E 112 -19.61 12.80 -23.19
N LEU E 113 -19.95 13.18 -21.97
CA LEU E 113 -21.22 13.82 -21.63
C LEU E 113 -21.15 15.33 -21.87
N PRO E 114 -22.29 15.94 -22.23
CA PRO E 114 -23.56 15.32 -22.57
C PRO E 114 -23.60 14.90 -24.04
N TYR E 115 -24.39 13.90 -24.41
CA TYR E 115 -24.44 13.42 -25.78
C TYR E 115 -24.95 14.51 -26.71
N THR E 116 -24.33 14.63 -27.87
CA THR E 116 -24.63 15.70 -28.82
C THR E 116 -24.92 15.07 -30.17
N PHE E 117 -26.01 15.52 -30.81
CA PHE E 117 -26.46 14.99 -32.08
C PHE E 117 -25.87 15.79 -33.23
N GLY E 118 -26.38 15.57 -34.44
CA GLY E 118 -25.90 16.25 -35.62
C GLY E 118 -26.95 17.12 -36.28
N GLY E 119 -26.48 17.92 -37.23
CA GLY E 119 -27.37 18.83 -37.95
C GLY E 119 -28.39 18.11 -38.80
N GLY E 120 -27.98 17.07 -39.48
CA GLY E 120 -28.90 16.31 -40.27
C GLY E 120 -28.83 16.63 -41.75
N THR E 121 -28.85 15.61 -42.59
CA THR E 121 -28.86 15.77 -44.03
C THR E 121 -30.14 15.19 -44.61
N LYS E 122 -30.89 16.01 -45.35
CA LYS E 122 -32.08 15.57 -46.05
C LYS E 122 -31.68 14.89 -47.35
N LEU E 123 -32.08 13.63 -47.52
CA LEU E 123 -31.81 12.87 -48.74
C LEU E 123 -33.13 12.66 -49.48
N GLU E 124 -33.32 13.33 -50.62
CA GLU E 124 -34.49 13.20 -51.50
C GLU E 124 -34.09 12.50 -52.80
N ILE E 125 -35.10 12.22 -53.63
CA ILE E 125 -34.92 11.58 -54.93
C ILE E 125 -35.28 12.61 -56.00
N LYS E 126 -34.32 12.95 -56.87
CA LYS E 126 -34.54 13.93 -57.93
C LYS E 126 -33.68 13.59 -59.15
N SER F 44 -4.64 5.12 33.46
CA SER F 44 -5.27 4.51 32.29
C SER F 44 -4.28 4.37 31.15
N HIS F 45 -4.72 4.78 29.97
CA HIS F 45 -3.92 4.74 28.76
C HIS F 45 -3.79 6.14 28.18
N ILE F 46 -2.58 6.43 27.69
CA ILE F 46 -2.24 7.72 27.08
C ILE F 46 -1.90 7.47 25.63
N ASP F 47 -2.45 8.29 24.72
CA ASP F 47 -2.18 8.18 23.29
C ASP F 47 -1.18 9.25 22.83
N CYS F 48 -0.53 9.00 21.70
CA CYS F 48 0.38 9.98 21.14
C CYS F 48 -0.36 11.22 20.67
N ARG F 49 0.18 12.38 21.01
CA ARG F 49 -0.37 13.66 20.62
C ARG F 49 0.76 14.57 20.14
N MET F 50 0.48 15.35 19.10
CA MET F 50 1.47 16.24 18.47
C MET F 50 0.91 17.65 18.36
N SER F 51 1.82 18.62 18.29
CA SER F 51 1.44 20.02 18.27
C SER F 51 0.93 20.39 16.89
N PRO F 52 0.23 21.53 16.78
CA PRO F 52 -0.21 22.00 15.47
C PRO F 52 0.95 22.40 14.55
N TRP F 53 0.65 22.51 13.25
CA TRP F 53 1.61 22.85 12.23
C TRP F 53 2.04 24.31 12.35
N SER F 54 3.25 24.59 11.85
CA SER F 54 3.75 25.97 11.76
C SER F 54 3.47 26.51 10.36
N GLU F 55 3.98 27.69 10.05
CA GLU F 55 3.64 28.38 8.82
C GLU F 55 4.67 28.08 7.73
N TRP F 56 4.20 28.03 6.49
CA TRP F 56 5.06 27.72 5.37
C TRP F 56 6.10 28.82 5.17
N SER F 57 7.29 28.42 4.76
CA SER F 57 8.35 29.38 4.50
C SER F 57 8.26 29.86 3.05
N GLN F 58 9.19 30.74 2.67
CA GLN F 58 9.25 31.18 1.29
C GLN F 58 9.87 30.11 0.41
N CYS F 59 9.68 30.22 -0.90
CA CYS F 59 10.18 29.23 -1.85
C CYS F 59 11.68 29.35 -1.99
N ASP F 60 12.36 28.22 -1.84
CA ASP F 60 13.81 28.16 -2.05
C ASP F 60 14.11 28.20 -3.55
N PRO F 61 14.94 29.14 -4.01
CA PRO F 61 15.07 29.33 -5.47
C PRO F 61 15.78 28.17 -6.20
N CYS F 62 16.51 27.34 -5.47
CA CYS F 62 17.24 26.23 -6.09
C CYS F 62 16.59 24.87 -5.87
N LEU F 63 16.16 24.59 -4.66
CA LEU F 63 15.44 23.35 -4.37
C LEU F 63 14.04 23.36 -4.99
N ARG F 64 13.41 24.53 -5.04
CA ARG F 64 12.01 24.69 -5.48
C ARG F 64 11.07 23.96 -4.53
N GLN F 65 11.22 24.23 -3.22
CA GLN F 65 10.38 23.61 -2.23
C GLN F 65 10.15 24.64 -1.12
N MET F 66 9.13 24.38 -0.31
CA MET F 66 8.91 25.12 0.93
C MET F 66 8.66 24.12 2.05
N PHE F 67 8.97 24.54 3.27
CA PHE F 67 8.99 23.59 4.37
C PHE F 67 8.23 24.15 5.57
N ARG F 68 7.72 23.26 6.40
CA ARG F 68 7.11 23.59 7.68
C ARG F 68 7.33 22.40 8.63
N SER F 69 7.06 22.63 9.91
CA SER F 69 7.37 21.62 10.91
C SER F 69 6.45 21.76 12.11
N ARG F 70 6.38 20.68 12.92
CA ARG F 70 5.64 20.68 14.16
C ARG F 70 6.45 20.04 15.27
N SER F 71 5.83 19.72 16.39
CA SER F 71 6.51 19.12 17.52
C SER F 71 5.65 18.04 18.12
N ILE F 72 6.24 17.27 19.02
CA ILE F 72 5.57 16.20 19.76
C ILE F 72 5.38 16.64 21.20
N GLU F 73 4.22 16.33 21.75
CA GLU F 73 3.91 16.70 23.11
C GLU F 73 4.00 15.52 24.08
N VAL F 74 3.32 14.40 23.80
CA VAL F 74 3.34 13.23 24.67
C VAL F 74 3.53 11.97 23.83
N PHE F 75 4.33 11.03 24.33
CA PHE F 75 4.45 9.71 23.74
C PHE F 75 3.39 8.79 24.31
N GLY F 76 3.00 7.78 23.52
CA GLY F 76 2.07 6.78 24.00
C GLY F 76 2.67 6.02 25.15
N GLN F 77 1.83 5.65 26.11
CA GLN F 77 2.29 4.84 27.22
C GLN F 77 1.12 4.01 27.72
N PHE F 78 1.42 2.87 28.33
CA PHE F 78 0.41 1.99 28.91
C PHE F 78 -0.60 1.55 27.86
N ASN F 79 -0.08 0.81 26.88
CA ASN F 79 -0.88 0.28 25.78
C ASN F 79 -1.54 1.39 24.96
N GLY F 80 -0.85 2.53 24.83
CA GLY F 80 -1.30 3.60 23.97
C GLY F 80 -0.71 3.50 22.56
N LYS F 81 -1.14 4.45 21.72
CA LYS F 81 -0.70 4.50 20.33
C LYS F 81 0.67 5.13 20.22
N ARG F 82 1.59 4.42 19.58
CA ARG F 82 2.94 4.94 19.43
C ARG F 82 2.94 6.09 18.42
N CYS F 83 3.95 6.94 18.53
CA CYS F 83 4.00 8.12 17.68
C CYS F 83 4.50 7.76 16.28
N THR F 84 3.95 8.46 15.30
CA THR F 84 4.36 8.30 13.91
C THR F 84 5.61 9.07 13.56
N ASP F 85 6.01 10.02 14.40
CA ASP F 85 7.27 10.78 14.27
C ASP F 85 7.33 11.57 12.97
N ALA F 86 6.18 12.01 12.46
CA ALA F 86 6.13 12.91 11.30
C ALA F 86 6.26 14.33 11.77
N VAL F 87 7.49 14.85 11.74
CA VAL F 87 7.78 16.21 12.21
C VAL F 87 8.14 17.15 11.07
N GLY F 88 7.95 16.74 9.81
CA GLY F 88 8.27 17.60 8.69
C GLY F 88 7.20 17.59 7.63
N ASP F 89 7.36 18.51 6.67
CA ASP F 89 6.48 18.61 5.52
C ASP F 89 7.24 19.32 4.41
N ARG F 90 6.99 18.94 3.16
CA ARG F 90 7.60 19.63 2.04
C ARG F 90 6.64 19.60 0.85
N ARG F 91 6.78 20.61 0.00
CA ARG F 91 5.89 20.80 -1.14
C ARG F 91 6.53 21.69 -2.19
N GLN F 92 6.37 21.34 -3.48
CA GLN F 92 7.02 22.05 -4.56
C GLN F 92 6.36 23.39 -4.83
N CYS F 93 7.17 24.36 -5.20
CA CYS F 93 6.78 25.74 -5.41
C CYS F 93 7.38 26.25 -6.72
N VAL F 94 7.20 27.53 -7.02
CA VAL F 94 7.77 28.19 -8.19
C VAL F 94 8.63 29.35 -7.70
N PRO F 95 9.93 29.40 -8.04
CA PRO F 95 10.77 30.52 -7.59
C PRO F 95 10.51 31.77 -8.41
N THR F 96 10.91 32.90 -7.80
CA THR F 96 10.83 34.16 -8.53
C THR F 96 12.10 34.45 -9.35
N GLU F 97 13.29 34.17 -8.81
CA GLU F 97 14.56 34.40 -9.49
C GLU F 97 15.22 33.08 -9.84
N PRO F 98 15.91 33.00 -10.98
CA PRO F 98 16.59 31.76 -11.34
C PRO F 98 17.71 31.43 -10.38
N CYS F 99 17.97 30.13 -10.25
CA CYS F 99 18.94 29.66 -9.27
C CYS F 99 20.33 29.68 -9.91
N GLU F 100 21.20 30.55 -9.45
CA GLU F 100 22.57 30.69 -9.88
C GLU F 100 23.44 30.10 -8.78
N ASP F 101 23.87 28.85 -8.98
CA ASP F 101 24.66 28.07 -8.02
C ASP F 101 25.99 27.69 -8.65
N ALA F 102 27.08 28.02 -7.97
CA ALA F 102 28.40 27.71 -8.47
C ALA F 102 29.40 27.64 -7.32
N GLU F 103 30.53 26.97 -7.56
CA GLU F 103 31.64 26.98 -6.64
C GLU F 103 32.92 27.27 -7.41
N ASP F 104 33.92 27.82 -6.71
CA ASP F 104 35.16 28.20 -7.36
C ASP F 104 35.89 26.97 -7.89
N ASP F 105 36.45 27.08 -9.09
CA ASP F 105 37.21 25.98 -9.67
C ASP F 105 38.60 25.86 -9.03
N CYS F 106 39.26 24.72 -9.31
CA CYS F 106 40.55 24.40 -8.70
C CYS F 106 41.59 25.45 -9.03
N GLY F 107 41.62 25.93 -10.27
CA GLY F 107 42.68 26.81 -10.74
C GLY F 107 43.86 26.05 -11.29
N ASN F 108 44.99 26.13 -10.61
CA ASN F 108 46.18 25.39 -11.01
C ASN F 108 46.14 23.93 -10.60
N ASP F 109 45.13 23.55 -9.83
CA ASP F 109 44.93 22.15 -9.44
C ASP F 109 44.11 21.42 -10.51
N PHE F 110 44.18 20.10 -10.48
CA PHE F 110 43.39 19.28 -11.38
C PHE F 110 41.92 19.27 -10.92
N GLN F 111 41.03 19.12 -11.89
CA GLN F 111 39.60 19.09 -11.61
C GLN F 111 39.08 17.68 -11.88
N CYS F 112 38.73 16.97 -10.82
CA CYS F 112 38.18 15.64 -10.99
C CYS F 112 36.77 15.75 -11.53
N SER F 113 36.28 14.65 -12.10
CA SER F 113 34.92 14.61 -12.63
C SER F 113 33.85 14.71 -11.55
N THR F 114 34.17 14.41 -10.30
CA THR F 114 33.23 14.54 -9.21
C THR F 114 33.32 15.89 -8.51
N GLY F 115 34.27 16.73 -8.92
CA GLY F 115 34.41 18.06 -8.36
C GLY F 115 35.56 18.21 -7.39
N ARG F 116 36.14 17.12 -6.93
CA ARG F 116 37.19 17.16 -5.93
C ARG F 116 38.54 17.58 -6.52
N CYS F 117 39.10 18.69 -6.02
CA CYS F 117 40.36 19.21 -6.55
C CYS F 117 41.55 18.47 -5.96
N ILE F 118 42.45 18.02 -6.84
CA ILE F 118 43.68 17.40 -6.42
C ILE F 118 44.85 18.09 -7.13
N LYS F 119 46.03 17.89 -6.56
CA LYS F 119 47.23 18.58 -7.04
C LYS F 119 47.72 17.97 -8.34
N MET F 120 48.49 18.75 -9.09
CA MET F 120 48.93 18.32 -10.41
C MET F 120 49.95 17.21 -10.34
N ARG F 121 50.77 17.20 -9.28
CA ARG F 121 51.77 16.12 -9.12
C ARG F 121 51.11 14.74 -8.97
N LEU F 122 49.83 14.71 -8.64
CA LEU F 122 49.07 13.47 -8.52
C LEU F 122 48.34 13.11 -9.82
N ARG F 123 48.68 13.75 -10.94
CA ARG F 123 47.90 13.53 -12.17
C ARG F 123 48.03 12.10 -12.66
N CYS F 124 49.23 11.56 -12.59
CA CYS F 124 49.52 10.21 -13.04
C CYS F 124 50.49 9.57 -12.07
N ASN F 125 50.01 8.67 -11.24
CA ASN F 125 50.84 7.95 -10.29
C ASN F 125 50.17 6.59 -10.07
N GLY F 126 50.55 5.92 -8.98
CA GLY F 126 50.02 4.59 -8.70
C GLY F 126 48.75 4.54 -7.90
N ASP F 127 48.11 5.67 -7.61
CA ASP F 127 46.95 5.68 -6.71
C ASP F 127 45.82 6.47 -7.35
N ASN F 128 44.60 6.12 -6.91
CA ASN F 128 43.37 6.80 -7.29
C ASN F 128 43.03 7.88 -6.27
N ASP F 129 42.93 9.13 -6.72
CA ASP F 129 42.60 10.26 -5.87
C ASP F 129 41.27 10.91 -6.19
N CYS F 130 40.81 10.85 -7.46
CA CYS F 130 39.53 11.41 -7.84
C CYS F 130 38.36 10.62 -7.26
N GLY F 131 38.59 9.39 -6.86
CA GLY F 131 37.50 8.54 -6.39
C GLY F 131 36.91 7.60 -7.40
N ASP F 132 37.25 7.76 -8.67
CA ASP F 132 36.78 6.85 -9.70
C ASP F 132 37.84 6.62 -10.76
N PHE F 133 39.13 6.83 -10.44
CA PHE F 133 40.23 6.65 -11.37
C PHE F 133 40.09 7.62 -12.56
N SER F 134 39.67 8.85 -12.28
CA SER F 134 39.56 9.88 -13.31
C SER F 134 40.93 10.41 -13.70
N ASP F 135 41.90 10.32 -12.80
CA ASP F 135 43.23 10.84 -13.08
C ASP F 135 44.13 9.80 -13.77
N GLU F 136 43.80 8.50 -13.67
CA GLU F 136 44.60 7.46 -14.27
C GLU F 136 44.28 7.22 -15.75
N ASP F 137 43.35 7.96 -16.31
CA ASP F 137 42.94 7.73 -17.70
C ASP F 137 43.80 8.45 -18.72
N ASP F 138 44.78 9.21 -18.31
CA ASP F 138 45.68 9.91 -19.21
C ASP F 138 47.12 9.78 -18.73
N CYS F 139 47.56 8.56 -18.41
CA CYS F 139 48.97 8.36 -18.10
C CYS F 139 49.74 8.22 -19.42
N GLU F 140 50.53 9.24 -19.78
CA GLU F 140 51.27 9.21 -21.03
C GLU F 140 52.28 8.07 -21.07
N SER F 141 53.28 8.13 -20.19
CA SER F 141 54.42 7.24 -20.26
C SER F 141 55.16 7.32 -18.94
N GLU F 142 56.03 6.32 -18.71
CA GLU F 142 56.88 6.25 -17.52
C GLU F 142 56.08 6.35 -16.23
N PRO F 143 55.29 5.35 -15.88
CA PRO F 143 54.58 5.39 -14.58
C PRO F 143 55.56 5.50 -13.43
N ARG F 144 55.16 6.26 -12.41
CA ARG F 144 55.96 6.49 -11.20
C ARG F 144 55.17 6.13 -9.95
N PRO F 145 55.15 4.85 -9.55
CA PRO F 145 54.49 4.49 -8.30
C PRO F 145 55.15 5.19 -7.11
N PRO F 146 54.37 5.57 -6.08
CA PRO F 146 54.98 6.30 -4.94
C PRO F 146 55.79 5.43 -3.96
N CYS F 147 55.32 4.18 -3.71
CA CYS F 147 55.96 3.35 -2.71
C CYS F 147 57.25 2.72 -3.22
N ARG F 148 57.49 2.77 -4.53
CA ARG F 148 58.72 2.28 -5.15
C ARG F 148 58.97 0.80 -4.87
N ASP F 149 58.04 -0.01 -5.36
CA ASP F 149 58.09 -1.48 -5.45
C ASP F 149 58.06 -2.17 -4.07
N ARG F 150 58.11 -1.41 -2.97
CA ARG F 150 58.04 -2.01 -1.65
C ARG F 150 56.74 -2.76 -1.48
N VAL F 151 56.78 -3.84 -0.71
CA VAL F 151 55.64 -4.75 -0.55
C VAL F 151 54.85 -4.29 0.68
N VAL F 152 53.67 -3.71 0.42
CA VAL F 152 52.75 -3.21 1.43
C VAL F 152 51.34 -3.68 1.07
N GLU F 153 50.45 -3.60 2.06
CA GLU F 153 49.10 -4.10 1.93
C GLU F 153 48.12 -3.04 2.40
N GLU F 154 46.92 -3.08 1.82
CA GLU F 154 45.81 -2.21 2.27
C GLU F 154 45.26 -2.75 3.56
N SER F 155 45.37 -2.00 4.63
CA SER F 155 44.91 -2.43 5.93
C SER F 155 43.39 -2.29 5.99
N GLU F 156 42.70 -3.39 6.28
CA GLU F 156 41.24 -3.32 6.40
C GLU F 156 40.81 -2.65 7.71
N LEU F 157 41.68 -2.65 8.72
CA LEU F 157 41.37 -2.00 9.98
C LEU F 157 41.21 -0.51 9.82
N ALA F 158 42.10 0.13 9.05
CA ALA F 158 42.07 1.57 8.85
C ALA F 158 41.22 1.99 7.66
N ARG F 159 40.70 1.05 6.89
CA ARG F 159 39.96 1.41 5.68
C ARG F 159 38.58 1.92 6.01
N THR F 160 38.02 1.55 7.16
CA THR F 160 36.69 1.93 7.56
C THR F 160 36.72 2.77 8.86
N ALA F 161 37.87 3.31 9.24
CA ALA F 161 37.95 4.07 10.48
C ALA F 161 37.20 5.40 10.37
N GLY F 162 36.61 5.83 11.47
CA GLY F 162 35.96 7.12 11.55
C GLY F 162 34.45 7.02 11.51
N TYR F 163 33.91 6.10 12.28
CA TYR F 163 32.48 5.83 12.24
C TYR F 163 31.67 7.01 12.78
N GLY F 164 30.58 7.32 12.10
CA GLY F 164 29.61 8.27 12.63
C GLY F 164 28.73 7.60 13.66
N ILE F 165 28.48 8.30 14.75
CA ILE F 165 27.81 7.68 15.91
C ILE F 165 26.59 8.52 16.29
N ASN F 166 25.43 7.89 16.36
CA ASN F 166 24.25 8.55 16.87
C ASN F 166 24.31 8.68 18.38
N ILE F 167 23.94 9.86 18.88
CA ILE F 167 24.11 10.12 20.30
C ILE F 167 23.12 9.32 21.13
N LEU F 168 21.93 9.05 20.60
CA LEU F 168 20.92 8.27 21.30
C LEU F 168 21.00 6.83 20.81
N GLY F 169 21.42 5.93 21.70
CA GLY F 169 21.58 4.53 21.36
C GLY F 169 22.99 4.11 21.03
N MET F 170 23.88 5.05 20.68
CA MET F 170 25.28 4.77 20.39
C MET F 170 25.46 3.71 19.32
N ASP F 171 24.63 3.76 18.30
CA ASP F 171 24.81 2.83 17.18
C ASP F 171 25.73 3.44 16.13
N PRO F 172 26.85 2.78 15.81
CA PRO F 172 27.77 3.35 14.82
C PRO F 172 27.18 3.34 13.41
N LEU F 173 27.68 4.26 12.58
CA LEU F 173 27.25 4.36 11.20
C LEU F 173 28.48 4.33 10.27
N SER F 174 28.25 4.49 8.97
CA SER F 174 29.36 4.42 8.02
C SER F 174 30.19 5.71 8.11
N THR F 175 31.48 5.57 7.85
CA THR F 175 32.43 6.66 8.02
C THR F 175 32.18 7.71 6.93
N PRO F 176 32.22 8.99 7.27
CA PRO F 176 32.10 10.04 6.25
C PRO F 176 33.39 10.28 5.46
N PHE F 177 34.54 9.81 5.97
CA PHE F 177 35.80 10.06 5.29
C PHE F 177 36.01 9.07 4.14
N ASP F 178 36.88 9.46 3.19
CA ASP F 178 37.29 8.59 2.07
C ASP F 178 38.73 8.15 2.35
N ASN F 179 38.88 6.89 2.78
CA ASN F 179 40.16 6.41 3.29
C ASN F 179 41.03 5.83 2.21
N GLU F 180 40.70 6.01 0.93
CA GLU F 180 41.54 5.54 -0.17
C GLU F 180 42.45 6.62 -0.73
N PHE F 181 42.43 7.83 -0.16
CA PHE F 181 43.30 8.92 -0.57
C PHE F 181 44.62 8.85 0.20
N TYR F 182 45.73 8.82 -0.52
CA TYR F 182 47.03 8.70 0.09
C TYR F 182 47.91 9.94 -0.03
N ASN F 183 47.56 10.89 -0.90
CA ASN F 183 48.28 12.16 -1.01
C ASN F 183 49.74 11.98 -1.38
N GLY F 184 50.06 10.94 -2.16
CA GLY F 184 51.43 10.70 -2.58
C GLY F 184 52.37 10.38 -1.45
N LEU F 185 51.95 9.59 -0.48
CA LEU F 185 52.82 9.17 0.61
C LEU F 185 52.79 7.65 0.71
N CYS F 186 53.81 7.09 1.34
CA CYS F 186 53.92 5.66 1.56
C CYS F 186 54.17 5.34 3.04
N ASN F 187 53.40 5.98 3.91
CA ASN F 187 53.51 5.66 5.34
C ASN F 187 52.96 4.27 5.62
N ARG F 188 53.71 3.49 6.40
CA ARG F 188 53.35 2.11 6.69
C ARG F 188 53.53 1.87 8.19
N ASP F 189 53.21 0.65 8.63
CA ASP F 189 53.31 0.25 10.02
C ASP F 189 53.31 -1.28 10.10
N ARG F 190 53.98 -1.80 11.10
CA ARG F 190 54.24 -3.23 11.18
C ARG F 190 53.30 -3.87 12.20
N ASP F 191 52.71 -5.00 11.82
CA ASP F 191 51.92 -5.82 12.73
C ASP F 191 52.79 -7.00 13.15
N GLY F 192 52.97 -7.17 14.47
CA GLY F 192 53.86 -8.22 14.95
C GLY F 192 53.37 -9.61 14.65
N ASN F 193 52.04 -9.84 14.73
CA ASN F 193 51.54 -11.21 14.56
C ASN F 193 51.85 -11.77 13.19
N THR F 194 51.75 -10.93 12.14
CA THR F 194 51.98 -11.39 10.77
C THR F 194 53.25 -10.84 10.13
N LEU F 195 53.97 -9.94 10.79
CA LEU F 195 55.21 -9.37 10.27
C LEU F 195 55.00 -8.70 8.92
N THR F 196 53.83 -8.07 8.76
CA THR F 196 53.47 -7.42 7.52
C THR F 196 53.33 -5.92 7.74
N TYR F 197 53.72 -5.15 6.72
CA TYR F 197 53.66 -3.71 6.80
C TYR F 197 52.42 -3.19 6.08
N TYR F 198 51.60 -2.41 6.76
CA TYR F 198 50.30 -1.96 6.27
C TYR F 198 50.36 -0.47 5.98
N ARG F 199 49.96 -0.07 4.78
CA ARG F 199 49.97 1.33 4.39
C ARG F 199 48.96 2.12 5.24
N ARG F 200 49.27 3.41 5.48
CA ARG F 200 48.39 4.23 6.25
C ARG F 200 47.74 5.25 5.33
N PRO F 201 46.40 5.37 5.37
CA PRO F 201 45.73 6.41 4.57
C PRO F 201 46.08 7.80 5.09
N TRP F 202 45.66 8.82 4.33
CA TRP F 202 46.00 10.21 4.65
C TRP F 202 45.20 10.68 5.88
N ASN F 203 43.93 10.30 5.96
CA ASN F 203 43.05 10.87 6.95
C ASN F 203 43.43 10.41 8.38
N VAL F 204 43.91 9.19 8.54
CA VAL F 204 44.28 8.66 9.85
C VAL F 204 45.65 9.19 10.23
N ALA F 205 45.76 9.80 11.41
CA ALA F 205 47.03 10.37 11.85
C ALA F 205 47.83 9.43 12.73
N SER F 206 47.34 8.23 13.05
CA SER F 206 48.05 7.35 13.95
C SER F 206 47.43 5.97 13.82
N LEU F 207 48.29 4.94 13.80
CA LEU F 207 47.80 3.57 13.69
C LEU F 207 48.77 2.70 14.44
N ILE F 208 48.39 2.29 15.65
CA ILE F 208 49.25 1.51 16.52
C ILE F 208 48.60 0.15 16.73
N TYR F 209 49.27 -0.92 16.37
CA TYR F 209 48.84 -2.26 16.72
C TYR F 209 49.49 -2.64 18.05
N GLU F 210 48.66 -2.99 19.05
CA GLU F 210 49.15 -3.35 20.37
C GLU F 210 48.26 -4.45 20.94
N THR F 211 48.86 -5.28 21.78
CA THR F 211 48.20 -6.42 22.40
C THR F 211 48.12 -6.21 23.89
N LYS F 212 46.92 -6.30 24.44
CA LYS F 212 46.76 -6.15 25.88
C LYS F 212 45.43 -6.79 26.29
N GLY F 213 45.35 -7.19 27.56
CA GLY F 213 44.16 -7.88 28.05
C GLY F 213 43.84 -7.44 29.46
N GLU F 214 42.55 -7.60 29.83
CA GLU F 214 42.10 -7.23 31.16
C GLU F 214 41.09 -8.26 31.65
N LYS F 215 40.81 -8.19 32.97
CA LYS F 215 39.86 -9.07 33.63
C LYS F 215 39.35 -8.35 34.87
N ASN F 216 38.18 -8.81 35.37
CA ASN F 216 37.61 -8.28 36.60
C ASN F 216 36.64 -9.31 37.16
N PHE F 217 36.73 -9.57 38.46
CA PHE F 217 36.02 -10.70 39.10
C PHE F 217 35.66 -10.25 40.50
N ARG F 218 34.42 -9.81 40.70
CA ARG F 218 33.93 -9.40 42.00
C ARG F 218 32.70 -10.19 42.37
N THR F 219 32.70 -10.75 43.59
CA THR F 219 31.59 -11.51 44.17
C THR F 219 31.26 -10.94 45.53
N GLU F 220 29.99 -11.03 45.93
CA GLU F 220 29.54 -10.52 47.21
C GLU F 220 28.65 -11.58 47.85
N HIS F 221 28.60 -11.59 49.18
CA HIS F 221 27.77 -12.55 49.92
C HIS F 221 27.34 -11.94 51.24
N TYR F 222 26.02 -11.96 51.50
CA TYR F 222 25.44 -11.51 52.76
C TYR F 222 24.55 -12.60 53.32
N GLU F 223 24.40 -12.63 54.64
CA GLU F 223 23.50 -13.59 55.30
C GLU F 223 23.10 -13.05 56.67
N GLU F 224 21.81 -12.76 56.83
CA GLU F 224 21.28 -12.23 58.07
C GLU F 224 20.22 -13.16 58.60
N GLN F 225 20.25 -13.44 59.90
CA GLN F 225 19.31 -14.35 60.53
C GLN F 225 18.72 -13.68 61.77
N ILE F 226 17.40 -13.57 61.83
CA ILE F 226 16.71 -12.90 62.92
C ILE F 226 15.63 -13.82 63.46
N GLU F 227 15.70 -14.10 64.76
CA GLU F 227 14.72 -14.95 65.41
C GLU F 227 14.57 -14.55 66.86
N ALA F 228 13.42 -14.88 67.43
CA ALA F 228 13.11 -14.54 68.80
C ALA F 228 12.31 -15.65 69.50
N SER F 290 6.70 -17.82 68.92
CA SER F 290 8.07 -17.79 68.46
C SER F 290 8.24 -16.93 67.22
N TYR F 291 9.46 -16.87 66.70
CA TYR F 291 9.73 -16.11 65.48
C TYR F 291 11.02 -16.60 64.86
N SER F 292 11.14 -16.44 63.54
CA SER F 292 12.39 -16.71 62.84
C SER F 292 12.38 -15.97 61.53
N SER F 293 13.58 -15.83 60.92
CA SER F 293 13.74 -15.21 59.62
C SER F 293 15.17 -15.45 59.17
N LYS F 294 15.37 -15.69 57.87
CA LYS F 294 16.69 -15.92 57.27
C LYS F 294 16.75 -15.21 55.95
N LYS F 295 17.80 -14.46 55.71
CA LYS F 295 17.95 -13.73 54.47
C LYS F 295 19.32 -14.01 53.87
N GLU F 296 19.40 -14.00 52.54
CA GLU F 296 20.68 -14.29 51.90
C GLU F 296 20.69 -13.71 50.48
N LYS F 297 21.83 -13.13 50.11
CA LYS F 297 22.04 -12.55 48.80
C LYS F 297 23.43 -12.90 48.29
N MET F 298 23.58 -12.95 46.98
CA MET F 298 24.84 -13.33 46.34
C MET F 298 24.92 -12.66 44.98
N PHE F 299 26.06 -12.03 44.67
CA PHE F 299 26.24 -11.27 43.46
C PHE F 299 27.48 -11.73 42.71
N LEU F 300 27.37 -11.81 41.39
CA LEU F 300 28.48 -12.18 40.52
C LEU F 300 28.67 -11.14 39.42
N HIS F 301 29.92 -10.94 39.03
CA HIS F 301 30.24 -10.07 37.91
C HIS F 301 31.61 -10.45 37.34
N VAL F 302 31.65 -10.87 36.10
CA VAL F 302 32.89 -11.23 35.43
C VAL F 302 32.92 -10.46 34.11
N LYS F 303 34.04 -9.81 33.82
CA LYS F 303 34.17 -9.10 32.55
C LYS F 303 35.65 -8.93 32.18
N GLY F 304 35.95 -9.16 30.92
CA GLY F 304 37.31 -8.95 30.44
C GLY F 304 37.31 -8.45 29.00
N GLU F 305 38.33 -7.68 28.67
CA GLU F 305 38.38 -6.98 27.40
C GLU F 305 39.68 -7.29 26.67
N ILE F 306 39.61 -7.32 25.34
CA ILE F 306 40.76 -7.59 24.48
C ILE F 306 40.92 -6.41 23.55
N HIS F 307 42.11 -5.83 23.51
CA HIS F 307 42.39 -4.69 22.63
C HIS F 307 43.27 -5.13 21.47
N LEU F 308 42.97 -4.57 20.30
CA LEU F 308 43.69 -4.89 19.07
C LEU F 308 44.52 -3.74 18.51
N GLY F 309 43.98 -2.53 18.57
CA GLY F 309 44.64 -1.33 18.05
C GLY F 309 43.88 -0.10 18.50
N ARG F 310 44.33 1.04 17.99
CA ARG F 310 43.80 2.34 18.36
C ARG F 310 44.19 3.33 17.28
N PHE F 311 43.26 4.20 16.88
CA PHE F 311 43.51 5.14 15.80
C PHE F 311 43.12 6.55 16.19
N VAL F 312 43.75 7.53 15.55
CA VAL F 312 43.39 8.94 15.71
C VAL F 312 43.29 9.58 14.33
N MET F 313 42.14 10.19 14.04
CA MET F 313 41.90 10.84 12.76
C MET F 313 42.54 12.22 12.74
N ARG F 314 42.47 12.89 11.58
CA ARG F 314 43.05 14.21 11.37
C ARG F 314 42.01 15.28 11.63
N ASN F 315 42.46 16.55 11.74
CA ASN F 315 41.57 17.68 11.94
C ASN F 315 41.64 18.68 10.81
N ARG F 316 42.84 19.02 10.34
CA ARG F 316 43.03 20.00 9.28
C ARG F 316 43.35 19.30 7.97
N ASP F 317 42.79 19.82 6.86
CA ASP F 317 43.01 19.29 5.51
C ASP F 317 42.60 17.85 5.36
N VAL F 318 41.31 17.55 5.60
CA VAL F 318 40.79 16.22 5.47
C VAL F 318 40.02 16.13 4.15
N VAL F 319 39.79 14.91 3.70
CA VAL F 319 39.13 14.65 2.43
C VAL F 319 37.92 13.78 2.70
N LEU F 320 36.75 14.26 2.30
CA LEU F 320 35.51 13.56 2.50
C LEU F 320 34.98 12.99 1.21
N THR F 321 34.09 12.03 1.36
CA THR F 321 33.53 11.43 0.16
C THR F 321 32.64 12.41 -0.55
N THR F 322 32.46 12.15 -1.84
CA THR F 322 31.68 13.08 -2.66
C THR F 322 30.24 13.13 -2.19
N THR F 323 29.70 11.98 -1.77
CA THR F 323 28.28 11.91 -1.44
C THR F 323 27.97 12.76 -0.21
N PHE F 324 28.87 12.78 0.77
CA PHE F 324 28.63 13.58 1.96
C PHE F 324 28.64 15.07 1.63
N VAL F 325 29.56 15.50 0.73
CA VAL F 325 29.59 16.90 0.33
C VAL F 325 28.34 17.27 -0.45
N ASP F 326 27.86 16.38 -1.32
CA ASP F 326 26.63 16.65 -2.05
C ASP F 326 25.43 16.70 -1.13
N ASP F 327 25.34 15.81 -0.13
CA ASP F 327 24.23 15.87 0.81
C ASP F 327 24.25 17.12 1.66
N ILE F 328 25.45 17.60 2.03
CA ILE F 328 25.55 18.88 2.71
C ILE F 328 25.10 20.02 1.79
N LYS F 329 25.56 20.03 0.54
CA LYS F 329 25.30 21.14 -0.38
C LYS F 329 23.83 21.27 -0.77
N ALA F 330 23.01 20.22 -0.57
CA ALA F 330 21.60 20.29 -0.89
C ALA F 330 20.76 20.81 0.26
N LEU F 331 21.35 21.14 1.39
CA LEU F 331 20.60 21.62 2.54
C LEU F 331 20.07 23.03 2.31
N PRO F 332 18.87 23.33 2.83
CA PRO F 332 18.34 24.70 2.70
C PRO F 332 19.16 25.67 3.53
N THR F 333 19.25 26.92 3.05
CA THR F 333 20.04 27.93 3.73
C THR F 333 19.49 28.26 5.11
N THR F 334 18.17 28.41 5.20
CA THR F 334 17.49 28.83 6.45
C THR F 334 17.42 27.62 7.38
N TYR F 335 16.75 27.77 8.53
CA TYR F 335 16.67 26.71 9.51
C TYR F 335 15.33 26.00 9.36
N GLU F 336 15.36 24.75 8.90
CA GLU F 336 14.17 23.92 8.77
C GLU F 336 14.41 22.65 9.58
N LYS F 337 13.58 22.45 10.61
CA LYS F 337 13.82 21.35 11.54
C LYS F 337 13.77 19.99 10.85
N GLY F 338 12.81 19.80 9.92
CA GLY F 338 12.65 18.49 9.32
C GLY F 338 13.84 18.05 8.50
N GLU F 339 14.35 18.92 7.65
CA GLU F 339 15.41 18.54 6.72
C GLU F 339 16.72 18.29 7.46
N TYR F 340 17.03 19.10 8.46
CA TYR F 340 18.26 18.87 9.24
C TYR F 340 18.12 17.66 10.15
N PHE F 341 16.92 17.38 10.67
CA PHE F 341 16.69 16.11 11.38
C PHE F 341 16.90 14.93 10.45
N ALA F 342 16.45 15.04 9.20
CA ALA F 342 16.69 13.96 8.24
C ALA F 342 18.17 13.77 7.99
N PHE F 343 18.90 14.88 7.86
CA PHE F 343 20.35 14.79 7.72
C PHE F 343 20.98 14.10 8.91
N LEU F 344 20.54 14.45 10.12
CA LEU F 344 21.08 13.80 11.31
C LEU F 344 20.75 12.32 11.35
N GLU F 345 19.54 11.94 10.92
CA GLU F 345 19.16 10.54 10.90
C GLU F 345 20.02 9.77 9.89
N THR F 346 20.34 10.42 8.77
CA THR F 346 21.13 9.76 7.72
C THR F 346 22.58 9.62 8.14
N TYR F 347 23.17 10.65 8.72
CA TYR F 347 24.62 10.64 8.95
C TYR F 347 25.02 10.64 10.42
N GLY F 348 24.07 10.58 11.34
CA GLY F 348 24.39 10.64 12.76
C GLY F 348 24.75 12.06 13.20
N THR F 349 25.03 12.22 14.49
CA THR F 349 25.28 13.51 15.08
C THR F 349 26.73 13.72 15.46
N HIS F 350 27.47 12.64 15.67
CA HIS F 350 28.87 12.74 16.05
C HIS F 350 29.67 11.71 15.23
N TYR F 351 30.98 11.92 15.19
CA TYR F 351 31.88 10.97 14.56
C TYR F 351 33.11 10.75 15.43
N SER F 352 33.65 9.53 15.42
CA SER F 352 34.65 9.11 16.38
C SER F 352 36.02 9.64 15.92
N SER F 353 36.57 10.61 16.65
CA SER F 353 37.91 11.12 16.34
C SER F 353 39.02 10.18 16.80
N SER F 354 38.73 9.27 17.73
CA SER F 354 39.68 8.24 18.12
C SER F 354 38.94 7.10 18.78
N GLY F 355 39.48 5.90 18.69
CA GLY F 355 38.78 4.76 19.22
C GLY F 355 39.71 3.57 19.30
N SER F 356 39.19 2.47 19.83
CA SER F 356 39.90 1.19 19.89
C SER F 356 39.05 0.08 19.28
N LEU F 357 39.67 -1.07 19.09
CA LEU F 357 39.01 -2.22 18.46
C LEU F 357 39.42 -3.49 19.22
N GLY F 358 38.54 -4.50 19.24
CA GLY F 358 38.77 -5.77 19.92
C GLY F 358 37.46 -6.47 20.26
N GLY F 359 37.36 -6.96 21.50
CA GLY F 359 36.17 -7.68 21.93
C GLY F 359 36.07 -7.67 23.43
N LEU F 360 34.94 -8.19 23.92
CA LEU F 360 34.64 -8.22 25.35
C LEU F 360 33.48 -9.18 25.60
N TYR F 361 33.22 -9.46 26.89
CA TYR F 361 32.12 -10.31 27.30
C TYR F 361 31.80 -10.02 28.76
N GLU F 362 30.67 -10.56 29.24
CA GLU F 362 30.14 -10.24 30.57
C GLU F 362 29.34 -11.42 31.11
N LEU F 363 29.13 -11.42 32.43
CA LEU F 363 28.30 -12.43 33.09
C LEU F 363 27.81 -11.83 34.42
N ILE F 364 26.50 -11.83 34.61
CA ILE F 364 25.87 -11.18 35.75
C ILE F 364 24.86 -12.12 36.39
N TYR F 365 25.06 -12.41 37.68
CA TYR F 365 24.25 -13.37 38.43
C TYR F 365 23.77 -12.75 39.72
N VAL F 366 22.49 -12.91 40.02
CA VAL F 366 21.85 -12.35 41.21
C VAL F 366 21.09 -13.49 41.87
N LEU F 367 21.28 -13.61 43.18
CA LEU F 367 20.54 -14.59 43.97
C LEU F 367 19.85 -13.88 45.14
N ASP F 368 18.59 -14.25 45.43
CA ASP F 368 17.89 -13.69 46.56
C ASP F 368 17.05 -14.75 47.26
N LYS F 369 17.13 -14.81 48.59
CA LYS F 369 16.32 -15.76 49.37
C LYS F 369 15.74 -15.12 50.63
N ALA F 370 14.67 -15.69 51.13
CA ALA F 370 13.99 -15.17 52.30
C ALA F 370 13.09 -16.25 52.90
N SER F 371 12.77 -16.10 54.18
CA SER F 371 11.89 -17.03 54.87
C SER F 371 11.31 -16.28 56.06
N MET F 372 10.23 -16.85 56.63
CA MET F 372 9.57 -16.25 57.78
C MET F 372 8.70 -17.30 58.43
N LYS F 373 8.96 -17.58 59.72
CA LYS F 373 8.26 -18.62 60.43
C LYS F 373 7.55 -18.05 61.66
N ARG F 374 6.37 -18.56 61.91
CA ARG F 374 5.54 -18.13 63.05
C ARG F 374 4.98 -19.36 63.75
N LYS F 375 4.77 -19.19 65.06
CA LYS F 375 4.23 -20.29 65.86
C LYS F 375 3.44 -19.80 67.05
N VAL F 419 0.45 -23.13 64.67
CA VAL F 419 0.09 -22.44 63.44
C VAL F 419 1.32 -22.18 62.61
N ASN F 420 1.90 -23.27 62.10
CA ASN F 420 3.18 -23.20 61.39
C ASN F 420 2.98 -22.49 60.05
N ILE F 421 3.41 -21.25 59.96
CA ILE F 421 3.39 -20.48 58.71
C ILE F 421 4.84 -20.36 58.23
N THR F 422 5.10 -20.93 57.06
CA THR F 422 6.43 -20.95 56.50
C THR F 422 6.37 -20.40 55.08
N SER F 423 7.40 -19.65 54.72
CA SER F 423 7.53 -19.09 53.40
C SER F 423 8.97 -19.26 52.92
N GLU F 424 9.11 -19.59 51.64
CA GLU F 424 10.41 -19.77 50.98
C GLU F 424 10.35 -19.14 49.60
N ASN F 425 11.12 -18.06 49.39
CA ASN F 425 11.24 -17.42 48.09
C ASN F 425 12.65 -17.58 47.55
N LEU F 426 12.78 -18.02 46.29
CA LEU F 426 14.08 -18.14 45.65
C LEU F 426 14.01 -17.49 44.28
N ILE F 427 14.95 -16.58 44.00
CA ILE F 427 14.97 -15.76 42.80
C ILE F 427 16.38 -15.77 42.22
N ASP F 428 16.49 -16.12 40.92
CA ASP F 428 17.76 -16.08 40.20
C ASP F 428 17.64 -15.24 38.94
N ASP F 429 18.78 -14.79 38.43
CA ASP F 429 18.82 -14.03 37.18
C ASP F 429 20.21 -14.11 36.62
N VAL F 430 20.35 -14.56 35.38
CA VAL F 430 21.67 -14.71 34.75
C VAL F 430 21.61 -14.02 33.40
N VAL F 431 22.65 -13.26 33.08
CA VAL F 431 22.78 -12.61 31.78
C VAL F 431 24.17 -12.88 31.26
N SER F 432 24.27 -13.12 29.95
CA SER F 432 25.55 -13.25 29.30
C SER F 432 25.53 -12.48 27.99
N LEU F 433 26.71 -11.95 27.62
CA LEU F 433 26.88 -11.16 26.41
C LEU F 433 28.31 -11.39 25.91
N ILE F 434 28.49 -11.25 24.61
CA ILE F 434 29.80 -11.36 24.00
C ILE F 434 29.72 -10.65 22.67
N ARG F 435 30.78 -9.89 22.32
CA ARG F 435 30.86 -9.16 21.08
C ARG F 435 32.22 -9.40 20.45
N GLY F 436 32.27 -9.50 19.12
CA GLY F 436 33.52 -9.72 18.41
C GLY F 436 33.87 -11.19 18.26
N GLY F 437 34.88 -11.45 17.43
CA GLY F 437 35.30 -12.80 17.16
C GLY F 437 34.54 -13.42 16.04
N THR F 438 34.71 -14.74 15.91
CA THR F 438 34.06 -15.56 14.89
C THR F 438 32.91 -16.37 15.45
N ARG F 439 31.82 -16.48 14.68
CA ARG F 439 30.54 -17.02 15.15
C ARG F 439 30.60 -18.49 15.51
N LYS F 440 31.78 -19.13 15.43
CA LYS F 440 31.91 -20.52 15.87
C LYS F 440 32.47 -20.60 17.29
N TYR F 441 33.68 -20.07 17.48
CA TYR F 441 34.29 -20.09 18.80
C TYR F 441 33.57 -19.16 19.76
N ALA F 442 33.12 -18.00 19.29
CA ALA F 442 32.54 -17.01 20.20
C ALA F 442 31.32 -17.56 20.91
N PHE F 443 30.38 -18.13 20.14
CA PHE F 443 29.16 -18.64 20.73
C PHE F 443 29.41 -19.89 21.55
N GLU F 444 30.39 -20.69 21.16
CA GLU F 444 30.84 -21.80 21.99
C GLU F 444 31.24 -21.30 23.37
N LEU F 445 32.08 -20.25 23.42
CA LEU F 445 32.54 -19.74 24.72
C LEU F 445 31.38 -19.10 25.48
N LYS F 446 30.48 -18.41 24.78
CA LYS F 446 29.31 -17.85 25.43
C LYS F 446 28.53 -18.94 26.15
N GLU F 447 28.31 -20.06 25.48
CA GLU F 447 27.58 -21.15 26.11
C GLU F 447 28.38 -21.79 27.25
N LYS F 448 29.69 -21.97 27.08
CA LYS F 448 30.51 -22.57 28.12
C LYS F 448 30.51 -21.72 29.40
N LEU F 449 30.41 -20.40 29.24
CA LEU F 449 30.41 -19.49 30.37
C LEU F 449 29.17 -19.68 31.24
N LEU F 450 28.01 -19.95 30.63
CA LEU F 450 26.77 -20.00 31.36
C LEU F 450 26.72 -21.14 32.37
N ARG F 451 27.23 -22.31 32.00
CA ARG F 451 27.10 -23.49 32.87
C ARG F 451 27.94 -23.36 34.15
N GLY F 452 28.99 -22.55 34.11
CA GLY F 452 29.78 -22.24 35.29
C GLY F 452 30.80 -23.28 35.70
N THR F 453 30.89 -24.38 34.95
CA THR F 453 31.93 -25.36 35.21
C THR F 453 33.27 -24.82 34.73
N VAL F 454 34.36 -25.40 35.24
CA VAL F 454 35.70 -24.99 34.87
C VAL F 454 36.03 -25.48 33.47
N ILE F 455 36.48 -24.58 32.61
CA ILE F 455 36.72 -24.92 31.20
C ILE F 455 38.21 -24.78 30.91
N ASP F 456 38.60 -25.35 29.76
CA ASP F 456 39.99 -25.32 29.35
C ASP F 456 40.36 -23.96 28.80
N VAL F 457 41.67 -23.68 28.77
CA VAL F 457 42.14 -22.39 28.27
C VAL F 457 42.18 -22.36 26.73
N THR F 458 42.12 -23.54 26.09
CA THR F 458 42.25 -23.57 24.64
C THR F 458 41.14 -22.78 23.95
N ASP F 459 39.93 -22.81 24.50
CA ASP F 459 38.84 -22.07 23.86
C ASP F 459 39.04 -20.56 24.00
N PHE F 460 39.57 -20.12 25.15
CA PHE F 460 39.95 -18.71 25.30
C PHE F 460 41.00 -18.31 24.28
N VAL F 461 42.01 -19.16 24.08
CA VAL F 461 43.07 -18.88 23.11
C VAL F 461 42.49 -18.86 21.69
N ASN F 462 41.57 -19.78 21.37
CA ASN F 462 40.97 -19.86 20.04
C ASN F 462 40.12 -18.62 19.76
N TRP F 463 39.30 -18.21 20.73
CA TRP F 463 38.58 -16.97 20.56
C TRP F 463 39.52 -15.77 20.44
N ALA F 464 40.64 -15.79 21.18
CA ALA F 464 41.61 -14.71 21.11
C ALA F 464 42.20 -14.60 19.71
N SER F 465 42.62 -15.72 19.15
CA SER F 465 43.18 -15.71 17.80
C SER F 465 42.15 -15.39 16.74
N SER F 466 40.90 -15.75 16.96
CA SER F 466 39.90 -15.37 15.97
C SER F 466 39.42 -13.92 16.10
N ILE F 467 39.70 -13.25 17.21
CA ILE F 467 39.32 -11.84 17.30
C ILE F 467 40.00 -10.98 16.23
N ASN F 468 41.13 -11.44 15.68
CA ASN F 468 41.83 -10.70 14.65
C ASN F 468 41.00 -10.48 13.39
N ASP F 469 40.04 -11.34 13.10
CA ASP F 469 39.32 -11.30 11.82
C ASP F 469 37.95 -10.58 11.86
N ALA F 470 37.45 -10.19 13.04
CA ALA F 470 36.20 -9.44 13.09
C ALA F 470 36.18 -8.57 14.35
N PRO F 471 36.94 -7.48 14.34
CA PRO F 471 36.96 -6.56 15.48
C PRO F 471 35.72 -5.66 15.49
N VAL F 472 35.45 -5.08 16.67
CA VAL F 472 34.31 -4.19 16.90
C VAL F 472 34.83 -2.93 17.58
N LEU F 473 33.92 -1.96 17.77
CA LEU F 473 34.27 -0.66 18.34
C LEU F 473 33.92 -0.66 19.83
N ILE F 474 34.91 -0.82 20.69
CA ILE F 474 34.66 -0.91 22.11
C ILE F 474 34.74 0.43 22.81
N SER F 475 35.61 1.33 22.33
CA SER F 475 35.78 2.62 22.96
C SER F 475 35.78 3.69 21.88
N GLN F 476 35.10 4.81 22.18
CA GLN F 476 34.97 5.90 21.25
C GLN F 476 35.35 7.20 21.95
N LYS F 477 35.47 8.27 21.15
CA LYS F 477 35.64 9.64 21.68
C LYS F 477 35.02 10.50 20.59
N LEU F 478 33.78 10.93 20.82
CA LEU F 478 32.97 11.58 19.81
C LEU F 478 33.41 13.02 19.52
N SER F 479 33.21 13.44 18.26
CA SER F 479 33.32 14.85 17.88
C SER F 479 32.09 15.25 17.06
N PRO F 480 31.64 16.51 17.17
CA PRO F 480 30.42 16.91 16.46
C PRO F 480 30.63 16.85 14.96
N ILE F 481 29.52 16.61 14.25
CA ILE F 481 29.58 16.41 12.81
C ILE F 481 29.69 17.74 12.05
N TYR F 482 29.29 18.86 12.67
CA TYR F 482 29.34 20.12 11.94
C TYR F 482 30.74 20.70 11.84
N ASN F 483 31.71 20.12 12.57
CA ASN F 483 33.10 20.53 12.39
C ASN F 483 33.64 20.07 11.05
N LEU F 484 32.96 19.15 10.36
CA LEU F 484 33.44 18.66 9.07
C LEU F 484 32.86 19.45 7.91
N VAL F 485 32.07 20.49 8.15
CA VAL F 485 31.51 21.27 7.05
C VAL F 485 32.63 22.04 6.37
N PRO F 486 32.83 21.87 5.06
CA PRO F 486 34.03 22.45 4.41
C PRO F 486 33.99 23.97 4.50
N VAL F 487 35.17 24.57 4.63
CA VAL F 487 35.27 26.02 4.69
C VAL F 487 34.89 26.63 3.35
N LYS F 488 35.35 26.02 2.25
CA LYS F 488 35.19 26.58 0.91
C LYS F 488 33.82 26.15 0.37
N MET F 489 32.78 26.78 0.90
CA MET F 489 31.42 26.47 0.50
C MET F 489 30.48 27.65 0.75
N LYS F 490 29.43 27.76 -0.07
CA LYS F 490 28.46 28.84 0.08
C LYS F 490 27.75 28.74 1.41
N ASN F 491 27.86 29.80 2.21
CA ASN F 491 27.15 29.90 3.49
C ASN F 491 27.41 28.68 4.39
N ALA F 492 28.66 28.23 4.42
CA ALA F 492 29.00 27.10 5.27
C ALA F 492 28.78 27.41 6.73
N HIS F 493 29.06 28.64 7.13
CA HIS F 493 28.88 28.98 8.55
C HIS F 493 27.41 28.88 8.97
N LEU F 494 26.49 29.30 8.10
CA LEU F 494 25.08 29.15 8.41
C LEU F 494 24.68 27.68 8.50
N LYS F 495 25.25 26.84 7.64
CA LYS F 495 24.97 25.42 7.77
C LYS F 495 25.49 24.90 9.11
N LYS F 496 26.65 25.38 9.58
CA LYS F 496 27.17 24.91 10.85
C LYS F 496 26.27 25.35 12.00
N GLN F 497 25.84 26.61 11.99
CA GLN F 497 24.92 27.08 13.03
C GLN F 497 23.61 26.28 13.01
N ASN F 498 23.05 26.06 11.81
CA ASN F 498 21.79 25.35 11.75
C ASN F 498 21.97 23.93 12.28
N LEU F 499 23.09 23.29 11.91
CA LEU F 499 23.30 21.91 12.37
C LEU F 499 23.38 21.87 13.87
N GLU F 500 24.07 22.84 14.48
CA GLU F 500 24.21 22.88 15.93
C GLU F 500 22.85 23.04 16.61
N ARG F 501 22.06 24.01 16.18
CA ARG F 501 20.74 24.20 16.75
C ARG F 501 19.84 22.97 16.56
N ALA F 502 19.96 22.31 15.40
CA ALA F 502 19.15 21.12 15.11
C ALA F 502 19.59 19.95 15.97
N ILE F 503 20.87 19.83 16.28
CA ILE F 503 21.35 18.78 17.19
C ILE F 503 20.84 19.03 18.60
N GLU F 504 20.82 20.29 19.03
CA GLU F 504 20.28 20.62 20.36
C GLU F 504 18.80 20.30 20.42
N ASP F 505 18.05 20.69 19.39
CA ASP F 505 16.63 20.38 19.33
C ASP F 505 16.37 18.89 19.29
N TYR F 506 17.18 18.14 18.55
CA TYR F 506 16.99 16.70 18.45
C TYR F 506 17.26 16.02 19.80
N ILE F 507 18.23 16.57 20.55
CA ILE F 507 18.44 16.05 21.91
C ILE F 507 17.25 16.40 22.81
N ASN F 508 16.69 17.61 22.67
CA ASN F 508 15.60 18.04 23.52
C ASN F 508 14.37 17.17 23.32
N GLU F 509 14.01 16.89 22.08
CA GLU F 509 12.97 15.90 21.79
C GLU F 509 13.54 14.50 21.89
N PHE F 510 12.66 13.52 21.86
CA PHE F 510 13.02 12.12 22.04
C PHE F 510 13.80 11.93 23.34
N SER F 511 13.35 12.60 24.39
CA SER F 511 14.00 12.56 25.69
C SER F 511 13.16 11.74 26.65
N VAL F 512 13.82 11.04 27.59
CA VAL F 512 13.05 10.25 28.52
C VAL F 512 12.31 11.16 29.50
N ARG F 513 12.69 12.44 29.52
CA ARG F 513 12.15 13.34 30.52
C ARG F 513 10.67 13.64 30.31
N LYS F 514 10.12 13.45 29.12
CA LYS F 514 8.70 13.70 28.92
C LYS F 514 7.82 12.49 29.21
N CYS F 515 8.41 11.31 29.39
CA CYS F 515 7.68 10.13 29.76
C CYS F 515 7.13 10.24 31.18
N HIS F 516 5.91 9.76 31.35
CA HIS F 516 5.30 9.75 32.68
C HIS F 516 5.98 8.70 33.58
N THR F 517 6.15 9.08 34.83
CA THR F 517 6.90 8.27 35.76
C THR F 517 6.13 6.98 36.12
N CYS F 518 6.86 5.96 36.51
CA CYS F 518 6.27 4.68 36.89
C CYS F 518 5.95 4.69 38.38
N GLN F 519 5.61 3.55 38.95
CA GLN F 519 5.25 3.47 40.36
C GLN F 519 6.11 2.41 41.03
N ASN F 520 6.35 2.61 42.33
CA ASN F 520 7.14 1.69 43.17
C ASN F 520 8.56 1.47 42.60
N GLY F 521 9.22 2.57 42.26
CA GLY F 521 10.61 2.50 41.81
C GLY F 521 10.86 1.85 40.47
N GLY F 522 9.93 1.95 39.55
CA GLY F 522 10.17 1.43 38.21
C GLY F 522 11.18 2.24 37.42
N THR F 523 11.69 1.63 36.34
CA THR F 523 12.64 2.29 35.47
C THR F 523 12.01 2.53 34.11
N VAL F 524 12.13 3.76 33.60
CA VAL F 524 11.45 4.17 32.37
C VAL F 524 12.44 4.11 31.22
N ILE F 525 12.06 3.43 30.16
CA ILE F 525 12.86 3.31 28.95
C ILE F 525 12.00 3.75 27.78
N LEU F 526 12.59 4.56 26.89
CA LEU F 526 11.92 4.99 25.65
C LEU F 526 12.44 4.18 24.50
N MET F 527 11.53 3.61 23.72
CA MET F 527 11.94 2.69 22.66
C MET F 527 10.96 2.92 21.50
N ASP F 528 11.45 3.59 20.46
CA ASP F 528 10.69 3.80 19.23
C ASP F 528 9.38 4.56 19.48
N GLY F 529 9.50 5.66 20.22
CA GLY F 529 8.33 6.55 20.43
C GLY F 529 7.25 5.92 21.28
N LYS F 530 7.63 5.23 22.35
CA LYS F 530 6.64 4.62 23.25
C LYS F 530 7.28 4.35 24.60
N CYS F 531 6.84 5.06 25.63
CA CYS F 531 7.39 4.93 26.96
C CYS F 531 6.96 3.61 27.58
N LEU F 532 7.90 2.97 28.29
CA LEU F 532 7.58 1.71 28.95
C LEU F 532 8.40 1.61 30.23
N CYS F 533 7.86 0.85 31.18
CA CYS F 533 8.43 0.72 32.52
C CYS F 533 9.10 -0.64 32.67
N ALA F 534 10.17 -0.66 33.45
CA ALA F 534 10.87 -1.87 33.82
C ALA F 534 10.71 -2.13 35.30
N CYS F 535 10.36 -3.38 35.65
CA CYS F 535 10.02 -3.69 37.03
C CYS F 535 11.09 -4.56 37.69
N PRO F 536 11.28 -4.46 39.02
CA PRO F 536 12.24 -5.30 39.72
C PRO F 536 11.72 -6.74 39.84
N PHE F 537 12.42 -7.57 40.64
CA PHE F 537 12.02 -8.96 40.84
C PHE F 537 10.67 -9.09 41.54
N LYS F 538 10.38 -8.23 42.50
CA LYS F 538 9.21 -8.45 43.33
C LYS F 538 7.91 -8.09 42.60
N PHE F 539 7.93 -7.11 41.72
CA PHE F 539 6.73 -6.58 41.09
C PHE F 539 6.64 -7.09 39.67
N GLU F 540 5.46 -7.57 39.29
CA GLU F 540 5.26 -8.08 37.93
C GLU F 540 4.07 -7.44 37.21
N GLY F 541 3.67 -6.24 37.63
CA GLY F 541 2.60 -5.56 36.95
C GLY F 541 3.07 -4.81 35.71
N ILE F 542 2.12 -4.36 34.90
CA ILE F 542 2.47 -3.55 33.74
C ILE F 542 3.11 -2.22 34.18
N ALA F 543 2.55 -1.60 35.22
CA ALA F 543 3.09 -0.38 35.80
C ALA F 543 3.91 -0.65 37.04
N CYS F 544 4.33 -1.90 37.23
CA CYS F 544 5.15 -2.32 38.38
C CYS F 544 4.41 -2.07 39.70
N GLU F 545 3.09 -2.24 39.67
CA GLU F 545 2.27 -1.99 40.85
C GLU F 545 1.69 -3.25 41.47
N ILE F 546 1.66 -4.35 40.74
CA ILE F 546 1.19 -5.62 41.29
C ILE F 546 2.36 -6.28 41.99
N SER F 547 2.18 -6.58 43.29
CA SER F 547 3.21 -7.17 44.11
C SER F 547 2.88 -8.62 44.41
N LYS F 548 3.71 -9.54 43.93
CA LYS F 548 3.59 -10.97 44.27
C LYS F 548 4.78 -11.78 43.72
N SER G 44 -41.13 -39.26 18.78
CA SER G 44 -41.32 -38.12 17.89
C SER G 44 -40.19 -38.04 16.87
N HIS G 45 -40.54 -38.04 15.59
CA HIS G 45 -39.57 -37.90 14.49
C HIS G 45 -40.04 -36.76 13.60
N ILE G 46 -39.10 -35.99 13.08
CA ILE G 46 -39.39 -34.81 12.28
C ILE G 46 -38.85 -35.01 10.88
N ASP G 47 -39.67 -34.75 9.89
CA ASP G 47 -39.31 -34.91 8.49
C ASP G 47 -39.11 -33.55 7.83
N CYS G 48 -38.31 -33.56 6.76
CA CYS G 48 -38.07 -32.34 5.99
C CYS G 48 -39.31 -31.90 5.22
N ARG G 49 -39.61 -30.61 5.27
CA ARG G 49 -40.69 -30.02 4.50
C ARG G 49 -40.22 -28.70 3.90
N MET G 50 -40.59 -28.44 2.64
CA MET G 50 -40.16 -27.26 1.91
C MET G 50 -41.35 -26.45 1.41
N SER G 51 -41.10 -25.15 1.21
CA SER G 51 -42.12 -24.18 0.92
C SER G 51 -42.58 -24.31 -0.51
N PRO G 52 -43.78 -23.79 -0.82
CA PRO G 52 -44.26 -23.81 -2.20
C PRO G 52 -43.43 -22.93 -3.12
N TRP G 53 -43.56 -23.19 -4.43
CA TRP G 53 -42.83 -22.49 -5.45
C TRP G 53 -43.20 -21.02 -5.45
N SER G 54 -42.30 -20.22 -6.03
CA SER G 54 -42.50 -18.80 -6.23
C SER G 54 -43.09 -18.60 -7.62
N GLU G 55 -43.19 -17.34 -8.04
CA GLU G 55 -43.75 -16.97 -9.33
C GLU G 55 -42.65 -16.99 -10.39
N TRP G 56 -43.03 -17.35 -11.62
CA TRP G 56 -42.09 -17.46 -12.71
C TRP G 56 -41.46 -16.10 -13.01
N SER G 57 -40.21 -16.10 -13.43
CA SER G 57 -39.61 -14.86 -13.89
C SER G 57 -39.95 -14.64 -15.36
N GLN G 58 -39.46 -13.54 -15.90
CA GLN G 58 -39.62 -13.30 -17.33
C GLN G 58 -38.57 -14.06 -18.14
N CYS G 59 -38.78 -14.09 -19.46
CA CYS G 59 -37.88 -14.83 -20.35
C CYS G 59 -36.63 -14.02 -20.64
N ASP G 60 -35.48 -14.60 -20.36
CA ASP G 60 -34.20 -13.97 -20.65
C ASP G 60 -33.95 -13.95 -22.16
N PRO G 61 -33.61 -12.79 -22.74
CA PRO G 61 -33.45 -12.74 -24.21
C PRO G 61 -32.25 -13.55 -24.70
N CYS G 62 -31.25 -13.81 -23.88
CA CYS G 62 -30.06 -14.55 -24.35
C CYS G 62 -29.96 -15.94 -23.78
N LEU G 63 -30.17 -16.11 -22.48
CA LEU G 63 -30.17 -17.45 -21.86
C LEU G 63 -31.35 -18.28 -22.37
N ARG G 64 -32.46 -17.61 -22.70
CA ARG G 64 -33.69 -18.28 -23.11
C ARG G 64 -34.16 -19.28 -22.05
N GLN G 65 -34.24 -18.80 -20.80
CA GLN G 65 -34.67 -19.63 -19.68
C GLN G 65 -35.42 -18.72 -18.71
N MET G 66 -36.26 -19.33 -17.87
CA MET G 66 -36.95 -18.64 -16.78
C MET G 66 -36.74 -19.40 -15.48
N PHE G 67 -36.79 -18.67 -14.37
CA PHE G 67 -36.31 -19.21 -13.10
C PHE G 67 -37.31 -18.98 -11.97
N ARG G 68 -37.34 -19.93 -11.04
CA ARG G 68 -38.12 -19.79 -9.84
C ARG G 68 -37.45 -20.54 -8.71
N SER G 69 -37.86 -20.22 -7.48
CA SER G 69 -37.18 -20.77 -6.32
C SER G 69 -38.13 -20.93 -5.14
N ARG G 70 -37.66 -21.64 -4.11
CA ARG G 70 -38.44 -21.90 -2.90
C ARG G 70 -37.58 -21.79 -1.65
N SER G 71 -38.07 -22.29 -0.53
CA SER G 71 -37.37 -22.23 0.75
C SER G 71 -37.67 -23.48 1.56
N ILE G 72 -36.79 -23.74 2.52
CA ILE G 72 -36.83 -24.90 3.40
C ILE G 72 -37.32 -24.48 4.78
N GLU G 73 -38.22 -25.27 5.34
CA GLU G 73 -38.84 -24.93 6.61
C GLU G 73 -38.21 -25.63 7.80
N VAL G 74 -38.11 -26.98 7.76
CA VAL G 74 -37.52 -27.75 8.83
C VAL G 74 -36.58 -28.76 8.19
N PHE G 75 -35.44 -28.99 8.86
CA PHE G 75 -34.51 -30.05 8.46
C PHE G 75 -34.97 -31.36 9.08
N GLY G 76 -34.59 -32.44 8.41
CA GLY G 76 -34.87 -33.77 8.93
C GLY G 76 -34.11 -34.04 10.22
N GLN G 77 -34.81 -34.65 11.19
CA GLN G 77 -34.19 -34.95 12.47
C GLN G 77 -34.86 -36.17 13.10
N PHE G 78 -34.10 -36.86 13.94
CA PHE G 78 -34.54 -38.04 14.70
C PHE G 78 -35.07 -39.13 13.76
N ASN G 79 -34.17 -39.64 12.94
CA ASN G 79 -34.52 -40.66 11.92
C ASN G 79 -35.62 -40.16 10.99
N GLY G 80 -35.55 -38.88 10.64
CA GLY G 80 -36.47 -38.31 9.68
C GLY G 80 -35.90 -38.29 8.28
N LYS G 81 -36.70 -37.72 7.37
CA LYS G 81 -36.30 -37.59 5.97
C LYS G 81 -35.40 -36.40 5.79
N ARG G 82 -34.24 -36.61 5.21
CA ARG G 82 -33.32 -35.52 5.01
C ARG G 82 -33.79 -34.66 3.83
N CYS G 83 -33.38 -33.39 3.84
CA CYS G 83 -33.78 -32.46 2.80
C CYS G 83 -32.94 -32.68 1.54
N THR G 84 -33.60 -32.63 0.38
CA THR G 84 -32.88 -32.73 -0.89
C THR G 84 -32.15 -31.43 -1.29
N ASP G 85 -32.44 -30.31 -0.63
CA ASP G 85 -31.78 -29.02 -0.84
C ASP G 85 -31.89 -28.54 -2.27
N ALA G 86 -33.00 -28.89 -2.93
CA ALA G 86 -33.33 -28.40 -4.28
C ALA G 86 -34.07 -27.08 -4.15
N VAL G 87 -33.34 -25.97 -4.29
CA VAL G 87 -33.87 -24.64 -4.03
C VAL G 87 -34.05 -23.85 -5.33
N GLY G 88 -33.78 -24.43 -6.49
CA GLY G 88 -33.91 -23.67 -7.73
C GLY G 88 -34.54 -24.49 -8.81
N ASP G 89 -35.02 -23.80 -9.85
CA ASP G 89 -35.69 -24.42 -10.99
C ASP G 89 -35.54 -23.53 -12.22
N ARG G 90 -35.59 -24.15 -13.40
CA ARG G 90 -35.43 -23.41 -14.63
C ARG G 90 -36.04 -24.18 -15.78
N ARG G 91 -36.47 -23.45 -16.82
CA ARG G 91 -37.08 -24.01 -18.02
C ARG G 91 -36.90 -23.09 -19.21
N GLN G 92 -36.67 -23.69 -20.37
CA GLN G 92 -36.47 -22.92 -21.60
C GLN G 92 -37.74 -22.16 -21.98
N CYS G 93 -37.55 -20.97 -22.53
CA CYS G 93 -38.64 -20.11 -22.99
C CYS G 93 -38.30 -19.50 -24.33
N VAL G 94 -39.14 -18.60 -24.82
CA VAL G 94 -38.96 -17.89 -26.08
C VAL G 94 -38.84 -16.40 -25.80
N PRO G 95 -37.74 -15.76 -26.17
CA PRO G 95 -37.54 -14.35 -25.85
C PRO G 95 -38.46 -13.46 -26.67
N THR G 96 -38.62 -12.22 -26.22
CA THR G 96 -39.44 -11.25 -26.96
C THR G 96 -38.59 -10.35 -27.85
N GLU G 97 -37.34 -10.08 -27.49
CA GLU G 97 -36.41 -9.26 -28.23
C GLU G 97 -35.20 -10.09 -28.62
N PRO G 98 -34.55 -9.77 -29.75
CA PRO G 98 -33.34 -10.52 -30.12
C PRO G 98 -32.18 -10.24 -29.19
N CYS G 99 -31.35 -11.26 -29.02
CA CYS G 99 -30.22 -11.18 -28.10
C CYS G 99 -29.11 -10.35 -28.75
N GLU G 100 -28.94 -9.14 -28.27
CA GLU G 100 -27.93 -8.22 -28.76
C GLU G 100 -27.01 -7.90 -27.60
N ASP G 101 -25.85 -8.55 -27.51
CA ASP G 101 -24.87 -8.32 -26.46
C ASP G 101 -23.51 -8.00 -27.09
N ALA G 102 -22.96 -6.85 -26.71
CA ALA G 102 -21.66 -6.43 -27.23
C ALA G 102 -20.95 -5.66 -26.12
N GLU G 103 -19.64 -5.73 -26.13
CA GLU G 103 -18.85 -5.00 -25.15
C GLU G 103 -17.76 -4.20 -25.86
N ASP G 104 -17.28 -3.16 -25.17
CA ASP G 104 -16.22 -2.31 -25.70
C ASP G 104 -14.95 -3.11 -26.00
N ASP G 105 -14.38 -2.91 -27.19
CA ASP G 105 -13.19 -3.60 -27.62
C ASP G 105 -11.97 -3.15 -26.84
N CYS G 106 -10.87 -3.90 -27.00
CA CYS G 106 -9.62 -3.56 -26.33
C CYS G 106 -9.15 -2.17 -26.75
N GLY G 107 -9.27 -1.86 -28.04
CA GLY G 107 -8.87 -0.58 -28.55
C GLY G 107 -7.47 -0.57 -29.15
N ASN G 108 -6.58 0.16 -28.48
CA ASN G 108 -5.19 0.16 -28.91
C ASN G 108 -4.44 -1.09 -28.46
N ASP G 109 -5.03 -1.88 -27.57
CA ASP G 109 -4.34 -3.06 -27.05
C ASP G 109 -4.63 -4.29 -27.88
N PHE G 110 -3.78 -5.29 -27.71
CA PHE G 110 -3.90 -6.52 -28.49
C PHE G 110 -5.08 -7.34 -28.00
N GLN G 111 -5.74 -8.03 -28.94
CA GLN G 111 -6.87 -8.90 -28.65
C GLN G 111 -6.41 -10.34 -28.69
N CYS G 112 -6.43 -10.99 -27.51
CA CYS G 112 -6.09 -12.38 -27.43
C CYS G 112 -7.20 -13.23 -28.01
N SER G 113 -6.87 -14.48 -28.31
CA SER G 113 -7.85 -15.37 -28.94
C SER G 113 -8.98 -15.76 -27.99
N THR G 114 -8.76 -15.60 -26.68
CA THR G 114 -9.77 -15.90 -25.66
C THR G 114 -10.57 -14.65 -25.25
N GLY G 115 -10.24 -13.49 -25.79
CA GLY G 115 -10.94 -12.27 -25.46
C GLY G 115 -10.22 -11.35 -24.50
N ARG G 116 -9.14 -11.80 -23.90
CA ARG G 116 -8.51 -11.05 -22.81
C ARG G 116 -7.59 -9.99 -23.38
N CYS G 117 -7.79 -8.76 -22.96
CA CYS G 117 -7.01 -7.67 -23.54
C CYS G 117 -5.68 -7.52 -22.79
N ILE G 118 -4.58 -7.56 -23.54
CA ILE G 118 -3.27 -7.34 -22.95
C ILE G 118 -2.55 -6.27 -23.77
N LYS G 119 -1.56 -5.63 -23.14
CA LYS G 119 -0.81 -4.56 -23.77
C LYS G 119 0.05 -5.09 -24.92
N MET G 120 0.34 -4.19 -25.88
CA MET G 120 1.07 -4.57 -27.09
C MET G 120 2.51 -4.99 -26.77
N ARG G 121 3.15 -4.38 -25.77
CA ARG G 121 4.55 -4.64 -25.49
C ARG G 121 4.82 -6.09 -25.10
N LEU G 122 3.81 -6.84 -24.67
CA LEU G 122 3.93 -8.24 -24.27
C LEU G 122 3.66 -9.20 -25.43
N ARG G 123 3.73 -8.72 -26.67
CA ARG G 123 3.33 -9.58 -27.78
C ARG G 123 4.29 -10.75 -27.98
N CYS G 124 5.58 -10.54 -27.89
CA CYS G 124 6.56 -11.59 -28.15
C CYS G 124 7.67 -11.46 -27.12
N ASN G 125 7.70 -12.41 -26.19
CA ASN G 125 8.77 -12.55 -25.24
C ASN G 125 8.87 -14.03 -24.89
N GLY G 126 9.50 -14.34 -23.77
CA GLY G 126 9.63 -15.72 -23.36
C GLY G 126 8.49 -16.25 -22.51
N ASP G 127 7.40 -15.50 -22.36
CA ASP G 127 6.35 -15.86 -21.41
C ASP G 127 5.01 -15.91 -22.13
N ASN G 128 4.07 -16.67 -21.56
CA ASN G 128 2.73 -16.80 -22.10
C ASN G 128 1.81 -15.87 -21.30
N ASP G 129 1.16 -14.95 -22.01
CA ASP G 129 0.27 -13.98 -21.40
C ASP G 129 -1.20 -14.13 -21.78
N CYS G 130 -1.52 -14.47 -23.03
CA CYS G 130 -2.91 -14.67 -23.41
C CYS G 130 -3.52 -15.90 -22.76
N GLY G 131 -2.70 -16.77 -22.20
CA GLY G 131 -3.18 -17.99 -21.57
C GLY G 131 -3.11 -19.23 -22.46
N ASP G 132 -2.86 -19.06 -23.75
CA ASP G 132 -2.78 -20.20 -24.65
C ASP G 132 -1.67 -20.00 -25.66
N PHE G 133 -0.68 -19.18 -25.33
CA PHE G 133 0.42 -18.84 -26.22
C PHE G 133 -0.08 -18.31 -27.56
N SER G 134 -1.19 -17.57 -27.53
CA SER G 134 -1.76 -17.05 -28.75
C SER G 134 -0.92 -15.90 -29.32
N ASP G 135 -0.18 -15.23 -28.43
CA ASP G 135 0.65 -14.10 -28.87
C ASP G 135 2.04 -14.51 -29.34
N GLU G 136 2.49 -15.72 -29.03
CA GLU G 136 3.81 -16.20 -29.39
C GLU G 136 3.90 -16.83 -30.77
N ASP G 137 2.78 -16.97 -31.50
CA ASP G 137 2.83 -17.64 -32.80
C ASP G 137 3.16 -16.69 -33.93
N ASP G 138 3.38 -15.41 -33.64
CA ASP G 138 3.78 -14.42 -34.63
C ASP G 138 4.99 -13.65 -34.13
N CYS G 139 5.98 -14.38 -33.58
CA CYS G 139 7.24 -13.77 -33.22
C CYS G 139 8.10 -13.65 -34.48
N GLU G 140 8.36 -12.43 -34.94
CA GLU G 140 9.17 -12.22 -36.13
C GLU G 140 10.54 -12.87 -35.99
N SER G 141 11.34 -12.41 -35.04
CA SER G 141 12.69 -12.92 -34.82
C SER G 141 13.21 -12.32 -33.53
N GLU G 142 14.29 -12.88 -33.02
CA GLU G 142 14.99 -12.42 -31.82
C GLU G 142 14.04 -12.28 -30.65
N PRO G 143 13.52 -13.37 -30.11
CA PRO G 143 12.68 -13.27 -28.89
C PRO G 143 13.47 -12.62 -27.77
N ARG G 144 12.77 -11.82 -26.97
CA ARG G 144 13.40 -11.04 -25.88
C ARG G 144 12.84 -11.42 -24.52
N PRO G 145 13.41 -12.41 -23.84
CA PRO G 145 12.95 -12.75 -22.48
C PRO G 145 13.09 -11.57 -21.55
N PRO G 146 12.18 -11.38 -20.62
CA PRO G 146 12.30 -10.24 -19.69
C PRO G 146 13.39 -10.41 -18.66
N CYS G 147 13.68 -11.66 -18.28
CA CYS G 147 14.69 -11.91 -17.26
C CYS G 147 16.10 -11.65 -17.77
N ARG G 148 16.33 -11.86 -19.07
CA ARG G 148 17.60 -11.51 -19.70
C ARG G 148 18.78 -12.23 -19.05
N ASP G 149 18.78 -13.55 -19.21
CA ASP G 149 19.86 -14.48 -18.84
C ASP G 149 19.91 -14.83 -17.35
N ARG G 150 19.10 -14.20 -16.52
CA ARG G 150 19.02 -14.63 -15.13
C ARG G 150 18.41 -16.03 -15.03
N VAL G 151 18.81 -16.76 -13.99
CA VAL G 151 18.31 -18.12 -13.76
C VAL G 151 17.24 -18.09 -12.70
N VAL G 152 16.02 -18.44 -13.09
CA VAL G 152 14.89 -18.46 -12.16
C VAL G 152 14.15 -19.78 -12.38
N GLU G 153 13.33 -20.13 -11.38
CA GLU G 153 12.57 -21.37 -11.39
C GLU G 153 11.10 -21.08 -11.09
N GLU G 154 10.24 -21.94 -11.62
CA GLU G 154 8.79 -21.85 -11.42
C GLU G 154 8.45 -22.38 -10.05
N SER G 155 7.95 -21.51 -9.17
CA SER G 155 7.64 -21.91 -7.80
C SER G 155 6.28 -22.59 -7.75
N GLU G 156 6.27 -23.81 -7.22
CA GLU G 156 5.02 -24.54 -7.07
C GLU G 156 4.20 -24.00 -5.91
N LEU G 157 4.86 -23.49 -4.87
CA LEU G 157 4.14 -22.94 -3.73
C LEU G 157 3.28 -21.77 -4.14
N ALA G 158 3.80 -20.90 -4.99
CA ALA G 158 3.10 -19.68 -5.40
C ALA G 158 2.23 -19.89 -6.63
N ARG G 159 2.20 -21.08 -7.21
CA ARG G 159 1.36 -21.34 -8.36
C ARG G 159 -0.10 -21.57 -7.97
N THR G 160 -0.36 -22.01 -6.74
CA THR G 160 -1.73 -22.26 -6.28
C THR G 160 -2.18 -21.30 -5.18
N ALA G 161 -1.45 -20.21 -4.94
CA ALA G 161 -1.87 -19.26 -3.92
C ALA G 161 -3.19 -18.58 -4.25
N GLY G 162 -4.04 -18.45 -3.24
CA GLY G 162 -5.33 -17.78 -3.42
C GLY G 162 -6.49 -18.72 -3.52
N TYR G 163 -6.54 -19.72 -2.67
CA TYR G 163 -7.60 -20.72 -2.74
C TYR G 163 -8.96 -20.12 -2.39
N GLY G 164 -9.99 -20.53 -3.11
CA GLY G 164 -11.34 -20.17 -2.74
C GLY G 164 -11.85 -21.01 -1.59
N ILE G 165 -12.58 -20.36 -0.67
CA ILE G 165 -13.00 -20.98 0.59
C ILE G 165 -14.49 -20.78 0.77
N ASN G 166 -15.24 -21.87 0.88
CA ASN G 166 -16.64 -21.78 1.26
C ASN G 166 -16.77 -21.45 2.72
N ILE G 167 -17.66 -20.50 3.06
CA ILE G 167 -17.74 -20.04 4.45
C ILE G 167 -18.28 -21.12 5.37
N LEU G 168 -19.12 -22.03 4.86
CA LEU G 168 -19.65 -23.14 5.65
C LEU G 168 -18.73 -24.35 5.47
N GLY G 169 -18.00 -24.72 6.54
CA GLY G 169 -17.12 -25.85 6.56
C GLY G 169 -15.66 -25.53 6.29
N MET G 170 -15.36 -24.37 5.73
CA MET G 170 -14.00 -23.89 5.54
C MET G 170 -13.18 -24.89 4.70
N ASP G 171 -13.77 -25.36 3.60
CA ASP G 171 -13.08 -26.26 2.69
C ASP G 171 -12.44 -25.48 1.55
N PRO G 172 -11.12 -25.53 1.38
CA PRO G 172 -10.50 -24.81 0.25
C PRO G 172 -10.89 -25.38 -1.10
N LEU G 173 -10.89 -24.50 -2.11
CA LEU G 173 -11.29 -24.80 -3.47
C LEU G 173 -10.18 -24.40 -4.44
N SER G 174 -10.43 -24.51 -5.74
CA SER G 174 -9.44 -24.08 -6.71
C SER G 174 -9.36 -22.55 -6.72
N THR G 175 -8.16 -22.04 -6.96
CA THR G 175 -7.97 -20.62 -6.99
C THR G 175 -8.55 -20.01 -8.27
N PRO G 176 -9.27 -18.87 -8.17
CA PRO G 176 -9.75 -18.17 -9.37
C PRO G 176 -8.67 -17.49 -10.17
N PHE G 177 -7.46 -17.37 -9.65
CA PHE G 177 -6.47 -16.52 -10.28
C PHE G 177 -5.68 -17.28 -11.34
N ASP G 178 -4.99 -16.52 -12.18
CA ASP G 178 -4.14 -17.08 -13.20
C ASP G 178 -2.70 -16.68 -12.89
N ASN G 179 -1.95 -17.60 -12.30
CA ASN G 179 -0.62 -17.32 -11.77
C ASN G 179 0.48 -17.59 -12.77
N GLU G 180 0.14 -17.80 -14.03
CA GLU G 180 1.13 -17.87 -15.10
C GLU G 180 1.34 -16.56 -15.83
N PHE G 181 0.69 -15.50 -15.37
CA PHE G 181 0.81 -14.19 -15.99
C PHE G 181 1.80 -13.36 -15.18
N TYR G 182 2.87 -12.88 -15.84
CA TYR G 182 3.94 -12.15 -15.20
C TYR G 182 3.99 -10.68 -15.57
N ASN G 183 3.28 -10.27 -16.63
CA ASN G 183 3.22 -8.87 -17.09
C ASN G 183 4.59 -8.29 -17.44
N GLY G 184 5.50 -9.12 -17.96
CA GLY G 184 6.78 -8.64 -18.44
C GLY G 184 7.72 -8.13 -17.36
N LEU G 185 7.79 -8.79 -16.22
CA LEU G 185 8.70 -8.45 -15.15
C LEU G 185 9.36 -9.73 -14.64
N CYS G 186 10.51 -9.58 -14.00
CA CYS G 186 11.31 -10.70 -13.54
C CYS G 186 11.63 -10.58 -12.05
N ASN G 187 10.58 -10.39 -11.24
CA ASN G 187 10.79 -10.38 -9.80
C ASN G 187 11.09 -11.76 -9.30
N ARG G 188 12.03 -11.85 -8.38
CA ARG G 188 12.50 -13.15 -7.89
C ARG G 188 12.75 -13.05 -6.40
N ASP G 189 13.00 -14.20 -5.78
CA ASP G 189 13.28 -14.31 -4.35
C ASP G 189 13.97 -15.63 -4.03
N ARG G 190 14.72 -15.62 -2.93
CA ARG G 190 15.64 -16.71 -2.58
C ARG G 190 15.07 -17.53 -1.44
N ASP G 191 15.26 -18.84 -1.52
CA ASP G 191 14.91 -19.77 -0.46
C ASP G 191 16.18 -20.19 0.26
N GLY G 192 16.22 -19.99 1.56
CA GLY G 192 17.44 -20.26 2.29
C GLY G 192 17.85 -21.72 2.30
N ASN G 193 16.88 -22.63 2.42
CA ASN G 193 17.22 -24.06 2.56
C ASN G 193 17.89 -24.59 1.27
N THR G 194 17.42 -24.15 0.11
CA THR G 194 17.90 -24.70 -1.17
C THR G 194 18.78 -23.74 -1.95
N LEU G 195 18.88 -22.47 -1.56
CA LEU G 195 19.69 -21.46 -2.24
C LEU G 195 19.35 -21.34 -3.72
N THR G 196 18.06 -21.39 -4.04
CA THR G 196 17.58 -21.25 -5.40
C THR G 196 16.58 -20.12 -5.46
N TYR G 197 16.58 -19.39 -6.56
CA TYR G 197 15.70 -18.25 -6.74
C TYR G 197 14.45 -18.66 -7.51
N TYR G 198 13.28 -18.31 -6.96
CA TYR G 198 11.99 -18.68 -7.51
C TYR G 198 11.32 -17.42 -8.06
N ARG G 199 10.79 -17.51 -9.27
CA ARG G 199 10.12 -16.37 -9.88
C ARG G 199 8.77 -16.11 -9.21
N ARG G 200 8.36 -14.85 -9.17
CA ARG G 200 7.19 -14.46 -8.44
C ARG G 200 6.11 -14.00 -9.41
N PRO G 201 4.90 -14.58 -9.38
CA PRO G 201 3.87 -14.21 -10.35
C PRO G 201 3.41 -12.76 -10.15
N TRP G 202 2.68 -12.25 -11.15
CA TRP G 202 2.18 -10.88 -11.09
C TRP G 202 1.12 -10.74 -10.00
N ASN G 203 0.22 -11.72 -9.89
CA ASN G 203 -0.88 -11.60 -8.94
C ASN G 203 -0.41 -11.65 -7.50
N VAL G 204 0.78 -12.20 -7.23
CA VAL G 204 1.23 -12.37 -5.84
C VAL G 204 2.01 -11.14 -5.44
N ALA G 205 1.52 -10.46 -4.38
CA ALA G 205 2.09 -9.22 -3.90
C ALA G 205 3.09 -9.41 -2.77
N SER G 206 3.36 -10.65 -2.36
CA SER G 206 4.30 -10.93 -1.30
C SER G 206 4.63 -12.42 -1.31
N LEU G 207 5.90 -12.75 -1.08
CA LEU G 207 6.31 -14.15 -1.02
C LEU G 207 7.53 -14.25 -0.13
N ILE G 208 7.35 -14.71 1.11
CA ILE G 208 8.42 -14.69 2.11
C ILE G 208 8.57 -16.12 2.66
N TYR G 209 9.74 -16.69 2.42
CA TYR G 209 10.11 -17.96 3.03
C TYR G 209 10.74 -17.71 4.39
N GLU G 210 10.20 -18.38 5.40
CA GLU G 210 10.65 -18.20 6.78
C GLU G 210 10.55 -19.53 7.49
N THR G 211 11.36 -19.69 8.53
CA THR G 211 11.40 -20.92 9.32
C THR G 211 10.99 -20.59 10.73
N LYS G 212 9.93 -21.24 11.19
CA LYS G 212 9.47 -21.00 12.54
C LYS G 212 8.59 -22.17 12.97
N GLY G 213 8.60 -22.42 14.27
CA GLY G 213 7.75 -23.47 14.82
C GLY G 213 7.31 -23.19 16.25
N GLU G 214 6.31 -23.96 16.68
CA GLU G 214 5.72 -23.80 18.01
C GLU G 214 5.42 -25.15 18.62
N LYS G 215 5.27 -25.13 19.95
CA LYS G 215 4.96 -26.33 20.72
C LYS G 215 4.24 -25.90 22.00
N ASN G 216 3.46 -26.81 22.56
CA ASN G 216 2.66 -26.52 23.74
C ASN G 216 2.30 -27.82 24.47
N PHE G 217 2.24 -27.73 25.80
CA PHE G 217 1.99 -28.89 26.64
C PHE G 217 1.32 -28.39 27.91
N ARG G 218 0.01 -28.51 28.00
CA ARG G 218 -0.74 -28.14 29.19
C ARG G 218 -1.44 -29.36 29.77
N THR G 219 -1.24 -29.60 31.06
CA THR G 219 -1.90 -30.70 31.76
C THR G 219 -2.49 -30.21 33.07
N GLU G 220 -3.64 -30.78 33.42
CA GLU G 220 -4.34 -30.41 34.64
C GLU G 220 -4.83 -31.69 35.31
N HIS G 221 -4.93 -31.64 36.64
CA HIS G 221 -5.31 -32.80 37.41
C HIS G 221 -5.98 -32.39 38.71
N TYR G 222 -7.17 -32.93 38.97
CA TYR G 222 -7.89 -32.61 40.18
C TYR G 222 -8.20 -33.91 40.92
N GLU G 223 -8.26 -33.86 42.24
CA GLU G 223 -8.55 -35.08 43.00
C GLU G 223 -9.09 -34.70 44.37
N GLU G 224 -10.35 -35.07 44.63
CA GLU G 224 -11.04 -34.79 45.88
C GLU G 224 -11.44 -36.09 46.56
N GLN G 225 -11.16 -36.20 47.85
CA GLN G 225 -11.57 -37.35 48.64
C GLN G 225 -12.35 -36.86 49.86
N ILE G 226 -13.62 -37.27 49.94
CA ILE G 226 -14.50 -36.93 51.06
C ILE G 226 -14.99 -38.22 51.68
N GLU G 227 -14.89 -38.31 53.00
CA GLU G 227 -15.34 -39.50 53.72
C GLU G 227 -15.90 -39.08 55.07
N ALA G 228 -16.78 -39.92 55.61
CA ALA G 228 -17.35 -39.69 56.94
C ALA G 228 -17.57 -40.98 57.71
N SER G 290 -20.77 -46.05 57.51
CA SER G 290 -19.60 -45.45 56.93
C SER G 290 -19.91 -44.69 55.64
N TYR G 291 -18.86 -44.14 55.02
CA TYR G 291 -19.03 -43.33 53.83
C TYR G 291 -17.70 -43.23 53.09
N SER G 292 -17.79 -42.93 51.81
CA SER G 292 -16.60 -42.78 50.97
C SER G 292 -16.95 -41.95 49.74
N SER G 293 -15.91 -41.47 49.06
CA SER G 293 -16.04 -40.68 47.85
C SER G 293 -14.68 -40.49 47.25
N LYS G 294 -14.60 -40.58 45.93
CA LYS G 294 -13.40 -40.30 45.15
C LYS G 294 -13.78 -39.58 43.89
N LYS G 295 -13.01 -38.54 43.56
CA LYS G 295 -13.12 -37.85 42.28
C LYS G 295 -11.75 -37.66 41.69
N GLU G 296 -11.68 -37.73 40.35
CA GLU G 296 -10.42 -37.57 39.67
C GLU G 296 -10.67 -37.22 38.22
N LYS G 297 -9.96 -36.19 37.75
CA LYS G 297 -9.99 -35.79 36.35
C LYS G 297 -8.60 -35.49 35.87
N MET G 298 -8.36 -35.73 34.59
CA MET G 298 -7.06 -35.53 33.98
C MET G 298 -7.26 -35.03 32.55
N PHE G 299 -6.59 -33.93 32.22
CA PHE G 299 -6.69 -33.28 30.91
C PHE G 299 -5.30 -33.10 30.35
N LEU G 300 -5.13 -33.37 29.07
CA LEU G 300 -3.86 -33.17 28.36
C LEU G 300 -4.10 -32.34 27.12
N HIS G 301 -3.02 -31.71 26.66
CA HIS G 301 -3.09 -30.88 25.46
C HIS G 301 -1.70 -30.70 24.89
N VAL G 302 -1.50 -31.24 23.70
CA VAL G 302 -0.25 -31.09 22.96
C VAL G 302 -0.61 -30.58 21.59
N LYS G 303 0.02 -29.51 21.16
CA LYS G 303 -0.19 -28.96 19.84
C LYS G 303 1.05 -28.22 19.38
N GLY G 304 1.38 -28.36 18.11
CA GLY G 304 2.52 -27.68 17.53
C GLY G 304 2.23 -27.32 16.09
N GLU G 305 2.98 -26.36 15.56
CA GLU G 305 2.82 -25.88 14.19
C GLU G 305 4.17 -25.74 13.53
N ILE G 306 4.18 -25.86 12.21
CA ILE G 306 5.35 -25.59 11.39
C ILE G 306 4.95 -24.55 10.34
N HIS G 307 5.78 -23.51 10.18
CA HIS G 307 5.55 -22.48 9.19
C HIS G 307 6.54 -22.67 8.04
N LEU G 308 6.06 -22.45 6.81
CA LEU G 308 6.87 -22.55 5.61
C LEU G 308 6.98 -21.27 4.82
N GLY G 309 5.87 -20.56 4.63
CA GLY G 309 5.89 -19.29 3.91
C GLY G 309 4.59 -18.54 4.10
N ARG G 310 4.46 -17.40 3.40
CA ARG G 310 3.28 -16.57 3.49
C ARG G 310 3.11 -15.81 2.18
N PHE G 311 1.86 -15.65 1.75
CA PHE G 311 1.56 -14.97 0.48
C PHE G 311 0.47 -13.94 0.67
N VAL G 312 0.47 -12.94 -0.17
CA VAL G 312 -0.55 -11.90 -0.21
C VAL G 312 -0.90 -11.62 -1.67
N MET G 313 -2.21 -11.67 -1.99
CA MET G 313 -2.70 -11.35 -3.31
C MET G 313 -2.86 -9.84 -3.49
N ARG G 314 -3.32 -9.43 -4.66
CA ARG G 314 -3.55 -8.02 -4.96
C ARG G 314 -5.04 -7.69 -4.87
N ASN G 315 -5.34 -6.39 -4.97
CA ASN G 315 -6.74 -5.93 -4.91
C ASN G 315 -7.16 -5.26 -6.19
N ARG G 316 -6.28 -4.47 -6.79
CA ARG G 316 -6.60 -3.66 -7.97
C ARG G 316 -5.80 -4.15 -9.17
N ASP G 317 -6.48 -4.22 -10.33
CA ASP G 317 -5.90 -4.67 -11.59
C ASP G 317 -5.36 -6.08 -11.43
N VAL G 318 -6.21 -7.05 -11.10
CA VAL G 318 -5.79 -8.43 -11.01
C VAL G 318 -6.18 -9.12 -12.31
N VAL G 319 -5.57 -10.28 -12.57
CA VAL G 319 -5.85 -11.07 -13.76
C VAL G 319 -6.41 -12.42 -13.33
N LEU G 320 -7.60 -12.75 -13.83
CA LEU G 320 -8.32 -13.97 -13.50
C LEU G 320 -8.31 -14.90 -14.70
N THR G 321 -8.63 -16.16 -14.44
CA THR G 321 -8.72 -17.09 -15.55
C THR G 321 -9.96 -16.80 -16.40
N THR G 322 -9.94 -17.23 -17.64
CA THR G 322 -11.08 -16.98 -18.51
C THR G 322 -12.32 -17.73 -18.06
N THR G 323 -12.16 -18.86 -17.40
CA THR G 323 -13.30 -19.68 -17.00
C THR G 323 -14.14 -18.96 -15.95
N PHE G 324 -13.47 -18.28 -15.01
CA PHE G 324 -14.17 -17.50 -13.98
C PHE G 324 -14.94 -16.35 -14.62
N VAL G 325 -14.32 -15.65 -15.58
CA VAL G 325 -14.99 -14.54 -16.23
C VAL G 325 -16.19 -15.02 -17.03
N ASP G 326 -16.07 -16.15 -17.75
CA ASP G 326 -17.17 -16.68 -18.51
C ASP G 326 -18.30 -17.20 -17.61
N ASP G 327 -17.96 -17.82 -16.49
CA ASP G 327 -18.99 -18.21 -15.50
C ASP G 327 -19.68 -17.01 -14.89
N ILE G 328 -18.96 -15.90 -14.73
CA ILE G 328 -19.60 -14.68 -14.27
C ILE G 328 -20.59 -14.18 -15.32
N LYS G 329 -20.17 -14.16 -16.58
CA LYS G 329 -20.99 -13.57 -17.65
C LYS G 329 -22.30 -14.31 -17.92
N ALA G 330 -22.42 -15.60 -17.52
CA ALA G 330 -23.63 -16.39 -17.75
C ALA G 330 -24.73 -16.17 -16.70
N LEU G 331 -24.48 -15.31 -15.72
CA LEU G 331 -25.49 -15.05 -14.69
C LEU G 331 -26.64 -14.23 -15.27
N PRO G 332 -27.86 -14.45 -14.78
CA PRO G 332 -28.98 -13.60 -15.20
C PRO G 332 -28.81 -12.18 -14.68
N THR G 333 -29.32 -11.24 -15.46
CA THR G 333 -29.24 -9.84 -15.09
C THR G 333 -30.01 -9.56 -13.80
N THR G 334 -31.21 -10.13 -13.65
CA THR G 334 -32.03 -9.93 -12.47
C THR G 334 -31.52 -10.83 -11.35
N TYR G 335 -32.29 -10.94 -10.26
CA TYR G 335 -31.91 -11.76 -9.12
C TYR G 335 -32.68 -13.08 -9.17
N GLU G 336 -31.95 -14.19 -9.33
CA GLU G 336 -32.52 -15.51 -9.29
C GLU G 336 -31.72 -16.32 -8.26
N LYS G 337 -32.43 -16.81 -7.22
CA LYS G 337 -31.74 -17.38 -6.06
C LYS G 337 -30.99 -18.66 -6.43
N GLY G 338 -31.59 -19.50 -7.25
CA GLY G 338 -30.98 -20.77 -7.59
C GLY G 338 -29.66 -20.62 -8.32
N GLU G 339 -29.60 -19.74 -9.33
CA GLU G 339 -28.41 -19.62 -10.15
C GLU G 339 -27.22 -19.07 -9.36
N TYR G 340 -27.49 -18.07 -8.52
CA TYR G 340 -26.44 -17.49 -7.69
C TYR G 340 -26.01 -18.45 -6.59
N PHE G 341 -26.95 -19.27 -6.07
CA PHE G 341 -26.57 -20.31 -5.13
C PHE G 341 -25.66 -21.32 -5.79
N ALA G 342 -25.96 -21.68 -7.04
CA ALA G 342 -25.12 -22.65 -7.74
C ALA G 342 -23.74 -22.06 -7.98
N PHE G 343 -23.69 -20.79 -8.32
CA PHE G 343 -22.41 -20.12 -8.50
C PHE G 343 -21.62 -20.15 -7.21
N LEU G 344 -22.27 -19.84 -6.09
CA LEU G 344 -21.56 -19.81 -4.83
C LEU G 344 -21.12 -21.20 -4.39
N GLU G 345 -21.85 -22.25 -4.75
CA GLU G 345 -21.36 -23.59 -4.48
C GLU G 345 -20.15 -23.89 -5.35
N THR G 346 -20.19 -23.47 -6.61
CA THR G 346 -19.14 -23.83 -7.56
C THR G 346 -17.81 -23.14 -7.20
N TYR G 347 -17.84 -21.85 -6.92
CA TYR G 347 -16.62 -21.09 -6.68
C TYR G 347 -16.44 -20.67 -5.22
N GLY G 348 -17.22 -21.23 -4.30
CA GLY G 348 -17.11 -20.84 -2.91
C GLY G 348 -17.71 -19.46 -2.66
N THR G 349 -17.57 -19.01 -1.42
CA THR G 349 -18.08 -17.71 -1.03
C THR G 349 -17.00 -16.67 -0.75
N HIS G 350 -15.75 -17.12 -0.53
CA HIS G 350 -14.67 -16.21 -0.19
C HIS G 350 -13.41 -16.68 -0.84
N TYR G 351 -12.40 -15.79 -0.85
CA TYR G 351 -11.08 -16.15 -1.36
C TYR G 351 -10.01 -15.71 -0.37
N SER G 352 -8.92 -16.50 -0.32
CA SER G 352 -7.83 -16.26 0.59
C SER G 352 -6.97 -15.14 0.05
N SER G 353 -7.04 -13.97 0.67
CA SER G 353 -6.16 -12.87 0.30
C SER G 353 -4.81 -12.98 0.98
N SER G 354 -4.71 -13.68 2.09
CA SER G 354 -3.44 -13.94 2.74
C SER G 354 -3.55 -15.22 3.56
N GLY G 355 -2.45 -15.94 3.66
CA GLY G 355 -2.41 -17.17 4.41
C GLY G 355 -0.98 -17.63 4.62
N SER G 356 -0.86 -18.68 5.45
CA SER G 356 0.41 -19.35 5.67
C SER G 356 0.28 -20.80 5.23
N LEU G 357 1.39 -21.50 5.17
CA LEU G 357 1.44 -22.89 4.77
C LEU G 357 2.41 -23.65 5.68
N GLY G 358 2.19 -24.95 5.80
CA GLY G 358 2.97 -25.78 6.69
C GLY G 358 2.21 -27.03 7.08
N GLY G 359 2.23 -27.34 8.36
CA GLY G 359 1.50 -28.47 8.90
C GLY G 359 1.42 -28.36 10.40
N LEU G 360 0.56 -29.19 11.01
CA LEU G 360 0.32 -29.15 12.45
C LEU G 360 -0.36 -30.43 12.92
N TYR G 361 -0.39 -30.59 14.24
CA TYR G 361 -0.90 -31.81 14.87
C TYR G 361 -1.40 -31.46 16.26
N GLU G 362 -2.17 -32.38 16.83
CA GLU G 362 -2.78 -32.15 18.13
C GLU G 362 -3.02 -33.49 18.84
N LEU G 363 -3.33 -33.40 20.13
CA LEU G 363 -3.59 -34.59 20.95
C LEU G 363 -4.33 -34.16 22.19
N ILE G 364 -5.42 -34.86 22.49
CA ILE G 364 -6.25 -34.56 23.66
C ILE G 364 -6.53 -35.85 24.41
N TYR G 365 -6.33 -35.83 25.73
CA TYR G 365 -6.53 -36.99 26.58
C TYR G 365 -7.39 -36.58 27.78
N VAL G 366 -8.51 -37.27 28.00
CA VAL G 366 -9.39 -36.97 29.12
C VAL G 366 -9.57 -38.27 29.91
N LEU G 367 -9.43 -38.19 31.24
CA LEU G 367 -9.55 -39.33 32.14
C LEU G 367 -10.47 -39.01 33.30
N ASP G 368 -11.34 -39.95 33.67
CA ASP G 368 -12.27 -39.68 34.75
C ASP G 368 -12.36 -40.88 35.68
N LYS G 369 -12.45 -40.63 36.98
CA LYS G 369 -12.69 -41.68 37.94
C LYS G 369 -13.71 -41.22 38.95
N ALA G 370 -14.36 -42.18 39.58
CA ALA G 370 -15.38 -41.90 40.58
C ALA G 370 -15.56 -43.15 41.44
N SER G 371 -15.88 -42.92 42.72
CA SER G 371 -16.25 -44.01 43.61
C SER G 371 -17.11 -43.45 44.72
N MET G 372 -17.92 -44.33 45.30
CA MET G 372 -18.80 -43.97 46.41
C MET G 372 -19.20 -45.27 47.08
N LYS G 373 -18.72 -45.48 48.30
CA LYS G 373 -19.01 -46.72 49.02
C LYS G 373 -19.77 -46.41 50.30
N ARG G 374 -20.75 -47.24 50.61
CA ARG G 374 -21.58 -47.06 51.78
C ARG G 374 -21.72 -48.39 52.52
N LYS G 375 -21.90 -48.31 53.83
CA LYS G 375 -22.11 -49.49 54.66
C LYS G 375 -22.81 -49.12 55.96
N VAL G 419 -24.95 -53.60 54.40
CA VAL G 419 -25.32 -53.24 53.04
C VAL G 419 -24.15 -52.54 52.35
N ASN G 420 -23.30 -53.34 51.72
CA ASN G 420 -22.14 -52.83 51.04
C ASN G 420 -22.52 -52.39 49.62
N ILE G 421 -22.58 -51.08 49.39
CA ILE G 421 -22.91 -50.51 48.08
C ILE G 421 -21.61 -49.93 47.53
N THR G 422 -21.17 -50.46 46.38
CA THR G 422 -19.92 -50.03 45.77
C THR G 422 -20.20 -49.69 44.31
N SER G 423 -19.67 -48.55 43.88
CA SER G 423 -19.74 -48.14 42.48
C SER G 423 -18.38 -47.63 42.03
N GLU G 424 -18.05 -47.94 40.77
CA GLU G 424 -16.82 -47.48 40.12
C GLU G 424 -17.17 -47.08 38.69
N ASN G 425 -16.96 -45.80 38.37
CA ASN G 425 -17.13 -45.31 37.01
C ASN G 425 -15.78 -44.87 36.46
N LEU G 426 -15.45 -45.35 35.27
CA LEU G 426 -14.20 -45.06 34.62
C LEU G 426 -14.47 -44.61 33.20
N ILE G 427 -13.89 -43.46 32.83
CA ILE G 427 -14.11 -42.86 31.51
C ILE G 427 -12.75 -42.48 30.94
N ASP G 428 -12.52 -42.89 29.69
CA ASP G 428 -11.29 -42.57 28.95
C ASP G 428 -11.61 -41.87 27.66
N ASP G 429 -10.66 -41.09 27.16
CA ASP G 429 -10.86 -40.33 25.90
C ASP G 429 -9.49 -40.00 25.33
N VAL G 430 -9.19 -40.50 24.14
CA VAL G 430 -7.93 -40.21 23.46
C VAL G 430 -8.23 -39.84 22.02
N VAL G 431 -7.67 -38.72 21.56
CA VAL G 431 -7.86 -38.23 20.19
C VAL G 431 -6.53 -37.72 19.67
N SER G 432 -6.23 -37.99 18.41
CA SER G 432 -5.04 -37.47 17.76
C SER G 432 -5.42 -36.95 16.39
N LEU G 433 -4.57 -36.08 15.83
CA LEU G 433 -4.79 -35.51 14.51
C LEU G 433 -3.43 -35.17 13.92
N ILE G 434 -3.33 -35.19 12.60
CA ILE G 434 -2.12 -34.76 11.91
C ILE G 434 -2.48 -34.43 10.48
N ARG G 435 -1.97 -33.29 9.99
CA ARG G 435 -2.20 -32.81 8.63
C ARG G 435 -0.88 -32.39 8.01
N GLY G 436 -0.74 -32.69 6.73
CA GLY G 436 0.42 -32.23 5.98
C GLY G 436 1.60 -33.21 6.02
N GLY G 437 2.57 -32.95 5.15
CA GLY G 437 3.73 -33.79 5.02
C GLY G 437 3.46 -34.98 4.14
N THR G 438 4.41 -35.91 4.17
CA THR G 438 4.43 -37.12 3.32
C THR G 438 3.88 -38.32 4.09
N ARG G 439 3.10 -39.14 3.40
CA ARG G 439 2.30 -40.19 4.04
C ARG G 439 3.13 -41.31 4.66
N LYS G 440 4.46 -41.22 4.67
CA LYS G 440 5.26 -42.25 5.32
C LYS G 440 5.71 -41.79 6.71
N TYR G 441 6.41 -40.65 6.78
CA TYR G 441 6.88 -40.16 8.08
C TYR G 441 5.71 -39.75 8.97
N ALA G 442 4.68 -39.18 8.36
CA ALA G 442 3.58 -38.60 9.12
C ALA G 442 2.75 -39.66 9.83
N PHE G 443 2.43 -40.76 9.14
CA PHE G 443 1.66 -41.83 9.77
C PHE G 443 2.45 -42.54 10.87
N GLU G 444 3.75 -42.74 10.63
CA GLU G 444 4.60 -43.31 11.67
C GLU G 444 4.61 -42.44 12.91
N LEU G 445 4.70 -41.12 12.73
CA LEU G 445 4.68 -40.20 13.87
C LEU G 445 3.35 -40.22 14.56
N LYS G 446 2.25 -40.27 13.80
CA LYS G 446 0.93 -40.35 14.41
C LYS G 446 0.79 -41.64 15.22
N GLU G 447 1.33 -42.75 14.72
CA GLU G 447 1.29 -44.00 15.48
C GLU G 447 2.13 -43.92 16.74
N LYS G 448 3.33 -43.35 16.67
CA LYS G 448 4.17 -43.28 17.86
C LYS G 448 3.57 -42.37 18.92
N LEU G 449 3.02 -41.22 18.49
CA LEU G 449 2.50 -40.25 19.44
C LEU G 449 1.30 -40.77 20.22
N LEU G 450 0.50 -41.65 19.59
CA LEU G 450 -0.74 -42.07 20.18
C LEU G 450 -0.51 -42.94 21.43
N ARG G 451 0.52 -43.77 21.40
CA ARG G 451 0.85 -44.59 22.57
C ARG G 451 1.26 -43.74 23.77
N GLY G 452 1.71 -42.51 23.51
CA GLY G 452 2.15 -41.62 24.55
C GLY G 452 3.54 -41.88 25.09
N THR G 453 4.26 -42.84 24.52
CA THR G 453 5.65 -43.11 24.90
C THR G 453 6.57 -42.02 24.39
N VAL G 454 7.71 -41.89 25.04
CA VAL G 454 8.72 -40.91 24.65
C VAL G 454 9.47 -41.41 23.41
N ILE G 455 9.52 -40.58 22.38
CA ILE G 455 10.06 -40.94 21.08
C ILE G 455 11.25 -40.05 20.77
N ASP G 456 12.02 -40.49 19.76
CA ASP G 456 13.24 -39.81 19.37
C ASP G 456 12.93 -38.57 18.55
N VAL G 457 13.96 -37.72 18.36
CA VAL G 457 13.74 -36.45 17.65
C VAL G 457 13.82 -36.63 16.14
N THR G 458 14.42 -37.72 15.65
CA THR G 458 14.64 -37.94 14.23
C THR G 458 13.35 -38.05 13.44
N ASP G 459 12.29 -38.60 14.04
CA ASP G 459 11.01 -38.66 13.33
C ASP G 459 10.40 -37.28 13.20
N PHE G 460 10.47 -36.47 14.25
CA PHE G 460 10.00 -35.09 14.16
C PHE G 460 10.79 -34.36 13.08
N VAL G 461 12.09 -34.58 13.00
CA VAL G 461 12.90 -33.92 11.97
C VAL G 461 12.53 -34.43 10.56
N ASN G 462 12.32 -35.75 10.39
CA ASN G 462 11.96 -36.27 9.08
C ASN G 462 10.61 -35.71 8.63
N TRP G 463 9.63 -35.68 9.53
CA TRP G 463 8.32 -35.16 9.16
C TRP G 463 8.39 -33.67 8.84
N ALA G 464 9.20 -32.93 9.61
CA ALA G 464 9.39 -31.51 9.32
C ALA G 464 10.01 -31.31 7.94
N SER G 465 10.97 -32.17 7.58
CA SER G 465 11.55 -32.14 6.23
C SER G 465 10.53 -32.51 5.16
N SER G 466 9.63 -33.47 5.45
CA SER G 466 8.67 -33.87 4.42
C SER G 466 7.54 -32.87 4.28
N ILE G 467 7.35 -32.02 5.29
CA ILE G 467 6.35 -30.97 5.18
C ILE G 467 6.55 -30.10 3.93
N ASN G 468 7.77 -29.98 3.45
CA ASN G 468 8.07 -29.11 2.29
C ASN G 468 7.41 -29.58 1.01
N ASP G 469 7.06 -30.85 0.89
CA ASP G 469 6.56 -31.42 -0.34
C ASP G 469 5.05 -31.59 -0.36
N ALA G 470 4.39 -31.36 0.77
CA ALA G 470 2.93 -31.46 0.82
C ALA G 470 2.40 -30.53 1.91
N PRO G 471 2.24 -29.27 1.62
CA PRO G 471 1.73 -28.30 2.58
C PRO G 471 0.21 -28.19 2.53
N VAL G 472 -0.31 -27.49 3.54
CA VAL G 472 -1.71 -27.19 3.66
C VAL G 472 -1.87 -25.71 4.02
N LEU G 473 -3.13 -25.24 4.07
CA LEU G 473 -3.48 -23.87 4.41
C LEU G 473 -3.84 -23.86 5.91
N ILE G 474 -2.94 -23.31 6.74
CA ILE G 474 -3.13 -23.27 8.18
C ILE G 474 -3.75 -21.96 8.67
N SER G 475 -3.60 -20.86 7.91
CA SER G 475 -4.19 -19.58 8.27
C SER G 475 -4.76 -18.91 7.03
N GLN G 476 -5.86 -18.17 7.25
CA GLN G 476 -6.61 -17.57 6.16
C GLN G 476 -6.94 -16.12 6.51
N LYS G 477 -7.47 -15.43 5.52
CA LYS G 477 -8.02 -14.08 5.73
C LYS G 477 -9.10 -13.89 4.67
N LEU G 478 -10.33 -14.29 4.99
CA LEU G 478 -11.38 -14.32 3.99
C LEU G 478 -11.88 -12.94 3.56
N SER G 479 -12.08 -12.79 2.25
CA SER G 479 -12.66 -11.62 1.62
C SER G 479 -13.84 -12.06 0.76
N PRO G 480 -14.84 -11.20 0.59
CA PRO G 480 -16.01 -11.62 -0.18
C PRO G 480 -15.65 -11.84 -1.63
N ILE G 481 -16.44 -12.69 -2.28
CA ILE G 481 -16.13 -13.14 -3.61
C ILE G 481 -16.53 -12.13 -4.66
N TYR G 482 -17.48 -11.24 -4.36
CA TYR G 482 -17.94 -10.25 -5.33
C TYR G 482 -16.93 -9.14 -5.57
N ASN G 483 -15.86 -9.07 -4.77
CA ASN G 483 -14.84 -8.04 -4.98
C ASN G 483 -14.08 -8.28 -6.26
N LEU G 484 -14.11 -9.50 -6.79
CA LEU G 484 -13.36 -9.84 -7.98
C LEU G 484 -14.14 -9.63 -9.26
N VAL G 485 -15.33 -9.05 -9.22
CA VAL G 485 -16.06 -8.78 -10.47
C VAL G 485 -15.35 -7.69 -11.25
N PRO G 486 -14.97 -7.92 -12.50
CA PRO G 486 -14.29 -6.86 -13.27
C PRO G 486 -15.19 -5.66 -13.45
N VAL G 487 -14.58 -4.46 -13.41
CA VAL G 487 -15.32 -3.21 -13.49
C VAL G 487 -15.86 -2.98 -14.89
N LYS G 488 -15.03 -3.21 -15.92
CA LYS G 488 -15.41 -2.94 -17.31
C LYS G 488 -16.23 -4.10 -17.87
N MET G 489 -17.50 -4.11 -17.51
CA MET G 489 -18.43 -5.16 -17.94
C MET G 489 -19.84 -4.58 -17.86
N LYS G 490 -20.73 -5.14 -18.67
CA LYS G 490 -22.13 -4.77 -18.65
C LYS G 490 -22.80 -5.22 -17.33
N ASN G 491 -23.42 -4.26 -16.65
CA ASN G 491 -24.20 -4.51 -15.43
C ASN G 491 -23.36 -5.26 -14.39
N ALA G 492 -22.10 -4.84 -14.24
CA ALA G 492 -21.25 -5.47 -13.26
C ALA G 492 -21.70 -5.14 -11.83
N HIS G 493 -22.13 -3.90 -11.60
CA HIS G 493 -22.58 -3.50 -10.28
C HIS G 493 -23.84 -4.28 -9.88
N LEU G 494 -24.72 -4.56 -10.83
CA LEU G 494 -25.88 -5.40 -10.55
C LEU G 494 -25.44 -6.80 -10.10
N LYS G 495 -24.43 -7.35 -10.76
CA LYS G 495 -23.93 -8.67 -10.35
C LYS G 495 -23.32 -8.62 -8.94
N LYS G 496 -22.62 -7.53 -8.61
CA LYS G 496 -22.07 -7.39 -7.25
C LYS G 496 -23.16 -7.31 -6.20
N GLN G 497 -24.18 -6.48 -6.42
CA GLN G 497 -25.29 -6.41 -5.46
C GLN G 497 -25.99 -7.75 -5.33
N ASN G 498 -26.22 -8.44 -6.45
CA ASN G 498 -26.95 -9.69 -6.40
C ASN G 498 -26.15 -10.77 -5.69
N LEU G 499 -24.82 -10.80 -5.89
CA LEU G 499 -23.99 -11.78 -5.22
C LEU G 499 -23.95 -11.50 -3.72
N GLU G 500 -23.92 -10.21 -3.34
CA GLU G 500 -24.01 -9.86 -1.91
C GLU G 500 -25.33 -10.33 -1.26
N ARG G 501 -26.44 -10.09 -1.95
CA ARG G 501 -27.73 -10.57 -1.45
C ARG G 501 -27.78 -12.09 -1.40
N ALA G 502 -27.20 -12.74 -2.40
CA ALA G 502 -27.17 -14.19 -2.45
C ALA G 502 -26.33 -14.79 -1.36
N ILE G 503 -25.23 -14.14 -0.98
CA ILE G 503 -24.43 -14.62 0.15
C ILE G 503 -25.19 -14.42 1.46
N GLU G 504 -25.89 -13.31 1.61
CA GLU G 504 -26.74 -13.15 2.81
C GLU G 504 -27.79 -14.25 2.87
N ASP G 505 -28.45 -14.52 1.76
CA ASP G 505 -29.46 -15.57 1.74
C ASP G 505 -28.85 -16.94 1.97
N TYR G 506 -27.63 -17.16 1.49
CA TYR G 506 -27.00 -18.47 1.64
C TYR G 506 -26.54 -18.69 3.07
N ILE G 507 -26.08 -17.65 3.74
CA ILE G 507 -25.71 -17.79 5.15
C ILE G 507 -26.96 -17.95 5.99
N ASN G 508 -28.00 -17.16 5.73
CA ASN G 508 -29.24 -17.21 6.51
C ASN G 508 -29.89 -18.58 6.44
N GLU G 509 -29.93 -19.16 5.23
CA GLU G 509 -30.36 -20.55 5.09
C GLU G 509 -29.20 -21.49 5.37
N PHE G 510 -29.51 -22.77 5.48
CA PHE G 510 -28.51 -23.80 5.83
C PHE G 510 -27.85 -23.53 7.18
N SER G 511 -28.65 -23.09 8.16
CA SER G 511 -28.14 -22.71 9.46
C SER G 511 -28.64 -23.69 10.50
N VAL G 512 -27.80 -23.96 11.50
CA VAL G 512 -28.18 -24.89 12.57
C VAL G 512 -29.22 -24.24 13.48
N ARG G 513 -29.49 -22.93 13.33
CA ARG G 513 -30.47 -22.28 14.17
C ARG G 513 -31.88 -22.84 13.95
N LYS G 514 -32.14 -23.45 12.80
CA LYS G 514 -33.45 -24.05 12.58
C LYS G 514 -33.58 -25.44 13.17
N CYS G 515 -32.49 -26.06 13.55
CA CYS G 515 -32.50 -27.39 14.15
C CYS G 515 -33.07 -27.34 15.57
N HIS G 516 -33.93 -28.29 15.88
CA HIS G 516 -34.49 -28.36 17.22
C HIS G 516 -33.39 -28.75 18.24
N THR G 517 -33.54 -28.19 19.43
CA THR G 517 -32.52 -28.39 20.46
C THR G 517 -32.51 -29.82 20.97
N CYS G 518 -31.34 -30.25 21.41
CA CYS G 518 -31.12 -31.59 21.94
C CYS G 518 -31.34 -31.54 23.44
N GLN G 519 -31.02 -32.63 24.16
CA GLN G 519 -31.28 -32.73 25.59
C GLN G 519 -30.01 -32.87 26.37
N ASN G 520 -30.05 -32.40 27.61
CA ASN G 520 -28.98 -32.54 28.60
C ASN G 520 -27.62 -32.00 28.09
N GLY G 521 -27.65 -30.75 27.61
CA GLY G 521 -26.45 -30.07 27.13
C GLY G 521 -25.86 -30.64 25.86
N GLY G 522 -26.69 -31.27 25.04
CA GLY G 522 -26.20 -31.82 23.79
C GLY G 522 -25.79 -30.75 22.81
N THR G 523 -24.93 -31.14 21.88
CA THR G 523 -24.42 -30.26 20.83
C THR G 523 -24.98 -30.68 19.46
N VAL G 524 -25.53 -29.74 18.72
CA VAL G 524 -26.21 -30.04 17.47
C VAL G 524 -25.24 -29.73 16.33
N ILE G 525 -25.13 -30.67 15.43
CA ILE G 525 -24.31 -30.54 14.22
C ILE G 525 -25.19 -30.78 13.00
N LEU G 526 -25.01 -29.95 11.99
CA LEU G 526 -25.73 -30.07 10.73
C LEU G 526 -24.88 -30.86 9.74
N MET G 527 -25.50 -31.83 9.06
CA MET G 527 -24.76 -32.69 8.14
C MET G 527 -25.70 -33.05 6.98
N ASP G 528 -25.51 -32.39 5.85
CA ASP G 528 -26.20 -32.76 4.59
C ASP G 528 -27.73 -32.75 4.75
N GLY G 529 -28.24 -31.69 5.36
CA GLY G 529 -29.68 -31.54 5.56
C GLY G 529 -30.23 -32.54 6.54
N LYS G 530 -29.52 -32.78 7.64
CA LYS G 530 -30.01 -33.71 8.64
C LYS G 530 -29.40 -33.33 9.98
N CYS G 531 -30.20 -32.76 10.86
CA CYS G 531 -29.68 -32.40 12.17
C CYS G 531 -29.41 -33.65 12.99
N LEU G 532 -28.39 -33.56 13.86
CA LEU G 532 -28.03 -34.67 14.75
C LEU G 532 -27.38 -34.10 15.99
N CYS G 533 -27.41 -34.90 17.05
CA CYS G 533 -27.01 -34.45 18.37
C CYS G 533 -25.72 -35.15 18.81
N ALA G 534 -24.89 -34.40 19.50
CA ALA G 534 -23.70 -34.96 20.13
C ALA G 534 -23.89 -35.01 21.64
N CYS G 535 -23.62 -36.18 22.23
CA CYS G 535 -23.96 -36.41 23.62
C CYS G 535 -22.71 -36.52 24.49
N PRO G 536 -22.79 -36.13 25.75
CA PRO G 536 -21.62 -36.24 26.63
C PRO G 536 -21.35 -37.66 27.10
N PHE G 537 -20.47 -37.78 28.10
CA PHE G 537 -19.98 -39.11 28.52
C PHE G 537 -21.10 -39.96 29.07
N LYS G 538 -21.87 -39.40 30.01
CA LYS G 538 -22.83 -40.22 30.74
C LYS G 538 -24.01 -40.66 29.85
N PHE G 539 -24.38 -39.85 28.86
CA PHE G 539 -25.58 -40.03 28.05
C PHE G 539 -25.19 -40.51 26.67
N GLU G 540 -25.87 -41.56 26.20
CA GLU G 540 -25.53 -42.17 24.91
C GLU G 540 -26.77 -42.42 24.06
N GLY G 541 -27.85 -41.64 24.28
CA GLY G 541 -29.01 -41.75 23.45
C GLY G 541 -28.89 -41.01 22.12
N ILE G 542 -29.78 -41.32 21.18
CA ILE G 542 -29.80 -40.60 19.90
C ILE G 542 -30.07 -39.14 20.14
N ALA G 543 -31.06 -38.85 20.98
CA ALA G 543 -31.36 -37.48 21.37
C ALA G 543 -30.71 -37.11 22.70
N CYS G 544 -29.72 -37.88 23.13
CA CYS G 544 -29.07 -37.66 24.43
C CYS G 544 -30.08 -37.66 25.56
N GLU G 545 -31.00 -38.63 25.54
CA GLU G 545 -31.99 -38.72 26.61
C GLU G 545 -31.81 -39.90 27.53
N ILE G 546 -31.07 -40.93 27.12
CA ILE G 546 -30.83 -42.09 27.97
C ILE G 546 -29.65 -41.81 28.89
N SER G 547 -29.88 -41.95 30.19
CA SER G 547 -28.90 -41.63 31.21
C SER G 547 -28.32 -42.91 31.76
N LYS G 548 -26.98 -43.00 31.73
CA LYS G 548 -26.30 -44.08 32.39
C LYS G 548 -24.83 -43.76 32.60
#